data_8JHH
#
_entry.id   8JHH
#
_cell.length_a   89.200
_cell.length_b   211.003
_cell.length_c   211.175
_cell.angle_alpha   90.00
_cell.angle_beta   90.00
_cell.angle_gamma   90.00
#
_symmetry.space_group_name_H-M   'I 21 21 21'
#
loop_
_entity.id
_entity.type
_entity.pdbx_description
1 polymer MnLam55A
2 non-polymer GLYCEROL
3 water water
#
_entity_poly.entity_id   1
_entity_poly.type   'polypeptide(L)'
_entity_poly.pdbx_seq_one_letter_code
;SPVAGHDAVSHEEKRQSTSFWYANMDHTGNARGFAPDLDGDFSYAVYKAVAPGDAAGIQRAINEGTGGVRRHGEWLASQP
RVVYIPPGTYTISSTIFMNTDTILMGDATNPPVLKAAAGFSGNRILLDGRDPSITDGRGELSFAVGLKNLILDTTNIQGG
QEFTALHWGVAQVAQLQNIKIRMSPSVSGSSTGHTGIRLTRGSTLALADVRLERGLNGIWHDGHQQALYKSIYFYQNTVG
MLITNGATISILAPTFETVGTGVLCTSGAPYIGLVDARSINSGVTLKTTTYPSFLIENLNKDAQSSSNVAEGPSGTILNN
RAHVDTFTYGNTVGRNPVYGDTYTTNTRPPALAPGGKYPVLPAPNYAANTVADFINVKDPAQNGGRTVLGDNTKDESKVL
NEILQLAASTNKIAYFPFGKYRVDDTLLVPRGSRIVGEAWSTITGNGDKFKDESNPRPVVKVGNAGDVGVAQISDMRITI
SDVMPGAILIQFNMAGSNPGDVALWNSLITIGGTRGANALNSKCKDARNECKAAFLGMHFTTSSSAYVENVWNWVTDHGT
EAYDSGSNIAAKGGALVESTRGTWLHALGSEHYWLYQLNLRKASNVMISLLQSETNYDQGDNVQQAPPAPWTPNVTGWGD
PDFSWCGPNDTRCRMGFSNYINGGSNIYTYASASWAFFSGPGYQNCAGEFACQNHLHWIEQAPTNLQAFGICGKGSWAAL
RLAGGNVITSEPDFKGGWNGGGGGSLVGRYTP
;
_entity_poly.pdbx_strand_id   A,B
#
loop_
_chem_comp.id
_chem_comp.type
_chem_comp.name
_chem_comp.formula
GOL non-polymer GLYCEROL 'C3 H8 O3'
#
# COMPACT_ATOMS: atom_id res chain seq x y z
N SER A 17 6.56 38.85 -18.90
CA SER A 17 5.62 38.51 -17.85
C SER A 17 5.88 39.34 -16.59
N THR A 18 6.27 38.67 -15.51
CA THR A 18 6.57 39.36 -14.27
C THR A 18 8.08 39.49 -14.13
N SER A 19 8.51 39.94 -12.95
CA SER A 19 9.94 40.04 -12.64
C SER A 19 10.37 38.98 -11.63
N PHE A 20 9.59 37.91 -11.47
CA PHE A 20 9.97 36.82 -10.59
C PHE A 20 11.33 36.27 -11.00
N TRP A 21 12.21 36.08 -10.02
CA TRP A 21 13.61 35.79 -10.31
C TRP A 21 13.78 34.48 -11.07
N TYR A 22 13.03 33.44 -10.71
CA TYR A 22 13.24 32.15 -11.34
C TYR A 22 12.81 32.14 -12.80
N ALA A 23 11.64 32.73 -13.09
CA ALA A 23 11.14 32.76 -14.47
C ALA A 23 12.02 33.59 -15.39
N ASN A 24 12.82 34.51 -14.85
CA ASN A 24 13.69 35.35 -15.66
C ASN A 24 15.11 34.84 -15.74
N MET A 25 15.41 33.73 -15.07
CA MET A 25 16.71 33.10 -15.22
C MET A 25 16.81 32.44 -16.58
N ASP A 26 18.04 32.26 -17.04
CA ASP A 26 18.28 31.63 -18.33
C ASP A 26 17.95 30.15 -18.25
N HIS A 27 16.91 29.74 -18.97
CA HIS A 27 16.55 28.33 -19.06
C HIS A 27 16.80 27.76 -20.46
N THR A 28 17.24 28.60 -21.40
CA THR A 28 17.87 28.19 -22.64
C THR A 28 19.36 28.48 -22.51
N GLY A 29 20.07 28.41 -23.62
CA GLY A 29 21.48 28.77 -23.54
C GLY A 29 22.32 27.87 -22.65
N ASN A 30 23.55 28.33 -22.41
CA ASN A 30 24.54 27.55 -21.69
C ASN A 30 24.36 27.59 -20.17
N ALA A 31 23.70 28.61 -19.64
CA ALA A 31 23.50 28.75 -18.21
C ALA A 31 22.29 27.99 -17.68
N ARG A 32 21.60 27.26 -18.55
CA ARG A 32 20.41 26.51 -18.11
C ARG A 32 20.82 25.29 -17.30
N GLY A 33 19.85 24.76 -16.57
CA GLY A 33 20.04 23.52 -15.85
C GLY A 33 20.27 22.38 -16.83
N PHE A 34 21.27 21.55 -16.56
CA PHE A 34 21.68 20.46 -17.44
C PHE A 34 21.70 19.16 -16.64
N ALA A 35 21.09 18.12 -17.18
CA ALA A 35 20.99 16.85 -16.47
C ALA A 35 21.89 15.78 -17.08
N PRO A 36 23.01 15.45 -16.45
CA PRO A 36 23.85 14.34 -16.93
C PRO A 36 23.22 13.00 -16.58
N ASP A 37 23.87 11.92 -17.03
CA ASP A 37 23.49 10.53 -16.73
C ASP A 37 22.09 10.18 -17.24
N LEU A 38 21.66 10.80 -18.33
CA LEU A 38 20.33 10.55 -18.88
C LEU A 38 20.38 9.71 -20.14
N ASP A 39 21.28 8.72 -20.18
CA ASP A 39 21.41 7.78 -21.29
C ASP A 39 21.62 8.50 -22.63
N GLY A 40 22.57 9.45 -22.63
CA GLY A 40 22.90 10.16 -23.85
C GLY A 40 21.95 11.28 -24.23
N ASP A 41 20.96 11.59 -23.39
CA ASP A 41 20.01 12.67 -23.68
C ASP A 41 20.58 13.97 -23.10
N PHE A 42 21.08 14.83 -23.99
CA PHE A 42 21.64 16.13 -23.62
C PHE A 42 20.70 17.28 -23.96
N SER A 43 19.43 16.99 -24.25
CA SER A 43 18.45 18.01 -24.57
C SER A 43 17.28 18.02 -23.59
N TYR A 44 17.38 17.30 -22.47
CA TYR A 44 16.28 17.24 -21.51
C TYR A 44 16.05 18.60 -20.88
N ALA A 45 14.78 19.03 -20.83
CA ALA A 45 14.41 20.34 -20.30
C ALA A 45 14.03 20.21 -18.82
N VAL A 46 14.88 20.77 -17.95
CA VAL A 46 14.54 20.81 -16.53
C VAL A 46 13.38 21.76 -16.28
N TYR A 47 13.29 22.85 -17.04
CA TYR A 47 12.34 23.92 -16.80
C TYR A 47 11.20 23.86 -17.80
N LYS A 48 9.97 23.99 -17.32
CA LYS A 48 8.79 24.11 -18.17
C LYS A 48 7.91 25.21 -17.65
N ALA A 49 7.29 25.96 -18.58
CA ALA A 49 6.43 27.07 -18.22
C ALA A 49 5.03 26.82 -18.73
N VAL A 50 4.05 26.97 -17.87
CA VAL A 50 2.64 26.81 -18.22
C VAL A 50 2.09 28.12 -18.73
N ALA A 51 1.21 28.06 -19.72
CA ALA A 51 0.56 29.27 -20.20
C ALA A 51 -0.40 29.80 -19.14
N PRO A 52 -0.55 31.12 -19.05
CA PRO A 52 -1.47 31.70 -18.05
C PRO A 52 -2.90 31.23 -18.27
N GLY A 53 -3.47 30.63 -17.23
CA GLY A 53 -4.81 30.10 -17.32
C GLY A 53 -4.93 28.72 -17.92
N ASP A 54 -3.82 28.14 -18.37
CA ASP A 54 -3.83 26.81 -18.98
C ASP A 54 -3.79 25.76 -17.88
N ALA A 55 -4.96 25.35 -17.40
CA ALA A 55 -5.00 24.37 -16.32
C ALA A 55 -4.52 23.00 -16.79
N ALA A 56 -4.83 22.64 -18.04
CA ALA A 56 -4.39 21.34 -18.55
C ALA A 56 -2.89 21.27 -18.72
N GLY A 57 -2.24 22.42 -18.94
CA GLY A 57 -0.80 22.45 -19.12
C GLY A 57 0.00 22.15 -17.87
N ILE A 58 -0.61 22.16 -16.69
CA ILE A 58 0.11 21.86 -15.47
C ILE A 58 0.53 20.39 -15.45
N GLN A 59 -0.42 19.49 -15.74
CA GLN A 59 -0.09 18.08 -15.80
C GLN A 59 0.85 17.77 -16.95
N ARG A 60 0.69 18.45 -18.08
CA ARG A 60 1.57 18.23 -19.22
C ARG A 60 3.01 18.53 -18.86
N ALA A 61 3.26 19.66 -18.20
CA ALA A 61 4.63 20.04 -17.87
C ALA A 61 5.23 19.11 -16.84
N ILE A 62 4.40 18.48 -16.02
CA ILE A 62 4.90 17.56 -14.99
C ILE A 62 5.48 16.31 -15.65
N ASN A 63 4.82 15.79 -16.68
CA ASN A 63 5.16 14.49 -17.23
C ASN A 63 5.97 14.56 -18.52
N GLU A 64 5.93 15.67 -19.23
CA GLU A 64 6.54 15.74 -20.55
C GLU A 64 8.06 15.65 -20.46
N GLY A 65 8.66 14.89 -21.37
CA GLY A 65 10.10 14.74 -21.42
C GLY A 65 10.66 15.03 -22.80
N THR A 66 11.82 14.47 -23.11
CA THR A 66 12.51 14.78 -24.36
C THR A 66 11.86 14.04 -25.52
N GLY A 67 11.49 14.80 -26.55
CA GLY A 67 11.01 14.21 -27.79
C GLY A 67 9.77 13.36 -27.64
N GLY A 68 8.87 13.73 -26.74
CA GLY A 68 7.63 13.00 -26.56
C GLY A 68 7.70 11.81 -25.64
N VAL A 69 8.88 11.48 -25.10
CA VAL A 69 8.98 10.39 -24.14
C VAL A 69 8.60 10.90 -22.76
N ARG A 70 7.75 10.16 -22.06
CA ARG A 70 7.31 10.57 -20.74
C ARG A 70 8.47 10.49 -19.75
N ARG A 71 8.40 11.34 -18.72
CA ARG A 71 9.45 11.39 -17.72
C ARG A 71 9.41 10.16 -16.83
N HIS A 72 10.57 9.83 -16.27
CA HIS A 72 10.65 8.67 -15.39
C HIS A 72 9.97 8.97 -14.06
N GLY A 73 9.09 8.07 -13.65
CA GLY A 73 8.57 8.13 -12.29
C GLY A 73 9.52 7.50 -11.30
N GLU A 74 9.33 7.86 -10.03
CA GLU A 74 10.04 7.24 -8.91
C GLU A 74 11.52 7.64 -8.83
N TRP A 75 12.04 8.30 -9.85
CA TRP A 75 13.42 8.77 -9.80
C TRP A 75 13.56 9.85 -8.74
N LEU A 76 14.77 9.97 -8.18
CA LEU A 76 15.01 10.84 -7.03
C LEU A 76 15.71 12.15 -7.39
N ALA A 77 16.76 12.11 -8.22
CA ALA A 77 17.60 13.29 -8.39
C ALA A 77 18.10 13.57 -9.80
N SER A 78 18.06 12.62 -10.73
CA SER A 78 18.75 12.81 -12.01
C SER A 78 17.90 13.49 -13.07
N GLN A 79 16.57 13.38 -13.00
CA GLN A 79 15.67 13.91 -14.01
C GLN A 79 14.70 14.90 -13.37
N PRO A 80 15.19 16.02 -12.87
CA PRO A 80 14.30 16.95 -12.16
C PRO A 80 13.47 17.78 -13.13
N ARG A 81 12.31 18.22 -12.65
CA ARG A 81 11.41 19.06 -13.42
C ARG A 81 10.86 20.15 -12.52
N VAL A 82 11.08 21.40 -12.89
CA VAL A 82 10.49 22.55 -12.22
C VAL A 82 9.47 23.15 -13.16
N VAL A 83 8.23 23.23 -12.72
CA VAL A 83 7.12 23.74 -13.54
C VAL A 83 6.77 25.13 -13.05
N TYR A 84 6.98 26.14 -13.91
CA TYR A 84 6.67 27.52 -13.55
C TYR A 84 5.23 27.83 -13.92
N ILE A 85 4.46 28.28 -12.93
CA ILE A 85 3.05 28.60 -13.10
C ILE A 85 2.89 30.11 -12.93
N PRO A 86 2.58 30.86 -13.99
CA PRO A 86 2.47 32.32 -13.87
C PRO A 86 1.27 32.70 -13.02
N PRO A 87 1.17 33.97 -12.62
CA PRO A 87 -0.01 34.39 -11.85
C PRO A 87 -1.29 34.25 -12.65
N GLY A 88 -2.34 33.83 -11.96
CA GLY A 88 -3.64 33.68 -12.59
C GLY A 88 -4.44 32.62 -11.87
N THR A 89 -5.64 32.39 -12.38
CA THR A 89 -6.55 31.38 -11.84
C THR A 89 -6.64 30.23 -12.83
N TYR A 90 -6.44 29.00 -12.32
CA TYR A 90 -6.44 27.79 -13.13
C TYR A 90 -7.55 26.88 -12.63
N THR A 91 -8.60 26.73 -13.43
CA THR A 91 -9.77 25.93 -13.05
C THR A 91 -9.45 24.46 -13.26
N ILE A 92 -9.37 23.70 -12.17
CA ILE A 92 -9.00 22.29 -12.19
C ILE A 92 -10.26 21.44 -12.11
N SER A 93 -10.44 20.53 -13.06
CA SER A 93 -11.64 19.70 -13.13
C SER A 93 -11.42 18.28 -12.65
N SER A 94 -10.18 17.84 -12.48
CA SER A 94 -9.88 16.51 -12.00
C SER A 94 -8.51 16.54 -11.33
N THR A 95 -8.22 15.47 -10.57
CA THR A 95 -7.00 15.42 -9.79
C THR A 95 -5.77 15.64 -10.65
N ILE A 96 -4.85 16.47 -10.15
CA ILE A 96 -3.53 16.66 -10.76
C ILE A 96 -2.53 15.82 -9.98
N PHE A 97 -1.73 15.03 -10.69
CA PHE A 97 -0.82 14.07 -10.08
C PHE A 97 0.61 14.53 -10.25
N MET A 98 1.33 14.61 -9.13
CA MET A 98 2.74 14.96 -9.15
C MET A 98 3.59 13.76 -9.56
N ASN A 99 4.87 14.05 -9.82
CA ASN A 99 5.91 13.05 -10.04
C ASN A 99 6.97 13.26 -8.96
N THR A 100 7.79 12.24 -8.72
CA THR A 100 8.93 12.43 -7.85
C THR A 100 9.94 13.37 -8.51
N ASP A 101 10.73 14.05 -7.68
CA ASP A 101 11.75 14.99 -8.15
C ASP A 101 11.13 16.08 -9.03
N THR A 102 9.96 16.55 -8.64
CA THR A 102 9.22 17.54 -9.40
C THR A 102 8.77 18.67 -8.46
N ILE A 103 8.96 19.91 -8.92
CA ILE A 103 8.61 21.09 -8.15
C ILE A 103 7.64 21.93 -8.97
N LEU A 104 6.49 22.24 -8.39
CA LEU A 104 5.58 23.25 -8.93
C LEU A 104 5.97 24.59 -8.33
N MET A 105 6.44 25.51 -9.17
CA MET A 105 6.91 26.81 -8.72
C MET A 105 5.98 27.89 -9.25
N GLY A 106 5.01 28.29 -8.43
CA GLY A 106 4.19 29.44 -8.77
C GLY A 106 4.97 30.73 -8.66
N ASP A 107 4.44 31.78 -9.27
CA ASP A 107 5.08 33.09 -9.21
C ASP A 107 5.01 33.63 -7.78
N ALA A 108 6.17 33.89 -7.19
CA ALA A 108 6.21 34.34 -5.80
C ALA A 108 5.73 35.78 -5.64
N THR A 109 5.80 36.60 -6.70
CA THR A 109 5.31 37.97 -6.62
C THR A 109 3.79 38.04 -6.63
N ASN A 110 3.12 37.03 -7.17
CA ASN A 110 1.66 36.94 -7.16
C ASN A 110 1.26 35.47 -7.35
N PRO A 111 1.16 34.70 -6.27
CA PRO A 111 0.98 33.25 -6.38
C PRO A 111 -0.29 32.89 -7.15
N PRO A 112 -0.21 31.90 -8.03
CA PRO A 112 -1.39 31.48 -8.79
C PRO A 112 -2.35 30.66 -7.95
N VAL A 113 -3.61 30.70 -8.36
CA VAL A 113 -4.69 30.02 -7.66
C VAL A 113 -5.04 28.77 -8.46
N LEU A 114 -4.89 27.59 -7.85
CA LEU A 114 -5.32 26.33 -8.43
C LEU A 114 -6.68 26.00 -7.84
N LYS A 115 -7.73 26.35 -8.57
CA LYS A 115 -9.10 26.30 -8.07
C LYS A 115 -9.83 25.09 -8.64
N ALA A 116 -10.39 24.28 -7.76
CA ALA A 116 -11.20 23.15 -8.21
C ALA A 116 -12.49 23.65 -8.84
N ALA A 117 -12.86 23.05 -9.97
CA ALA A 117 -14.06 23.45 -10.68
C ALA A 117 -15.32 23.02 -9.93
N ALA A 118 -16.43 23.68 -10.25
CA ALA A 118 -17.71 23.29 -9.65
C ALA A 118 -18.10 21.89 -10.10
N GLY A 119 -17.85 21.55 -11.36
CA GLY A 119 -18.12 20.21 -11.86
C GLY A 119 -16.91 19.30 -11.78
N PHE A 120 -16.24 19.29 -10.63
CA PHE A 120 -15.07 18.45 -10.42
C PHE A 120 -15.47 16.98 -10.49
N SER A 121 -14.85 16.24 -11.40
CA SER A 121 -15.14 14.84 -11.59
C SER A 121 -13.96 13.97 -11.16
N GLY A 122 -14.27 12.79 -10.65
CA GLY A 122 -13.25 11.86 -10.24
C GLY A 122 -13.11 11.83 -8.74
N ASN A 123 -11.97 11.32 -8.30
CA ASN A 123 -11.69 11.25 -6.87
C ASN A 123 -11.57 12.67 -6.35
N ARG A 124 -12.27 12.96 -5.26
CA ARG A 124 -12.32 14.30 -4.67
C ARG A 124 -10.98 14.71 -4.04
N ILE A 125 -9.95 14.84 -4.87
CA ILE A 125 -8.64 15.34 -4.47
C ILE A 125 -8.17 16.32 -5.52
N LEU A 126 -7.84 17.54 -5.10
CA LEU A 126 -7.39 18.56 -6.05
C LEU A 126 -5.98 18.28 -6.53
N LEU A 127 -5.07 17.95 -5.60
CA LEU A 127 -3.66 17.74 -5.91
C LEU A 127 -3.14 16.58 -5.09
N ASP A 128 -2.56 15.59 -5.78
CA ASP A 128 -1.99 14.41 -5.16
C ASP A 128 -0.48 14.47 -5.29
N GLY A 129 0.21 14.59 -4.15
CA GLY A 129 1.66 14.63 -4.17
C GLY A 129 2.31 13.29 -4.45
N ARG A 130 1.55 12.21 -4.36
CA ARG A 130 2.11 10.87 -4.57
C ARG A 130 2.14 10.55 -6.07
N ASP A 131 3.32 10.16 -6.56
CA ASP A 131 3.49 9.75 -7.96
C ASP A 131 2.55 8.59 -8.29
N PRO A 132 1.65 8.72 -9.27
CA PRO A 132 0.78 7.58 -9.58
C PRO A 132 1.54 6.35 -10.05
N SER A 133 2.80 6.50 -10.46
CA SER A 133 3.59 5.37 -10.95
C SER A 133 4.04 4.43 -9.85
N ILE A 134 3.96 4.82 -8.57
CA ILE A 134 4.30 3.87 -7.51
C ILE A 134 3.20 2.83 -7.38
N THR A 135 3.60 1.59 -7.18
CA THR A 135 2.62 0.53 -7.04
C THR A 135 2.29 0.33 -5.56
N ASP A 136 1.04 -0.04 -5.29
CA ASP A 136 0.60 -0.43 -3.96
C ASP A 136 0.69 0.70 -2.94
N GLY A 137 0.47 1.93 -3.40
CA GLY A 137 0.38 3.10 -2.55
C GLY A 137 1.51 3.29 -1.57
N ARG A 138 2.76 3.14 -2.03
CA ARG A 138 3.91 3.23 -1.13
C ARG A 138 4.39 4.68 -1.12
N GLY A 139 3.74 5.48 -0.27
CA GLY A 139 4.09 6.89 -0.16
C GLY A 139 5.51 7.11 0.33
N GLU A 140 6.06 6.15 1.07
CA GLU A 140 7.43 6.25 1.54
C GLU A 140 8.45 6.22 0.40
N LEU A 141 8.01 6.09 -0.85
CA LEU A 141 8.89 6.13 -2.01
C LEU A 141 8.68 7.38 -2.87
N SER A 142 7.69 8.21 -2.54
CA SER A 142 7.38 9.41 -3.31
C SER A 142 8.25 10.58 -2.83
N PHE A 143 9.54 10.49 -3.15
CA PHE A 143 10.52 11.46 -2.70
C PHE A 143 10.46 12.75 -3.53
N ALA A 144 10.84 13.85 -2.88
CA ALA A 144 11.23 15.09 -3.56
C ALA A 144 10.08 15.69 -4.38
N VAL A 145 8.94 15.88 -3.72
CA VAL A 145 7.77 16.52 -4.31
C VAL A 145 7.66 17.91 -3.69
N GLY A 146 7.77 18.94 -4.51
CA GLY A 146 7.82 20.31 -4.03
C GLY A 146 6.68 21.17 -4.55
N LEU A 147 6.10 21.97 -3.66
CA LEU A 147 5.07 22.94 -3.98
C LEU A 147 5.49 24.29 -3.41
N LYS A 148 5.54 25.31 -4.27
CA LYS A 148 6.03 26.62 -3.85
C LYS A 148 5.14 27.72 -4.39
N ASN A 149 4.71 28.62 -3.50
CA ASN A 149 4.00 29.85 -3.86
C ASN A 149 2.72 29.56 -4.64
N LEU A 150 1.84 28.79 -4.00
CA LEU A 150 0.59 28.38 -4.62
C LEU A 150 -0.56 28.61 -3.66
N ILE A 151 -1.73 28.90 -4.22
CA ILE A 151 -2.98 28.96 -3.47
C ILE A 151 -3.91 27.86 -3.98
N LEU A 152 -4.28 26.94 -3.10
CA LEU A 152 -5.25 25.91 -3.42
C LEU A 152 -6.63 26.35 -2.95
N ASP A 153 -7.62 26.25 -3.84
CA ASP A 153 -8.95 26.77 -3.58
C ASP A 153 -9.97 25.68 -3.88
N THR A 154 -10.79 25.35 -2.88
CA THR A 154 -11.89 24.41 -3.07
C THR A 154 -13.22 25.05 -2.69
N THR A 155 -13.33 26.36 -2.80
CA THR A 155 -14.55 27.05 -2.38
C THR A 155 -15.71 26.83 -3.33
N ASN A 156 -15.46 26.34 -4.55
CA ASN A 156 -16.53 25.99 -5.47
C ASN A 156 -17.21 24.68 -5.09
N ILE A 157 -16.62 23.89 -4.20
CA ILE A 157 -17.19 22.63 -3.72
C ILE A 157 -17.97 22.89 -2.45
N GLN A 158 -19.14 22.26 -2.32
CA GLN A 158 -19.98 22.46 -1.15
C GLN A 158 -19.30 21.96 0.12
N GLY A 159 -19.43 22.75 1.18
CA GLY A 159 -18.71 22.46 2.42
C GLY A 159 -19.14 21.18 3.11
N GLY A 160 -20.29 20.63 2.75
CA GLY A 160 -20.77 19.39 3.34
C GLY A 160 -20.26 18.13 2.71
N GLN A 161 -19.56 18.23 1.59
CA GLN A 161 -19.06 17.07 0.87
C GLN A 161 -17.60 16.83 1.23
N GLU A 162 -17.23 15.56 1.28
CA GLU A 162 -15.84 15.19 1.52
C GLU A 162 -14.97 15.64 0.35
N PHE A 163 -13.89 16.35 0.65
CA PHE A 163 -12.97 16.82 -0.37
C PHE A 163 -11.61 17.01 0.28
N THR A 164 -10.56 16.82 -0.50
CA THR A 164 -9.19 16.98 -0.03
C THR A 164 -8.44 17.85 -1.02
N ALA A 165 -8.03 19.04 -0.58
CA ALA A 165 -7.31 19.94 -1.47
C ALA A 165 -5.95 19.36 -1.86
N LEU A 166 -5.25 18.77 -0.91
CA LEU A 166 -3.92 18.25 -1.15
C LEU A 166 -3.76 16.92 -0.41
N HIS A 167 -3.38 15.89 -1.16
CA HIS A 167 -3.00 14.61 -0.57
C HIS A 167 -1.48 14.56 -0.49
N TRP A 168 -0.96 14.47 0.73
CA TRP A 168 0.48 14.52 0.99
C TRP A 168 1.01 13.20 1.54
N GLY A 169 0.56 12.08 0.96
CA GLY A 169 1.14 10.80 1.28
C GLY A 169 2.45 10.61 0.54
N VAL A 170 3.47 11.34 0.97
CA VAL A 170 4.74 11.38 0.26
C VAL A 170 5.87 11.00 1.21
N ALA A 171 7.11 11.12 0.74
CA ALA A 171 8.28 10.78 1.53
C ALA A 171 9.20 11.98 1.69
N GLN A 172 10.45 11.74 2.07
CA GLN A 172 11.38 12.80 2.39
C GLN A 172 11.67 13.65 1.16
N VAL A 173 12.27 14.83 1.42
CA VAL A 173 12.65 15.84 0.43
C VAL A 173 11.40 16.49 -0.18
N ALA A 174 10.23 16.02 0.20
CA ALA A 174 9.02 16.76 -0.12
C ALA A 174 8.98 18.04 0.72
N GLN A 175 8.44 19.10 0.14
CA GLN A 175 8.46 20.41 0.79
C GLN A 175 7.23 21.22 0.42
N LEU A 176 6.79 22.02 1.39
CA LEU A 176 5.77 23.05 1.18
C LEU A 176 6.42 24.39 1.48
N GLN A 177 6.26 25.35 0.56
CA GLN A 177 6.87 26.67 0.72
C GLN A 177 5.85 27.71 0.29
N ASN A 178 5.39 28.52 1.24
CA ASN A 178 4.47 29.63 0.96
C ASN A 178 3.21 29.12 0.26
N ILE A 179 2.46 28.29 0.97
CA ILE A 179 1.27 27.63 0.45
C ILE A 179 0.06 28.09 1.25
N LYS A 180 -1.03 28.40 0.54
CA LYS A 180 -2.29 28.81 1.17
C LYS A 180 -3.43 27.97 0.60
N ILE A 181 -4.31 27.49 1.48
CA ILE A 181 -5.40 26.59 1.10
C ILE A 181 -6.73 27.16 1.61
N ARG A 182 -7.55 27.65 0.70
CA ARG A 182 -8.90 28.14 1.02
C ARG A 182 -9.91 27.03 0.79
N MET A 183 -10.75 26.76 1.77
CA MET A 183 -11.77 25.74 1.68
C MET A 183 -13.13 26.33 2.04
N SER A 184 -14.19 25.62 1.67
CA SER A 184 -15.53 26.03 2.05
C SER A 184 -15.77 25.78 3.53
N PRO A 185 -16.59 26.61 4.17
CA PRO A 185 -16.90 26.38 5.60
C PRO A 185 -17.65 25.06 5.77
N SER A 186 -17.29 24.34 6.83
CA SER A 186 -17.94 23.07 7.13
C SER A 186 -19.39 23.29 7.49
N VAL A 187 -20.14 22.19 7.48
CA VAL A 187 -21.58 22.22 7.77
C VAL A 187 -21.87 21.69 9.16
N SER A 190 -22.50 17.80 10.38
CA SER A 190 -22.03 16.94 9.31
C SER A 190 -20.72 16.26 9.68
N SER A 191 -20.61 14.97 9.36
CA SER A 191 -19.37 14.23 9.63
C SER A 191 -18.35 14.39 8.52
N THR A 192 -18.75 14.87 7.36
CA THR A 192 -17.85 15.06 6.22
C THR A 192 -17.67 16.54 5.93
N GLY A 193 -16.59 16.84 5.21
CA GLY A 193 -16.27 18.20 4.85
C GLY A 193 -14.92 18.24 4.18
N HIS A 194 -14.43 19.48 4.00
CA HIS A 194 -13.16 19.68 3.31
C HIS A 194 -11.99 19.40 4.23
N THR A 195 -10.95 18.78 3.66
CA THR A 195 -9.67 18.57 4.34
C THR A 195 -8.60 19.27 3.54
N GLY A 196 -7.75 20.02 4.23
CA GLY A 196 -6.69 20.77 3.59
C GLY A 196 -5.57 19.90 3.09
N ILE A 197 -4.87 19.26 4.02
CA ILE A 197 -3.77 18.36 3.70
C ILE A 197 -4.05 17.04 4.39
N ARG A 198 -4.27 15.99 3.62
CA ARG A 198 -4.46 14.65 4.16
C ARG A 198 -3.20 13.85 3.91
N LEU A 199 -2.61 13.34 4.97
CA LEU A 199 -1.39 12.55 4.90
C LEU A 199 -1.76 11.10 5.17
N THR A 200 -1.70 10.28 4.12
CA THR A 200 -1.83 8.84 4.22
C THR A 200 -0.43 8.24 4.27
N ARG A 201 -0.29 6.96 3.91
CA ARG A 201 0.99 6.27 3.92
C ARG A 201 2.10 7.13 3.35
N GLY A 202 3.21 7.22 4.07
CA GLY A 202 4.32 8.05 3.66
C GLY A 202 5.29 8.23 4.80
N SER A 203 6.41 8.88 4.50
CA SER A 203 7.48 9.07 5.46
C SER A 203 8.13 10.44 5.26
N THR A 204 7.31 11.47 5.14
CA THR A 204 7.85 12.80 4.92
C THR A 204 8.48 13.36 6.20
N LEU A 205 9.13 14.51 6.06
CA LEU A 205 9.83 15.14 7.17
C LEU A 205 9.08 16.35 7.72
N ALA A 206 8.93 17.42 6.94
CA ALA A 206 8.42 18.68 7.48
C ALA A 206 7.41 19.31 6.54
N LEU A 207 6.34 19.83 7.13
CA LEU A 207 5.39 20.70 6.45
C LEU A 207 5.51 22.07 7.11
N ALA A 208 5.93 23.07 6.33
CA ALA A 208 6.35 24.35 6.88
C ALA A 208 5.56 25.50 6.29
N ASP A 209 5.06 26.38 7.16
CA ASP A 209 4.54 27.70 6.78
C ASP A 209 3.36 27.60 5.81
N VAL A 210 2.37 26.79 6.20
CA VAL A 210 1.16 26.62 5.42
C VAL A 210 0.01 27.27 6.18
N ARG A 211 -0.82 28.03 5.47
CA ARG A 211 -2.01 28.65 6.03
C ARG A 211 -3.24 27.92 5.53
N LEU A 212 -4.01 27.35 6.45
CA LEU A 212 -5.21 26.59 6.14
C LEU A 212 -6.42 27.39 6.61
N GLU A 213 -7.32 27.70 5.67
CA GLU A 213 -8.46 28.56 5.92
C GLU A 213 -9.74 27.76 5.79
N ARG A 214 -10.48 27.65 6.89
CA ARG A 214 -11.82 27.05 6.93
C ARG A 214 -11.78 25.56 6.63
N GLY A 215 -12.90 25.00 6.20
CA GLY A 215 -13.03 23.57 6.00
C GLY A 215 -13.36 22.85 7.30
N LEU A 216 -13.43 21.52 7.20
CA LEU A 216 -13.65 20.70 8.39
C LEU A 216 -12.33 20.39 9.09
N ASN A 217 -11.34 19.91 8.35
CA ASN A 217 -10.02 19.59 8.91
C ASN A 217 -8.94 20.34 8.15
N GLY A 218 -8.11 21.10 8.87
CA GLY A 218 -6.99 21.75 8.23
C GLY A 218 -5.92 20.77 7.78
N ILE A 219 -5.58 19.82 8.66
CA ILE A 219 -4.63 18.75 8.34
C ILE A 219 -5.21 17.45 8.87
N TRP A 220 -5.19 16.42 8.05
CA TRP A 220 -5.64 15.08 8.45
C TRP A 220 -4.44 14.15 8.36
N HIS A 221 -3.96 13.70 9.52
CA HIS A 221 -2.84 12.77 9.62
C HIS A 221 -3.42 11.37 9.72
N ASP A 222 -3.56 10.71 8.57
CA ASP A 222 -4.21 9.40 8.48
C ASP A 222 -3.14 8.32 8.27
N GLY A 223 -2.52 7.89 9.37
CA GLY A 223 -1.60 6.77 9.31
C GLY A 223 -0.21 7.09 8.81
N HIS A 224 0.08 8.35 8.48
CA HIS A 224 1.44 8.74 8.15
C HIS A 224 2.36 8.43 9.33
N GLN A 225 3.56 7.96 9.02
CA GLN A 225 4.48 7.54 10.07
C GLN A 225 4.83 8.70 10.99
N GLN A 226 5.39 9.77 10.41
CA GLN A 226 5.86 10.89 11.20
C GLN A 226 5.90 12.13 10.31
N ALA A 227 5.79 13.29 10.96
CA ALA A 227 5.86 14.58 10.28
C ALA A 227 6.02 15.67 11.32
N LEU A 228 6.84 16.66 11.00
CA LEU A 228 6.92 17.89 11.76
C LEU A 228 6.09 18.96 11.04
N TYR A 229 5.19 19.60 11.79
CA TYR A 229 4.34 20.66 11.27
C TYR A 229 4.84 21.98 11.86
N LYS A 230 5.61 22.73 11.09
CA LYS A 230 6.29 23.93 11.58
C LYS A 230 5.59 25.19 11.09
N SER A 231 5.22 26.07 12.02
CA SER A 231 4.65 27.38 11.72
C SER A 231 3.43 27.26 10.80
N ILE A 232 2.49 26.41 11.19
CA ILE A 232 1.23 26.26 10.47
C ILE A 232 0.20 27.22 11.06
N TYR A 233 -0.52 27.91 10.19
CA TYR A 233 -1.57 28.82 10.62
C TYR A 233 -2.94 28.18 10.37
N PHE A 234 -3.61 27.79 11.44
CA PHE A 234 -4.95 27.22 11.37
C PHE A 234 -5.96 28.36 11.52
N TYR A 235 -6.68 28.67 10.43
CA TYR A 235 -7.60 29.80 10.38
C TYR A 235 -9.02 29.30 10.19
N GLN A 236 -9.83 29.38 11.24
CA GLN A 236 -11.27 29.08 11.18
C GLN A 236 -11.56 27.64 10.72
N ASN A 237 -10.70 26.70 11.09
CA ASN A 237 -10.99 25.30 10.85
C ASN A 237 -11.87 24.73 11.96
N THR A 238 -12.84 23.90 11.58
CA THR A 238 -13.63 23.20 12.58
C THR A 238 -12.74 22.32 13.45
N VAL A 239 -11.77 21.64 12.84
CA VAL A 239 -10.74 20.91 13.56
C VAL A 239 -9.40 21.32 12.97
N GLY A 240 -8.47 21.75 13.83
CA GLY A 240 -7.16 22.15 13.37
C GLY A 240 -6.40 21.02 12.70
N MET A 241 -6.07 20.00 13.47
CA MET A 241 -5.46 18.78 12.94
C MET A 241 -6.27 17.59 13.41
N LEU A 242 -6.76 16.81 12.46
CA LEU A 242 -7.34 15.50 12.76
C LEU A 242 -6.24 14.45 12.65
N ILE A 243 -6.09 13.65 13.67
CA ILE A 243 -5.10 12.59 13.73
C ILE A 243 -5.86 11.29 13.88
N THR A 244 -5.91 10.49 12.81
CA THR A 244 -6.56 9.20 12.93
C THR A 244 -5.56 8.13 13.37
N ASN A 245 -4.53 7.89 12.59
CA ASN A 245 -3.51 6.94 13.05
C ASN A 245 -2.15 7.51 12.70
N GLY A 246 -1.11 6.83 13.16
CA GLY A 246 0.24 7.34 12.98
C GLY A 246 1.09 7.18 14.21
N ALA A 247 2.40 7.44 14.08
CA ALA A 247 3.34 7.18 15.16
C ALA A 247 3.79 8.44 15.88
N THR A 248 4.44 9.37 15.17
CA THR A 248 5.09 10.52 15.78
C THR A 248 4.61 11.78 15.10
N ILE A 249 4.02 12.70 15.87
CA ILE A 249 3.52 13.97 15.37
C ILE A 249 4.15 15.08 16.19
N SER A 250 4.82 16.01 15.50
CA SER A 250 5.46 17.15 16.14
C SER A 250 4.92 18.42 15.50
N ILE A 251 4.31 19.27 16.33
CA ILE A 251 3.73 20.54 15.89
C ILE A 251 4.47 21.66 16.61
N LEU A 252 5.18 22.49 15.85
CA LEU A 252 6.02 23.55 16.40
C LEU A 252 5.53 24.92 15.94
N ALA A 253 5.30 25.81 16.91
CA ALA A 253 4.85 27.17 16.66
C ALA A 253 3.61 27.29 15.75
N PRO A 254 2.51 26.62 16.10
CA PRO A 254 1.27 26.81 15.34
C PRO A 254 0.43 27.95 15.93
N THR A 255 -0.59 28.33 15.15
CA THR A 255 -1.54 29.37 15.57
C THR A 255 -2.96 28.90 15.26
N PHE A 256 -3.78 28.79 16.30
CA PHE A 256 -5.18 28.38 16.17
C PHE A 256 -6.06 29.62 16.29
N GLU A 257 -6.62 30.06 15.16
CA GLU A 257 -7.47 31.23 15.12
C GLU A 257 -8.89 30.83 14.78
N THR A 258 -9.81 31.04 15.71
CA THR A 258 -11.22 30.69 15.56
C THR A 258 -11.38 29.23 15.14
N VAL A 259 -10.70 28.35 15.86
CA VAL A 259 -10.66 26.93 15.54
C VAL A 259 -11.48 26.19 16.60
N GLY A 260 -12.38 25.34 16.15
CA GLY A 260 -13.26 24.65 17.09
C GLY A 260 -12.50 23.73 18.03
N THR A 261 -11.58 22.93 17.48
CA THR A 261 -10.72 22.04 18.26
C THR A 261 -9.33 22.08 17.65
N GLY A 262 -8.32 22.30 18.48
CA GLY A 262 -6.96 22.40 18.00
C GLY A 262 -6.45 21.13 17.37
N VAL A 263 -6.31 20.08 18.19
CA VAL A 263 -5.85 18.76 17.76
C VAL A 263 -6.84 17.72 18.26
N LEU A 264 -7.35 16.90 17.35
CA LEU A 264 -8.32 15.86 17.67
C LEU A 264 -7.77 14.52 17.19
N CYS A 265 -7.50 13.62 18.14
CA CYS A 265 -6.94 12.30 17.87
C CYS A 265 -7.96 11.25 18.28
N THR A 266 -8.61 10.62 17.29
CA THR A 266 -9.69 9.67 17.53
C THR A 266 -9.29 8.21 17.31
N SER A 267 -8.01 7.92 17.04
CA SER A 267 -7.59 6.55 16.85
C SER A 267 -6.09 6.46 17.06
N GLY A 268 -5.63 5.28 17.48
CA GLY A 268 -4.20 5.04 17.62
C GLY A 268 -3.65 5.55 18.95
N ALA A 269 -2.36 5.33 19.13
CA ALA A 269 -1.63 5.81 20.31
C ALA A 269 -0.33 6.49 19.88
N PRO A 270 -0.42 7.58 19.13
CA PRO A 270 0.79 8.24 18.64
C PRO A 270 1.40 9.13 19.74
N TYR A 271 2.55 9.70 19.42
CA TYR A 271 3.09 10.80 20.20
C TYR A 271 2.69 12.11 19.51
N ILE A 272 2.18 13.05 20.30
CA ILE A 272 1.74 14.35 19.81
C ILE A 272 2.51 15.42 20.57
N GLY A 273 3.32 16.19 19.85
CA GLY A 273 4.06 17.28 20.47
C GLY A 273 3.57 18.64 20.04
N LEU A 274 3.06 19.42 20.99
CA LEU A 274 2.57 20.77 20.74
C LEU A 274 3.47 21.72 21.53
N VAL A 275 4.30 22.47 20.80
CA VAL A 275 5.32 23.31 21.41
C VAL A 275 5.18 24.72 20.85
N ASP A 276 5.21 25.72 21.75
CA ASP A 276 5.18 27.13 21.38
C ASP A 276 3.91 27.49 20.61
N ALA A 277 2.78 26.91 21.02
CA ALA A 277 1.52 27.08 20.33
C ALA A 277 0.81 28.34 20.79
N ARG A 278 0.01 28.93 19.89
CA ARG A 278 -0.80 30.11 20.15
C ARG A 278 -2.26 29.83 19.84
N SER A 279 -3.14 30.24 20.74
CA SER A 279 -4.57 30.00 20.61
C SER A 279 -5.31 31.34 20.58
N ILE A 280 -6.05 31.58 19.51
CA ILE A 280 -6.79 32.82 19.31
C ILE A 280 -8.27 32.44 19.14
N ASN A 281 -9.07 32.66 20.18
CA ASN A 281 -10.52 32.44 20.14
C ASN A 281 -10.86 31.04 19.64
N SER A 282 -10.26 30.05 20.28
CA SER A 282 -10.39 28.65 19.86
C SER A 282 -10.95 27.81 21.01
N GLY A 283 -11.35 26.59 20.66
CA GLY A 283 -11.87 25.62 21.60
C GLY A 283 -10.78 24.80 22.26
N VAL A 284 -11.11 23.54 22.56
CA VAL A 284 -10.16 22.65 23.22
C VAL A 284 -8.91 22.50 22.37
N THR A 285 -7.75 22.63 23.01
CA THR A 285 -6.49 22.65 22.27
C THR A 285 -6.05 21.25 21.86
N LEU A 286 -6.21 20.26 22.73
CA LEU A 286 -5.88 18.88 22.41
C LEU A 286 -6.93 17.97 23.04
N LYS A 287 -7.68 17.27 22.19
CA LYS A 287 -8.71 16.33 22.63
C LYS A 287 -8.45 14.98 21.98
N THR A 288 -8.62 13.91 22.76
CA THR A 288 -8.41 12.55 22.25
C THR A 288 -9.45 11.62 22.84
N THR A 289 -9.90 10.66 22.03
CA THR A 289 -10.75 9.57 22.49
C THR A 289 -9.97 8.29 22.72
N THR A 290 -8.65 8.32 22.57
CA THR A 290 -7.81 7.14 22.78
C THR A 290 -6.74 7.47 23.80
N TYR A 291 -5.65 6.70 23.81
CA TYR A 291 -4.61 6.85 24.83
C TYR A 291 -3.26 7.15 24.18
N PRO A 292 -3.10 8.34 23.60
CA PRO A 292 -1.79 8.75 23.12
C PRO A 292 -1.00 9.43 24.24
N SER A 293 0.28 9.63 23.99
CA SER A 293 1.17 10.36 24.89
C SER A 293 1.53 11.68 24.24
N PHE A 294 1.10 12.78 24.85
CA PHE A 294 1.29 14.10 24.27
C PHE A 294 1.98 15.04 25.24
N LEU A 295 2.58 16.08 24.68
CA LEU A 295 3.24 17.13 25.45
C LEU A 295 2.72 18.48 24.99
N ILE A 296 2.46 19.37 25.94
CA ILE A 296 2.10 20.76 25.65
C ILE A 296 3.11 21.63 26.37
N GLU A 297 3.99 22.29 25.61
CA GLU A 297 4.99 23.20 26.16
C GLU A 297 4.77 24.58 25.58
N ASN A 298 4.74 25.59 26.46
CA ASN A 298 4.68 27.01 26.10
C ASN A 298 3.46 27.30 25.22
N LEU A 299 2.29 26.90 25.70
CA LEU A 299 1.03 27.25 25.07
C LEU A 299 0.49 28.56 25.65
N ASN A 300 0.18 29.51 24.78
CA ASN A 300 -0.28 30.83 25.21
C ASN A 300 -1.66 31.07 24.62
N LYS A 301 -2.67 31.12 25.49
CA LYS A 301 -4.06 31.28 25.09
C LYS A 301 -4.52 32.71 25.37
N ASP A 302 -5.40 33.22 24.53
CA ASP A 302 -6.01 34.51 24.76
C ASP A 302 -7.23 34.35 25.65
N ALA A 303 -7.89 35.48 25.96
CA ALA A 303 -9.02 35.43 26.89
C ALA A 303 -10.23 34.72 26.29
N GLN A 304 -10.44 34.85 24.98
CA GLN A 304 -11.60 34.24 24.34
C GLN A 304 -11.49 32.72 24.28
N SER A 305 -10.27 32.19 24.34
CA SER A 305 -10.05 30.74 24.40
C SER A 305 -10.22 30.30 25.85
N SER A 306 -11.47 30.02 26.23
CA SER A 306 -11.80 29.66 27.60
C SER A 306 -12.03 28.16 27.79
N SER A 307 -11.79 27.35 26.76
CA SER A 307 -12.05 25.93 26.88
C SER A 307 -10.91 25.25 27.62
N ASN A 308 -11.15 24.00 28.01
CA ASN A 308 -10.09 23.20 28.60
C ASN A 308 -8.95 23.06 27.61
N VAL A 309 -7.75 22.86 28.14
CA VAL A 309 -6.58 22.70 27.28
C VAL A 309 -6.48 21.28 26.74
N ALA A 310 -6.76 20.29 27.58
CA ALA A 310 -6.66 18.90 27.17
C ALA A 310 -7.85 18.13 27.73
N GLU A 311 -8.41 17.24 26.90
CA GLU A 311 -9.52 16.39 27.29
C GLU A 311 -9.28 14.98 26.76
N GLY A 312 -9.65 13.98 27.56
CA GLY A 312 -9.44 12.61 27.18
C GLY A 312 -10.66 11.74 27.40
N PRO A 313 -10.48 10.42 27.27
CA PRO A 313 -11.62 9.51 27.47
C PRO A 313 -12.19 9.52 28.88
N SER A 314 -11.40 9.92 29.88
CA SER A 314 -11.86 9.94 31.26
C SER A 314 -12.36 11.32 31.69
N GLY A 315 -12.31 12.31 30.81
CA GLY A 315 -12.77 13.66 31.10
C GLY A 315 -11.66 14.68 30.88
N THR A 316 -11.65 15.70 31.72
CA THR A 316 -10.70 16.80 31.59
C THR A 316 -9.32 16.36 32.05
N ILE A 317 -8.30 16.71 31.27
CA ILE A 317 -6.91 16.43 31.62
C ILE A 317 -6.19 17.70 32.11
N LEU A 318 -6.41 18.82 31.45
CA LEU A 318 -5.88 20.11 31.85
C LEU A 318 -6.93 21.16 31.57
N ASN A 319 -7.28 21.95 32.59
CA ASN A 319 -8.38 22.90 32.49
C ASN A 319 -7.92 24.17 31.78
N ASN A 320 -8.75 25.21 31.82
CA ASN A 320 -8.45 26.44 31.10
C ASN A 320 -7.34 27.19 31.82
N ARG A 321 -6.18 27.30 31.17
CA ARG A 321 -5.09 28.14 31.65
C ARG A 321 -4.56 28.95 30.49
N ALA A 322 -4.39 30.26 30.71
CA ALA A 322 -3.89 31.11 29.65
C ALA A 322 -2.46 30.79 29.27
N HIS A 323 -1.69 30.15 30.16
CA HIS A 323 -0.31 29.77 29.89
C HIS A 323 -0.02 28.40 30.49
N VAL A 324 0.70 27.58 29.72
CA VAL A 324 1.11 26.25 30.14
C VAL A 324 2.62 26.16 29.97
N ASP A 325 3.32 25.64 30.99
CA ASP A 325 4.77 25.52 30.94
C ASP A 325 5.21 24.23 30.24
N THR A 326 5.25 23.11 30.97
CA THR A 326 5.68 21.82 30.41
C THR A 326 4.74 20.75 30.96
N PHE A 327 3.72 20.41 30.17
CA PHE A 327 2.72 19.44 30.58
C PHE A 327 2.77 18.23 29.65
N THR A 328 3.00 17.05 30.21
CA THR A 328 2.90 15.80 29.47
C THR A 328 1.82 14.93 30.06
N TYR A 329 1.26 14.12 29.19
CA TYR A 329 0.29 13.10 29.58
C TYR A 329 0.62 11.84 28.77
N GLY A 330 1.48 11.00 29.32
CA GLY A 330 1.88 9.79 28.62
C GLY A 330 2.85 8.94 29.40
N ASN A 331 3.60 8.10 28.68
CA ASN A 331 4.59 7.23 29.30
C ASN A 331 5.78 8.06 29.74
N THR A 332 5.95 8.20 31.06
CA THR A 332 7.03 8.99 31.63
C THR A 332 7.92 8.12 32.53
N VAL A 333 9.23 8.34 32.44
CA VAL A 333 10.18 7.58 33.24
C VAL A 333 10.12 8.01 34.69
N GLY A 334 10.06 7.03 35.60
CA GLY A 334 10.08 7.29 37.03
C GLY A 334 8.73 7.52 37.66
N ARG A 335 7.66 7.55 36.88
CA ARG A 335 6.33 7.86 37.38
C ARG A 335 5.55 6.61 37.77
N ASN A 336 4.76 6.72 38.83
CA ASN A 336 3.87 5.65 39.29
C ASN A 336 2.46 6.20 39.32
N PRO A 337 1.59 5.84 38.36
CA PRO A 337 1.80 4.89 37.24
C PRO A 337 2.52 5.54 36.07
N VAL A 338 3.09 4.74 35.18
CA VAL A 338 3.90 5.27 34.09
C VAL A 338 3.11 6.24 33.23
N TYR A 339 1.89 5.85 32.85
CA TYR A 339 1.04 6.68 32.00
C TYR A 339 0.23 7.63 32.86
N GLY A 340 0.48 8.93 32.72
CA GLY A 340 -0.23 9.92 33.50
C GLY A 340 0.32 11.30 33.27
N ASP A 341 -0.28 12.26 34.00
CA ASP A 341 0.06 13.67 33.83
C ASP A 341 1.30 14.03 34.63
N THR A 342 2.04 15.01 34.12
CA THR A 342 3.20 15.59 34.81
C THR A 342 3.35 17.03 34.38
N TYR A 343 3.46 17.94 35.36
CA TYR A 343 3.62 19.36 35.09
C TYR A 343 4.94 19.83 35.68
N THR A 344 5.79 20.42 34.84
CA THR A 344 7.05 21.01 35.27
C THR A 344 7.21 22.37 34.58
N THR A 345 8.18 23.15 35.04
CA THR A 345 8.52 24.43 34.45
C THR A 345 10.00 24.41 34.11
N ASN A 346 10.34 24.83 32.89
CA ASN A 346 11.73 24.82 32.42
C ASN A 346 12.04 26.16 31.80
N THR A 347 13.19 26.73 32.13
CA THR A 347 13.66 27.98 31.53
C THR A 347 14.59 27.65 30.38
N ARG A 348 14.15 27.92 29.16
CA ARG A 348 14.97 27.63 27.99
C ARG A 348 16.16 28.58 27.96
N PRO A 349 17.33 28.12 27.52
CA PRO A 349 18.47 29.01 27.38
C PRO A 349 18.18 30.11 26.38
N PRO A 350 18.52 31.36 26.71
CA PRO A 350 18.22 32.46 25.78
C PRO A 350 18.93 32.33 24.44
N ALA A 351 20.07 31.64 24.39
CA ALA A 351 20.75 31.40 23.11
C ALA A 351 20.00 30.38 22.27
N LEU A 352 19.29 29.46 22.90
CA LEU A 352 18.47 28.48 22.19
C LEU A 352 17.11 29.04 21.82
N ALA A 353 16.47 29.74 22.75
CA ALA A 353 15.11 30.26 22.57
C ALA A 353 15.11 31.76 22.87
N PRO A 354 15.48 32.59 21.89
CA PRO A 354 15.45 34.03 22.10
C PRO A 354 14.03 34.52 22.37
N GLY A 355 13.85 35.15 23.53
CA GLY A 355 12.54 35.59 23.94
C GLY A 355 11.64 34.49 24.47
N GLY A 356 12.19 33.32 24.79
CA GLY A 356 11.40 32.21 25.25
C GLY A 356 10.84 31.34 24.15
N LYS A 357 11.00 31.72 22.89
CA LYS A 357 10.46 30.98 21.76
C LYS A 357 11.60 30.40 20.95
N TYR A 358 11.48 29.13 20.59
CA TYR A 358 12.47 28.53 19.72
C TYR A 358 12.39 29.15 18.33
N PRO A 359 13.52 29.28 17.64
CA PRO A 359 13.53 29.97 16.34
C PRO A 359 12.94 29.10 15.24
N VAL A 360 11.98 29.66 14.52
CA VAL A 360 11.41 29.05 13.33
C VAL A 360 11.43 30.08 12.21
N LEU A 361 11.99 29.69 11.05
CA LEU A 361 12.15 30.58 9.91
C LEU A 361 11.60 29.94 8.64
N PRO A 362 10.85 30.68 7.83
CA PRO A 362 10.42 30.14 6.54
C PRO A 362 11.58 30.00 5.57
N ALA A 363 11.48 28.99 4.71
CA ALA A 363 12.49 28.82 3.68
C ALA A 363 12.44 30.02 2.71
N PRO A 364 13.58 30.56 2.33
CA PRO A 364 13.59 31.78 1.50
C PRO A 364 13.10 31.49 0.09
N ASN A 365 12.11 32.28 -0.35
CA ASN A 365 11.63 32.23 -1.72
C ASN A 365 12.09 33.42 -2.55
N TYR A 366 12.72 34.43 -1.93
CA TYR A 366 13.26 35.60 -2.62
C TYR A 366 12.19 36.27 -3.49
N ALA A 367 11.00 36.43 -2.91
CA ALA A 367 9.86 36.90 -3.69
C ALA A 367 10.06 38.32 -4.19
N ALA A 368 10.77 39.15 -3.44
CA ALA A 368 10.97 40.54 -3.81
C ALA A 368 12.27 40.77 -4.56
N ASN A 369 13.09 39.73 -4.77
CA ASN A 369 14.37 39.88 -5.45
C ASN A 369 14.20 39.61 -6.94
N THR A 370 14.96 40.36 -7.74
CA THR A 370 15.00 40.17 -9.19
C THR A 370 16.32 39.53 -9.58
N VAL A 371 16.48 39.27 -10.88
CA VAL A 371 17.65 38.55 -11.37
C VAL A 371 18.94 39.30 -11.04
N ALA A 372 18.87 40.62 -10.93
CA ALA A 372 20.07 41.42 -10.67
C ALA A 372 20.64 41.15 -9.29
N ASP A 373 19.81 40.70 -8.34
CA ASP A 373 20.26 40.38 -6.99
C ASP A 373 20.94 39.02 -6.89
N PHE A 374 21.08 38.32 -8.01
CA PHE A 374 21.62 36.97 -8.04
C PHE A 374 22.90 36.93 -8.85
N ILE A 375 23.66 35.86 -8.65
CA ILE A 375 24.76 35.48 -9.52
C ILE A 375 24.46 34.07 -10.01
N ASN A 376 24.16 33.92 -11.30
CA ASN A 376 24.08 32.60 -11.92
C ASN A 376 25.50 32.08 -12.08
N VAL A 377 25.82 31.01 -11.35
CA VAL A 377 27.19 30.53 -11.27
C VAL A 377 27.73 30.08 -12.62
N LYS A 378 26.86 29.81 -13.59
CA LYS A 378 27.27 29.35 -14.92
C LYS A 378 27.40 30.47 -15.95
N ASP A 379 26.86 31.65 -15.67
CA ASP A 379 26.92 32.76 -16.61
C ASP A 379 28.27 33.46 -16.50
N PRO A 380 29.08 33.47 -17.57
CA PRO A 380 30.38 34.16 -17.49
C PRO A 380 30.27 35.66 -17.27
N ALA A 381 29.17 36.27 -17.70
CA ALA A 381 28.97 37.70 -17.50
C ALA A 381 28.67 38.04 -16.05
N GLN A 382 28.24 37.07 -15.25
CA GLN A 382 27.84 37.31 -13.86
C GLN A 382 28.85 36.81 -12.84
N ASN A 383 29.58 35.73 -13.14
CA ASN A 383 30.44 35.08 -12.16
C ASN A 383 31.90 35.47 -12.28
N GLY A 384 32.22 36.53 -13.04
CA GLY A 384 33.59 36.95 -13.19
C GLY A 384 34.31 36.34 -14.37
N GLY A 385 33.61 35.99 -15.42
CA GLY A 385 34.23 35.41 -16.60
C GLY A 385 34.79 34.02 -16.40
N ARG A 386 34.11 33.18 -15.64
CA ARG A 386 34.56 31.82 -15.37
C ARG A 386 33.66 30.81 -16.05
N THR A 387 34.26 29.71 -16.52
CA THR A 387 33.52 28.67 -17.21
C THR A 387 33.12 27.59 -16.21
N VAL A 388 31.82 27.36 -16.09
CA VAL A 388 31.26 26.36 -15.18
C VAL A 388 30.35 25.45 -15.99
N LEU A 389 30.54 24.14 -15.84
CA LEU A 389 29.80 23.17 -16.63
C LEU A 389 28.66 22.52 -15.86
N GLY A 390 28.92 22.01 -14.66
CA GLY A 390 27.89 21.31 -13.93
C GLY A 390 27.44 20.03 -14.61
N ASP A 391 28.35 19.31 -15.25
CA ASP A 391 28.03 18.07 -15.95
C ASP A 391 28.84 16.88 -15.42
N ASN A 392 29.54 17.06 -14.30
CA ASN A 392 30.29 15.98 -13.64
C ASN A 392 31.36 15.37 -14.56
N THR A 393 32.02 16.22 -15.35
CA THR A 393 33.08 15.76 -16.25
C THR A 393 34.46 16.25 -15.87
N LYS A 394 34.57 17.15 -14.87
CA LYS A 394 35.86 17.69 -14.48
C LYS A 394 35.75 18.28 -13.09
N ASP A 395 36.92 18.51 -12.48
CA ASP A 395 36.99 19.16 -11.18
C ASP A 395 36.62 20.64 -11.34
N GLU A 396 35.69 21.10 -10.50
CA GLU A 396 35.25 22.49 -10.53
C GLU A 396 35.25 23.09 -9.13
N SER A 397 36.20 22.68 -8.29
CA SER A 397 36.25 23.16 -6.92
C SER A 397 36.75 24.61 -6.86
N LYS A 398 37.91 24.87 -7.45
CA LYS A 398 38.50 26.20 -7.36
C LYS A 398 37.62 27.25 -8.05
N VAL A 399 37.06 26.90 -9.21
CA VAL A 399 36.25 27.86 -9.95
C VAL A 399 34.97 28.18 -9.18
N LEU A 400 34.46 27.25 -8.38
CA LEU A 400 33.24 27.46 -7.60
C LEU A 400 33.53 28.11 -6.24
N ASN A 401 34.70 27.85 -5.65
CA ASN A 401 35.10 28.57 -4.44
C ASN A 401 35.25 30.05 -4.73
N GLU A 402 35.72 30.40 -5.93
CA GLU A 402 35.92 31.80 -6.28
C GLU A 402 34.61 32.51 -6.57
N ILE A 403 33.63 31.82 -7.15
CA ILE A 403 32.33 32.43 -7.44
C ILE A 403 31.53 32.61 -6.15
N LEU A 404 31.63 31.66 -5.23
CA LEU A 404 30.92 31.76 -3.96
C LEU A 404 31.47 32.91 -3.11
N GLN A 405 32.80 33.07 -3.07
CA GLN A 405 33.40 34.20 -2.38
C GLN A 405 33.05 35.52 -3.06
N LEU A 406 32.93 35.52 -4.40
CA LEU A 406 32.55 36.74 -5.11
C LEU A 406 31.14 37.18 -4.77
N ALA A 407 30.19 36.23 -4.75
CA ALA A 407 28.80 36.58 -4.47
C ALA A 407 28.61 37.02 -3.03
N ALA A 408 29.33 36.39 -2.10
CA ALA A 408 29.21 36.79 -0.71
C ALA A 408 29.78 38.19 -0.49
N SER A 409 30.92 38.50 -1.11
CA SER A 409 31.54 39.82 -0.95
C SER A 409 30.77 40.92 -1.67
N THR A 410 29.86 40.57 -2.56
CA THR A 410 29.00 41.54 -3.24
C THR A 410 27.54 41.41 -2.86
N ASN A 411 27.24 40.63 -1.82
CA ASN A 411 25.89 40.51 -1.29
C ASN A 411 24.90 39.99 -2.33
N LYS A 412 25.35 39.14 -3.24
CA LYS A 412 24.48 38.55 -4.24
C LYS A 412 24.14 37.12 -3.84
N ILE A 413 22.95 36.69 -4.24
CA ILE A 413 22.53 35.32 -4.02
C ILE A 413 23.15 34.43 -5.10
N ALA A 414 23.79 33.34 -4.68
CA ALA A 414 24.42 32.42 -5.61
C ALA A 414 23.40 31.39 -6.06
N TYR A 415 23.00 31.45 -7.32
CA TYR A 415 22.01 30.55 -7.88
C TYR A 415 22.70 29.42 -8.64
N PHE A 416 22.48 28.20 -8.20
CA PHE A 416 23.00 27.05 -8.92
C PHE A 416 21.89 26.51 -9.80
N PRO A 417 21.99 26.64 -11.13
CA PRO A 417 21.09 25.88 -12.00
C PRO A 417 21.34 24.39 -11.78
N PHE A 418 20.36 23.58 -12.13
CA PHE A 418 20.51 22.15 -11.88
C PHE A 418 21.73 21.60 -12.63
N GLY A 419 22.40 20.65 -12.01
CA GLY A 419 23.55 20.01 -12.60
C GLY A 419 24.23 19.15 -11.56
N LYS A 420 25.37 18.60 -11.94
CA LYS A 420 26.19 17.82 -11.03
C LYS A 420 27.58 18.45 -11.07
N TYR A 421 27.91 19.16 -10.00
CA TYR A 421 29.15 19.92 -9.92
C TYR A 421 30.17 19.11 -9.14
N ARG A 422 31.13 18.53 -9.85
CA ARG A 422 32.14 17.69 -9.22
C ARG A 422 33.21 18.58 -8.59
N VAL A 423 33.55 18.29 -7.34
CA VAL A 423 34.61 19.00 -6.64
C VAL A 423 35.61 17.98 -6.14
N ASP A 424 36.90 18.24 -6.37
CA ASP A 424 37.96 17.40 -5.86
C ASP A 424 38.62 17.97 -4.61
N ASP A 425 38.14 19.12 -4.11
CA ASP A 425 38.60 19.64 -2.83
C ASP A 425 37.41 20.34 -2.17
N THR A 426 37.64 20.83 -0.96
CA THR A 426 36.56 21.42 -0.18
C THR A 426 36.00 22.65 -0.88
N LEU A 427 34.67 22.74 -0.93
CA LEU A 427 33.97 23.93 -1.41
C LEU A 427 33.57 24.74 -0.18
N LEU A 428 34.27 25.84 0.05
CA LEU A 428 34.02 26.68 1.22
C LEU A 428 32.83 27.60 0.96
N VAL A 429 31.90 27.63 1.91
CA VAL A 429 30.79 28.59 1.88
C VAL A 429 31.15 29.74 2.83
N PRO A 430 31.58 30.89 2.31
CA PRO A 430 32.15 31.94 3.17
C PRO A 430 31.06 32.80 3.81
N ARG A 431 31.49 33.75 4.63
CA ARG A 431 30.56 34.60 5.36
C ARG A 431 29.73 35.46 4.42
N GLY A 432 28.43 35.53 4.71
CA GLY A 432 27.50 36.32 3.91
C GLY A 432 26.87 35.60 2.73
N SER A 433 26.90 34.28 2.71
CA SER A 433 26.46 33.52 1.55
C SER A 433 24.98 33.19 1.64
N ARG A 434 24.30 33.36 0.52
CA ARG A 434 22.93 32.90 0.37
C ARG A 434 22.89 32.09 -0.93
N ILE A 435 22.69 30.78 -0.79
CA ILE A 435 22.77 29.85 -1.92
C ILE A 435 21.40 29.21 -2.10
N VAL A 436 20.95 29.16 -3.35
CA VAL A 436 19.69 28.51 -3.72
C VAL A 436 19.93 27.71 -5.00
N GLY A 437 19.31 26.54 -5.08
CA GLY A 437 19.46 25.65 -6.22
C GLY A 437 18.16 25.48 -6.99
N GLU A 438 18.27 24.80 -8.12
CA GLU A 438 17.13 24.50 -8.98
C GLU A 438 16.85 23.01 -8.92
N ALA A 439 15.81 22.64 -8.18
CA ALA A 439 15.46 21.23 -7.98
C ALA A 439 16.67 20.43 -7.50
N TRP A 440 17.29 20.93 -6.42
CA TRP A 440 18.35 20.24 -5.71
C TRP A 440 19.58 20.04 -6.60
N SER A 441 20.15 21.15 -7.05
CA SER A 441 21.42 21.09 -7.77
C SER A 441 22.46 20.38 -6.90
N THR A 442 23.33 19.61 -7.54
CA THR A 442 24.09 18.58 -6.85
C THR A 442 25.57 18.94 -6.81
N ILE A 443 26.13 18.97 -5.62
CA ILE A 443 27.57 19.02 -5.40
C ILE A 443 28.02 17.61 -5.07
N THR A 444 28.99 17.09 -5.82
CA THR A 444 29.46 15.73 -5.62
C THR A 444 30.95 15.75 -5.36
N GLY A 445 31.37 15.22 -4.20
CA GLY A 445 32.78 15.13 -3.89
C GLY A 445 33.42 13.94 -4.59
N ASN A 446 34.74 14.04 -4.77
CA ASN A 446 35.48 13.05 -5.53
C ASN A 446 36.97 13.26 -5.30
N GLY A 447 37.74 12.20 -5.45
CA GLY A 447 39.19 12.31 -5.49
C GLY A 447 39.85 11.77 -4.23
N ASP A 448 41.18 11.76 -4.29
CA ASP A 448 42.01 11.22 -3.22
C ASP A 448 42.08 12.12 -2.00
N LYS A 449 41.65 13.39 -2.11
CA LYS A 449 41.71 14.29 -0.96
C LYS A 449 40.67 13.97 0.10
N PHE A 450 39.66 13.16 -0.21
CA PHE A 450 38.66 12.76 0.76
C PHE A 450 38.79 11.29 1.14
N LYS A 451 39.95 10.68 0.91
CA LYS A 451 40.12 9.25 1.15
C LYS A 451 41.07 8.96 2.30
N ASP A 452 41.48 9.98 3.05
CA ASP A 452 42.36 9.80 4.20
C ASP A 452 41.51 9.86 5.46
N GLU A 453 41.13 8.69 5.99
CA GLU A 453 40.32 8.65 7.19
C GLU A 453 41.05 9.19 8.40
N SER A 454 42.37 9.23 8.36
CA SER A 454 43.16 9.87 9.41
C SER A 454 43.16 11.40 9.31
N ASN A 455 42.71 11.94 8.19
CA ASN A 455 42.57 13.40 8.00
C ASN A 455 41.28 13.67 7.26
N PRO A 456 40.14 13.50 7.92
CA PRO A 456 38.86 13.70 7.24
C PRO A 456 38.70 15.13 6.74
N ARG A 457 38.03 15.27 5.60
CA ARG A 457 37.95 16.54 4.89
C ARG A 457 36.52 16.82 4.45
N PRO A 458 36.01 18.03 4.67
CA PRO A 458 34.64 18.34 4.27
C PRO A 458 34.51 18.55 2.76
N VAL A 459 33.41 18.03 2.21
CA VAL A 459 33.08 18.29 0.82
C VAL A 459 32.54 19.72 0.67
N VAL A 460 31.58 20.08 1.52
CA VAL A 460 31.07 21.45 1.60
C VAL A 460 31.33 21.94 3.01
N LYS A 461 32.13 22.99 3.13
CA LYS A 461 32.44 23.60 4.41
C LYS A 461 31.69 24.92 4.52
N VAL A 462 30.89 25.05 5.56
CA VAL A 462 30.10 26.26 5.79
C VAL A 462 30.90 27.13 6.75
N GLY A 463 31.73 28.01 6.18
CA GLY A 463 32.53 28.92 6.96
C GLY A 463 33.75 28.25 7.55
N ASN A 464 34.73 29.08 7.89
CA ASN A 464 35.93 28.63 8.57
C ASN A 464 35.68 28.58 10.06
N ALA A 465 36.64 28.02 10.79
CA ALA A 465 36.53 27.89 12.24
C ALA A 465 36.55 29.25 12.90
N GLY A 466 35.50 29.55 13.67
CA GLY A 466 35.39 30.85 14.32
C GLY A 466 34.64 31.90 13.54
N ASP A 467 34.11 31.56 12.36
CA ASP A 467 33.39 32.53 11.55
C ASP A 467 32.03 32.84 12.14
N VAL A 468 31.63 34.10 12.05
CA VAL A 468 30.32 34.56 12.47
C VAL A 468 29.72 35.32 11.29
N GLY A 469 28.54 34.91 10.85
CA GLY A 469 27.89 35.59 9.75
C GLY A 469 26.72 34.79 9.23
N VAL A 470 26.28 35.16 8.02
CA VAL A 470 25.12 34.56 7.37
C VAL A 470 25.63 33.51 6.39
N ALA A 471 25.02 32.32 6.42
CA ALA A 471 25.27 31.26 5.45
C ALA A 471 23.98 30.44 5.32
N GLN A 472 23.18 30.79 4.34
CA GLN A 472 21.87 30.19 4.15
C GLN A 472 21.87 29.44 2.82
N ILE A 473 21.49 28.16 2.88
CA ILE A 473 21.48 27.27 1.73
C ILE A 473 20.12 26.62 1.62
N SER A 474 19.59 26.52 0.39
CA SER A 474 18.30 25.89 0.18
C SER A 474 18.27 25.23 -1.20
N ASP A 475 17.48 24.15 -1.29
CA ASP A 475 17.22 23.44 -2.55
C ASP A 475 18.50 22.91 -3.19
N MET A 476 19.31 22.22 -2.40
CA MET A 476 20.57 21.70 -2.88
C MET A 476 20.72 20.23 -2.50
N ARG A 477 21.69 19.58 -3.12
CA ARG A 477 22.06 18.22 -2.78
C ARG A 477 23.57 18.15 -2.71
N ILE A 478 24.07 17.41 -1.72
CA ILE A 478 25.49 17.12 -1.59
C ILE A 478 25.65 15.61 -1.57
N THR A 479 26.60 15.10 -2.34
CA THR A 479 26.79 13.65 -2.46
C THR A 479 28.26 13.37 -2.78
N ILE A 480 28.57 12.09 -2.96
CA ILE A 480 29.94 11.67 -3.28
C ILE A 480 29.88 10.76 -4.50
N SER A 481 31.00 10.71 -5.23
CA SER A 481 31.09 9.94 -6.46
C SER A 481 31.93 8.69 -6.35
N ASP A 482 32.66 8.52 -5.26
CA ASP A 482 33.52 7.36 -5.06
C ASP A 482 33.41 6.92 -3.61
N VAL A 483 34.15 5.86 -3.27
CA VAL A 483 34.29 5.41 -1.89
C VAL A 483 35.35 6.29 -1.24
N MET A 484 34.96 7.10 -0.26
CA MET A 484 35.82 8.13 0.30
C MET A 484 35.78 8.05 1.83
N PRO A 485 36.64 7.21 2.43
CA PRO A 485 36.57 6.98 3.88
C PRO A 485 36.89 8.21 4.73
N GLY A 486 37.32 9.33 4.15
CA GLY A 486 37.59 10.52 4.92
C GLY A 486 36.68 11.68 4.60
N ALA A 487 35.52 11.40 3.99
CA ALA A 487 34.65 12.47 3.49
C ALA A 487 33.63 12.86 4.55
N ILE A 488 33.62 14.15 4.90
CA ILE A 488 32.53 14.78 5.63
C ILE A 488 31.70 15.54 4.60
N LEU A 489 30.44 15.15 4.43
CA LEU A 489 29.69 15.68 3.29
C LEU A 489 29.39 17.16 3.48
N ILE A 490 29.04 17.57 4.68
CA ILE A 490 28.88 18.98 5.02
C ILE A 490 29.35 19.17 6.45
N GLN A 491 30.09 20.25 6.69
CA GLN A 491 30.59 20.59 8.00
C GLN A 491 30.22 22.03 8.30
N PHE A 492 29.46 22.23 9.39
CA PHE A 492 29.07 23.56 9.84
C PHE A 492 30.10 24.07 10.82
N ASN A 493 30.78 25.15 10.47
CA ASN A 493 31.73 25.82 11.33
C ASN A 493 31.25 27.18 11.79
N MET A 494 30.44 27.84 10.99
CA MET A 494 30.05 29.21 11.23
C MET A 494 28.91 29.28 12.25
N ALA A 495 28.87 30.39 12.97
CA ALA A 495 27.78 30.69 13.88
C ALA A 495 27.08 31.94 13.40
N GLY A 496 25.81 32.04 13.70
CA GLY A 496 25.06 33.21 13.31
C GLY A 496 25.02 34.26 14.40
N SER A 497 24.78 35.51 13.98
CA SER A 497 24.49 36.56 14.93
C SER A 497 23.12 36.35 15.56
N ASN A 498 22.16 35.91 14.75
CA ASN A 498 20.83 35.49 15.16
C ASN A 498 20.56 34.10 14.62
N PRO A 499 19.75 33.30 15.31
CA PRO A 499 19.46 31.95 14.81
C PRO A 499 18.82 32.00 13.44
N GLY A 500 19.30 31.15 12.55
CA GLY A 500 18.87 31.15 11.16
C GLY A 500 19.81 31.86 10.20
N ASP A 501 20.78 32.63 10.71
CA ASP A 501 21.78 33.23 9.82
C ASP A 501 22.58 32.16 9.09
N VAL A 502 22.99 31.12 9.82
CA VAL A 502 23.57 29.91 9.26
C VAL A 502 22.47 28.87 9.22
N ALA A 503 21.98 28.53 8.04
CA ALA A 503 20.82 27.65 7.93
C ALA A 503 20.93 26.78 6.68
N LEU A 504 20.26 25.64 6.74
CA LEU A 504 20.12 24.72 5.60
C LEU A 504 18.67 24.30 5.53
N TRP A 505 18.00 24.65 4.44
CA TRP A 505 16.59 24.33 4.22
C TRP A 505 16.43 23.38 3.05
N ASN A 506 15.46 22.46 3.18
CA ASN A 506 14.88 21.76 2.04
C ASN A 506 15.94 21.14 1.11
N SER A 507 16.89 20.45 1.72
CA SER A 507 18.00 19.85 0.98
C SER A 507 18.12 18.38 1.35
N LEU A 508 19.06 17.70 0.69
CA LEU A 508 19.34 16.30 0.97
C LEU A 508 20.84 16.07 0.86
N ILE A 509 21.34 15.17 1.68
CA ILE A 509 22.72 14.70 1.65
C ILE A 509 22.66 13.19 1.51
N THR A 510 23.09 12.68 0.35
CA THR A 510 22.91 11.27 0.00
C THR A 510 24.23 10.59 -0.34
N ILE A 511 24.28 9.29 -0.09
CA ILE A 511 25.42 8.45 -0.46
C ILE A 511 24.85 7.26 -1.21
N GLY A 512 25.09 7.21 -2.52
CA GLY A 512 24.56 6.14 -3.34
C GLY A 512 23.08 6.31 -3.66
N GLY A 513 22.57 5.38 -4.47
CA GLY A 513 21.18 5.35 -4.84
C GLY A 513 20.82 6.20 -6.05
N THR A 514 21.74 7.00 -6.56
CA THR A 514 21.48 7.90 -7.66
C THR A 514 22.59 7.77 -8.70
N ARG A 515 22.25 8.08 -9.94
CA ARG A 515 23.22 8.05 -11.03
C ARG A 515 24.26 9.15 -10.84
N GLY A 516 25.45 8.91 -11.39
CA GLY A 516 26.56 9.84 -11.29
C GLY A 516 27.65 9.46 -10.31
N ALA A 517 27.62 8.24 -9.77
CA ALA A 517 28.60 7.79 -8.80
C ALA A 517 29.04 6.36 -9.13
N ASN A 518 29.51 6.15 -10.36
CA ASN A 518 29.80 4.81 -10.84
C ASN A 518 30.86 4.12 -9.99
N ALA A 519 31.93 4.84 -9.62
CA ALA A 519 33.00 4.24 -8.82
C ALA A 519 32.48 3.80 -7.46
N LEU A 520 31.59 4.59 -6.85
CA LEU A 520 30.97 4.20 -5.59
C LEU A 520 30.01 3.04 -5.81
N ASN A 521 29.29 3.06 -6.92
CA ASN A 521 28.29 2.04 -7.20
C ASN A 521 28.90 0.66 -7.41
N SER A 522 30.14 0.60 -7.91
CA SER A 522 30.80 -0.67 -8.17
C SER A 522 31.43 -1.28 -6.93
N LYS A 523 31.73 -0.48 -5.91
CA LYS A 523 32.47 -0.96 -4.75
C LYS A 523 31.59 -1.30 -3.55
N CYS A 524 30.27 -1.19 -3.68
CA CYS A 524 29.37 -1.35 -2.54
C CYS A 524 28.30 -2.38 -2.83
N LYS A 525 28.72 -3.55 -3.30
CA LYS A 525 27.80 -4.64 -3.63
C LYS A 525 28.12 -5.90 -2.85
N ASP A 526 28.83 -5.79 -1.73
CA ASP A 526 29.23 -6.94 -0.92
C ASP A 526 28.88 -6.68 0.53
N ALA A 527 27.91 -7.43 1.07
CA ALA A 527 27.52 -7.26 2.46
C ALA A 527 28.57 -7.81 3.42
N ARG A 528 29.51 -8.62 2.93
CA ARG A 528 30.58 -9.08 3.81
C ARG A 528 31.64 -8.02 4.03
N ASN A 529 31.86 -7.17 3.04
CA ASN A 529 32.80 -6.05 3.14
C ASN A 529 32.05 -4.81 2.69
N GLU A 530 31.34 -4.19 3.63
CA GLU A 530 30.58 -2.98 3.33
C GLU A 530 31.54 -1.82 3.10
N CYS A 531 31.33 -1.06 2.04
CA CYS A 531 32.31 -0.05 1.63
C CYS A 531 32.30 1.14 2.57
N LYS A 532 33.50 1.63 2.88
CA LYS A 532 33.69 2.79 3.76
C LYS A 532 33.51 4.07 2.94
N ALA A 533 32.26 4.34 2.59
CA ALA A 533 31.98 5.40 1.62
C ALA A 533 32.26 6.78 2.19
N ALA A 534 31.99 7.00 3.47
CA ALA A 534 32.12 8.33 4.05
C ALA A 534 32.46 8.26 5.53
N PHE A 535 33.08 9.34 6.01
CA PHE A 535 33.37 9.48 7.44
C PHE A 535 32.16 10.01 8.20
N LEU A 536 31.57 11.09 7.70
CA LEU A 536 30.40 11.70 8.33
C LEU A 536 29.51 12.29 7.26
N GLY A 537 28.21 12.27 7.51
CA GLY A 537 27.29 12.97 6.64
C GLY A 537 27.25 14.45 6.98
N MET A 538 27.01 14.75 8.25
CA MET A 538 26.94 16.12 8.74
C MET A 538 27.77 16.25 10.01
N HIS A 539 28.45 17.39 10.12
CA HIS A 539 29.30 17.68 11.25
C HIS A 539 29.02 19.11 11.71
N PHE A 540 28.81 19.28 13.00
CA PHE A 540 28.56 20.59 13.60
C PHE A 540 29.66 20.82 14.63
N THR A 541 30.65 21.65 14.28
CA THR A 541 31.81 21.85 15.14
C THR A 541 31.45 22.68 16.37
N THR A 542 32.40 22.77 17.30
CA THR A 542 32.10 23.29 18.65
C THR A 542 31.64 24.74 18.60
N SER A 543 32.25 25.56 17.75
CA SER A 543 31.95 26.99 17.67
C SER A 543 30.92 27.31 16.59
N SER A 544 30.14 26.34 16.15
CA SER A 544 29.14 26.55 15.12
C SER A 544 27.76 26.80 15.75
N SER A 545 26.87 27.38 14.94
CA SER A 545 25.49 27.60 15.37
C SER A 545 24.61 27.57 14.12
N ALA A 546 24.01 26.41 13.84
CA ALA A 546 23.34 26.18 12.57
C ALA A 546 21.87 25.83 12.76
N TYR A 547 21.07 26.22 11.78
CA TYR A 547 19.64 25.95 11.75
C TYR A 547 19.36 24.99 10.59
N VAL A 548 18.72 23.86 10.88
CA VAL A 548 18.51 22.82 9.87
C VAL A 548 17.03 22.49 9.82
N GLU A 549 16.44 22.59 8.62
CA GLU A 549 15.02 22.31 8.44
C GLU A 549 14.79 21.48 7.19
N ASN A 550 14.08 20.36 7.34
CA ASN A 550 13.64 19.51 6.22
C ASN A 550 14.83 19.05 5.38
N VAL A 551 15.75 18.33 6.03
CA VAL A 551 16.99 17.88 5.42
C VAL A 551 17.07 16.36 5.55
N TRP A 552 17.42 15.69 4.46
CA TRP A 552 17.50 14.24 4.39
C TRP A 552 18.97 13.83 4.33
N ASN A 553 19.45 13.17 5.39
CA ASN A 553 20.79 12.60 5.45
C ASN A 553 20.65 11.10 5.30
N TRP A 554 21.01 10.57 4.12
CA TRP A 554 20.56 9.25 3.69
C TRP A 554 21.69 8.47 3.05
N VAL A 555 22.07 7.37 3.67
CA VAL A 555 22.84 6.32 3.01
C VAL A 555 21.85 5.39 2.32
N THR A 556 22.09 5.07 1.05
CA THR A 556 21.07 4.40 0.25
C THR A 556 20.78 2.99 0.76
N ASP A 557 19.50 2.62 0.69
CA ASP A 557 19.05 1.26 0.96
C ASP A 557 18.60 0.54 -0.30
N HIS A 558 18.20 1.27 -1.35
CA HIS A 558 17.77 0.70 -2.61
C HIS A 558 18.06 1.69 -3.73
N GLY A 559 18.10 1.19 -4.95
CA GLY A 559 18.33 2.05 -6.11
C GLY A 559 17.07 2.74 -6.56
N THR A 560 17.22 3.98 -7.00
CA THR A 560 16.08 4.83 -7.33
C THR A 560 15.97 5.17 -8.81
N GLU A 561 17.03 5.01 -9.58
CA GLU A 561 17.08 5.57 -10.93
C GLU A 561 17.47 4.51 -11.96
N ALA A 562 16.85 3.33 -11.86
CA ALA A 562 16.92 2.26 -12.85
C ALA A 562 18.36 1.91 -13.21
N TYR A 563 19.05 1.37 -12.21
CA TYR A 563 20.43 0.94 -12.42
C TYR A 563 20.80 0.02 -11.26
N ASP A 564 21.84 -0.80 -11.49
CA ASP A 564 22.34 -1.72 -10.45
C ASP A 564 23.05 -0.89 -9.39
N SER A 565 22.34 -0.62 -8.29
CA SER A 565 22.74 0.47 -7.41
C SER A 565 23.67 0.09 -6.27
N GLY A 566 23.61 -1.14 -5.78
CA GLY A 566 24.46 -1.58 -4.68
C GLY A 566 24.29 -0.74 -3.43
N SER A 567 23.87 -1.36 -2.33
CA SER A 567 23.51 -0.60 -1.14
C SER A 567 24.19 -1.13 0.11
N ASN A 568 25.30 -1.86 -0.05
CA ASN A 568 26.05 -2.41 1.07
C ASN A 568 27.15 -1.42 1.43
N ILE A 569 26.73 -0.36 2.11
CA ILE A 569 27.56 0.80 2.40
C ILE A 569 27.74 0.92 3.90
N ALA A 570 28.96 1.22 4.33
CA ALA A 570 29.27 1.46 5.75
C ALA A 570 29.81 2.88 5.89
N ALA A 571 28.90 3.85 5.98
CA ALA A 571 29.25 5.21 6.33
C ALA A 571 29.21 5.38 7.85
N LYS A 572 30.32 5.84 8.43
CA LYS A 572 30.54 5.72 9.87
C LYS A 572 29.44 6.39 10.68
N GLY A 573 29.28 7.70 10.50
CA GLY A 573 28.32 8.45 11.28
C GLY A 573 27.50 9.37 10.41
N GLY A 574 26.23 9.53 10.80
CA GLY A 574 25.30 10.37 10.07
C GLY A 574 25.46 11.84 10.41
N ALA A 575 25.19 12.21 11.66
CA ALA A 575 25.27 13.59 12.12
C ALA A 575 26.02 13.62 13.44
N LEU A 576 27.10 14.38 13.49
CA LEU A 576 27.88 14.56 14.71
C LEU A 576 27.75 16.02 15.13
N VAL A 577 27.12 16.26 16.27
CA VAL A 577 26.90 17.61 16.79
C VAL A 577 27.82 17.84 17.98
N GLU A 578 28.77 18.77 17.84
CA GLU A 578 29.66 19.17 18.92
C GLU A 578 29.47 20.62 19.35
N SER A 579 28.49 21.33 18.79
CA SER A 579 28.36 22.77 19.02
C SER A 579 27.92 23.10 20.44
N THR A 580 28.58 24.10 21.03
CA THR A 580 28.22 24.62 22.35
C THR A 580 27.49 25.96 22.28
N ARG A 581 27.30 26.52 21.10
CA ARG A 581 26.66 27.83 20.92
C ARG A 581 25.15 27.76 20.73
N GLY A 582 24.65 26.76 20.02
CA GLY A 582 23.23 26.62 19.76
C GLY A 582 23.01 25.94 18.42
N THR A 583 22.16 24.92 18.40
CA THR A 583 21.88 24.16 17.19
C THR A 583 20.43 23.73 17.18
N TRP A 584 19.73 24.01 16.10
CA TRP A 584 18.31 23.72 15.97
C TRP A 584 18.11 22.78 14.79
N LEU A 585 17.48 21.64 15.04
CA LEU A 585 17.27 20.62 14.03
C LEU A 585 15.76 20.41 13.89
N HIS A 586 15.18 20.98 12.85
CA HIS A 586 13.75 20.87 12.57
C HIS A 586 13.54 19.83 11.46
N ALA A 587 13.17 18.61 11.86
CA ALA A 587 12.90 17.51 10.94
C ALA A 587 14.14 17.18 10.10
N LEU A 588 15.14 16.63 10.81
CA LEU A 588 16.32 16.08 10.18
C LEU A 588 16.17 14.57 10.07
N GLY A 589 16.19 14.05 8.85
CA GLY A 589 16.15 12.62 8.62
C GLY A 589 17.54 12.08 8.39
N SER A 590 18.01 11.23 9.31
CA SER A 590 19.34 10.62 9.24
C SER A 590 19.17 9.11 9.26
N GLU A 591 19.43 8.45 8.13
CA GLU A 591 19.05 7.06 7.92
C GLU A 591 20.21 6.22 7.39
N HIS A 592 20.36 5.02 7.96
CA HIS A 592 21.16 3.93 7.37
C HIS A 592 22.66 4.17 7.43
N TYR A 593 23.13 4.93 8.42
CA TYR A 593 24.56 5.01 8.67
C TYR A 593 24.98 3.87 9.60
N TRP A 594 26.28 3.63 9.66
CA TRP A 594 26.76 2.39 10.28
C TRP A 594 26.64 2.45 11.79
N LEU A 595 27.38 3.36 12.43
CA LEU A 595 27.46 3.38 13.89
C LEU A 595 26.34 4.19 14.54
N TYR A 596 25.91 5.28 13.92
CA TYR A 596 24.88 6.11 14.51
C TYR A 596 24.29 7.02 13.44
N GLN A 597 23.07 7.47 13.70
CA GLN A 597 22.41 8.47 12.88
C GLN A 597 22.54 9.87 13.45
N LEU A 598 22.52 10.01 14.77
CA LEU A 598 22.68 11.30 15.45
C LEU A 598 23.58 11.11 16.66
N ASN A 599 24.67 11.86 16.71
CA ASN A 599 25.62 11.81 17.81
C ASN A 599 25.78 13.19 18.39
N LEU A 600 25.43 13.34 19.68
CA LEU A 600 25.61 14.60 20.40
C LEU A 600 26.82 14.43 21.32
N ARG A 601 27.96 14.96 20.90
CA ARG A 601 29.23 14.77 21.59
C ARG A 601 29.59 16.03 22.37
N LYS A 602 29.25 16.06 23.66
CA LYS A 602 29.56 17.17 24.54
C LYS A 602 29.02 18.49 24.00
N ALA A 603 27.85 18.45 23.39
CA ALA A 603 27.21 19.65 22.88
C ALA A 603 26.49 20.37 24.01
N SER A 604 26.26 21.68 23.86
CA SER A 604 25.75 22.44 24.99
C SER A 604 24.45 23.21 24.76
N ASN A 605 23.96 23.33 23.52
CA ASN A 605 22.71 24.06 23.31
C ASN A 605 22.05 23.47 22.06
N VAL A 606 21.29 22.40 22.24
CA VAL A 606 20.71 21.64 21.13
C VAL A 606 19.20 21.57 21.29
N MET A 607 18.48 21.94 20.25
CA MET A 607 17.03 21.80 20.17
C MET A 607 16.66 20.94 18.97
N ILE A 608 15.85 19.91 19.20
CA ILE A 608 15.43 19.01 18.14
C ILE A 608 13.91 18.93 18.15
N SER A 609 13.27 19.50 17.13
CA SER A 609 11.82 19.40 17.03
C SER A 609 11.37 18.08 16.41
N LEU A 610 12.19 17.47 15.55
CA LEU A 610 11.92 16.12 15.04
C LEU A 610 13.22 15.53 14.50
N LEU A 611 13.53 14.31 14.93
CA LEU A 611 14.60 13.51 14.34
C LEU A 611 13.99 12.23 13.77
N GLN A 612 14.15 12.03 12.47
CA GLN A 612 13.71 10.81 11.80
C GLN A 612 14.93 9.96 11.48
N SER A 613 14.91 8.70 11.87
CA SER A 613 16.06 7.84 11.67
C SER A 613 15.62 6.41 11.39
N GLU A 614 16.54 5.64 10.80
CA GLU A 614 16.32 4.24 10.51
C GLU A 614 17.67 3.53 10.58
N THR A 615 17.71 2.39 11.25
CA THR A 615 18.92 1.59 11.28
C THR A 615 19.24 1.07 9.89
N ASN A 616 20.53 0.87 9.64
CA ASN A 616 20.97 0.28 8.38
C ASN A 616 20.32 -1.09 8.18
N TYR A 617 19.79 -1.33 6.98
CA TYR A 617 19.00 -2.54 6.77
C TYR A 617 19.85 -3.81 6.83
N ASP A 618 21.14 -3.72 6.49
CA ASP A 618 21.99 -4.89 6.52
C ASP A 618 22.34 -5.33 7.93
N GLN A 619 22.01 -4.54 8.95
CA GLN A 619 22.39 -4.82 10.32
C GLN A 619 21.27 -5.58 11.04
N GLY A 620 21.66 -6.30 12.08
CA GLY A 620 20.73 -7.09 12.84
C GLY A 620 21.32 -8.43 13.19
N ASP A 621 20.45 -9.39 13.49
CA ASP A 621 20.92 -10.72 13.89
C ASP A 621 21.68 -11.41 12.76
N ASN A 622 21.19 -11.28 11.53
CA ASN A 622 21.76 -11.95 10.36
C ASN A 622 22.70 -11.05 9.56
N VAL A 623 23.42 -10.16 10.22
CA VAL A 623 24.38 -9.30 9.54
C VAL A 623 25.59 -10.13 9.11
N GLN A 624 26.21 -9.72 7.99
CA GLN A 624 27.40 -10.41 7.48
C GLN A 624 28.71 -9.75 7.91
N GLN A 625 28.68 -8.50 8.35
CA GLN A 625 29.85 -7.87 8.93
C GLN A 625 29.39 -7.10 10.17
N ALA A 626 29.81 -7.59 11.34
CA ALA A 626 29.33 -7.04 12.60
C ALA A 626 29.96 -5.68 12.88
N PRO A 627 29.16 -4.65 13.15
CA PRO A 627 29.74 -3.38 13.58
C PRO A 627 30.56 -3.56 14.85
N PRO A 628 31.57 -2.72 15.06
CA PRO A 628 31.94 -1.52 14.30
C PRO A 628 32.66 -1.79 12.98
N ALA A 629 32.95 -3.05 12.66
CA ALA A 629 33.60 -3.34 11.39
C ALA A 629 32.70 -2.92 10.24
N PRO A 630 33.26 -2.42 9.14
CA PRO A 630 34.69 -2.27 8.83
C PRO A 630 35.42 -1.09 9.48
N TRP A 631 34.82 -0.41 10.44
CA TRP A 631 35.40 0.79 11.04
C TRP A 631 36.10 0.46 12.35
N THR A 632 37.25 1.10 12.58
CA THR A 632 37.91 1.07 13.88
C THR A 632 37.49 2.31 14.66
N PRO A 633 36.77 2.16 15.78
CA PRO A 633 36.22 3.34 16.46
C PRO A 633 37.31 4.18 17.13
N ASN A 634 37.15 5.50 17.03
CA ASN A 634 38.03 6.47 17.68
C ASN A 634 37.21 7.19 18.75
N VAL A 635 37.25 6.67 19.98
CA VAL A 635 36.45 7.25 21.05
C VAL A 635 37.02 8.60 21.48
N THR A 636 38.35 8.69 21.59
CA THR A 636 38.98 9.90 22.12
C THR A 636 38.92 11.06 21.12
N GLY A 637 39.11 10.77 19.84
CA GLY A 637 39.20 11.83 18.85
C GLY A 637 37.89 12.28 18.26
N TRP A 638 36.93 11.36 18.07
CA TRP A 638 35.69 11.70 17.38
C TRP A 638 34.42 11.26 18.11
N GLY A 639 34.53 10.63 19.27
CA GLY A 639 33.34 10.29 20.02
C GLY A 639 32.51 9.17 19.43
N ASP A 640 33.15 8.23 18.74
CA ASP A 640 32.42 7.12 18.18
C ASP A 640 32.01 6.15 19.28
N PRO A 641 30.85 5.50 19.15
CA PRO A 641 30.56 4.36 20.02
C PRO A 641 31.37 3.15 19.59
N ASP A 642 32.04 2.51 20.54
CA ASP A 642 32.91 1.40 20.22
C ASP A 642 32.24 0.04 20.34
N PHE A 643 31.01 -0.01 20.88
CA PHE A 643 30.27 -1.26 21.06
C PHE A 643 31.08 -2.28 21.88
N SER A 644 31.96 -1.81 22.75
CA SER A 644 32.75 -2.70 23.60
C SER A 644 31.90 -3.41 24.66
N TRP A 645 30.66 -2.97 24.87
CA TRP A 645 29.76 -3.63 25.82
C TRP A 645 29.10 -4.88 25.25
N CYS A 646 29.14 -5.08 23.92
CA CYS A 646 28.54 -6.25 23.32
C CYS A 646 29.57 -7.36 23.16
N GLY A 647 29.10 -8.60 23.26
CA GLY A 647 29.89 -9.74 22.88
C GLY A 647 30.26 -9.65 21.42
N PRO A 648 31.46 -10.10 21.08
CA PRO A 648 31.96 -9.90 19.71
C PRO A 648 31.05 -10.44 18.62
N ASN A 649 30.16 -11.37 18.96
CA ASN A 649 29.21 -11.91 17.99
C ASN A 649 27.77 -11.66 18.39
N ASP A 650 27.54 -10.79 19.37
CA ASP A 650 26.20 -10.31 19.70
C ASP A 650 25.84 -9.24 18.68
N THR A 651 25.15 -9.66 17.61
CA THR A 651 24.91 -8.78 16.48
C THR A 651 23.62 -7.98 16.60
N ARG A 652 22.71 -8.38 17.49
CA ARG A 652 21.58 -7.52 17.80
C ARG A 652 22.01 -6.36 18.67
N CYS A 653 23.09 -6.53 19.45
CA CYS A 653 23.66 -5.45 20.23
C CYS A 653 24.53 -4.52 19.39
N ARG A 654 25.16 -5.04 18.34
CA ARG A 654 26.03 -4.24 17.49
C ARG A 654 25.24 -3.69 16.30
N MET A 655 24.30 -2.81 16.62
CA MET A 655 23.50 -2.12 15.61
C MET A 655 23.62 -0.62 15.83
N GLY A 656 23.44 0.13 14.75
CA GLY A 656 23.63 1.57 14.82
C GLY A 656 22.57 2.26 15.67
N PHE A 657 23.02 3.22 16.47
CA PHE A 657 22.10 3.98 17.33
C PHE A 657 21.36 5.04 16.54
N SER A 658 20.12 5.29 16.95
CA SER A 658 19.43 6.45 16.39
C SER A 658 19.79 7.71 17.15
N ASN A 659 19.78 7.64 18.49
CA ASN A 659 20.16 8.74 19.36
C ASN A 659 21.32 8.29 20.23
N TYR A 660 22.47 8.94 20.06
CA TYR A 660 23.65 8.68 20.89
C TYR A 660 24.01 10.01 21.56
N ILE A 661 23.48 10.22 22.75
CA ILE A 661 23.70 11.45 23.51
C ILE A 661 24.82 11.19 24.51
N ASN A 662 25.90 11.97 24.40
CA ASN A 662 27.11 11.75 25.18
C ASN A 662 27.47 13.05 25.92
N GLY A 663 26.91 13.23 27.10
CA GLY A 663 27.27 14.35 27.92
C GLY A 663 26.72 15.68 27.40
N GLY A 664 27.37 16.75 27.83
CA GLY A 664 26.96 18.07 27.43
C GLY A 664 25.91 18.66 28.35
N SER A 665 25.16 19.62 27.82
CA SER A 665 24.17 20.32 28.62
C SER A 665 23.14 20.95 27.70
N ASN A 666 21.99 21.30 28.29
CA ASN A 666 20.89 22.00 27.62
C ASN A 666 20.49 21.33 26.32
N ILE A 667 20.08 20.06 26.44
CA ILE A 667 19.66 19.25 25.31
C ILE A 667 18.14 19.14 25.35
N TYR A 668 17.48 19.65 24.31
CA TYR A 668 16.02 19.58 24.19
C TYR A 668 15.68 18.82 22.92
N THR A 669 15.14 17.61 23.05
CA THR A 669 14.62 16.86 21.92
C THR A 669 13.14 16.59 22.14
N TYR A 670 12.31 16.91 21.15
CA TYR A 670 10.86 16.88 21.31
C TYR A 670 10.14 15.79 20.52
N ALA A 671 10.83 15.09 19.62
CA ALA A 671 10.23 13.98 18.89
C ALA A 671 11.29 13.18 18.16
N SER A 672 11.32 11.87 18.35
CA SER A 672 12.30 10.99 17.71
C SER A 672 11.55 9.84 17.03
N ALA A 673 11.54 9.86 15.70
CA ALA A 673 10.91 8.81 14.89
C ALA A 673 12.02 7.91 14.37
N SER A 674 12.32 6.85 15.14
CA SER A 674 13.46 5.97 14.88
C SER A 674 12.95 4.55 14.74
N TRP A 675 13.06 4.01 13.53
CA TRP A 675 12.42 2.75 13.17
C TRP A 675 13.44 1.68 12.79
N ALA A 676 13.22 0.47 13.26
CA ALA A 676 13.98 -0.69 12.83
C ALA A 676 13.03 -1.65 12.13
N PHE A 677 13.46 -2.17 10.98
CA PHE A 677 12.59 -2.98 10.15
C PHE A 677 13.11 -4.39 9.89
N PHE A 678 14.41 -4.56 9.65
CA PHE A 678 14.97 -5.82 9.19
C PHE A 678 16.10 -6.27 10.09
N SER A 679 16.45 -7.55 9.95
CA SER A 679 17.50 -8.17 10.77
C SER A 679 18.71 -8.58 9.96
N GLY A 680 18.77 -8.24 8.68
CA GLY A 680 19.91 -8.60 7.87
C GLY A 680 19.71 -8.34 6.40
N PRO A 681 20.76 -8.56 5.60
CA PRO A 681 20.67 -8.30 4.16
C PRO A 681 19.62 -9.19 3.52
N GLY A 682 18.92 -8.62 2.54
CA GLY A 682 17.85 -9.33 1.89
C GLY A 682 16.48 -9.07 2.48
N TYR A 683 16.33 -8.00 3.26
CA TYR A 683 15.06 -7.68 3.94
C TYR A 683 14.61 -8.83 4.84
N GLN A 684 15.56 -9.40 5.58
CA GLN A 684 15.25 -10.50 6.47
C GLN A 684 14.44 -10.03 7.67
N ASN A 685 13.44 -10.82 8.05
CA ASN A 685 12.57 -10.48 9.16
C ASN A 685 13.29 -10.59 10.50
N CYS A 686 12.72 -9.92 11.50
CA CYS A 686 13.19 -10.01 12.88
C CYS A 686 12.43 -11.09 13.65
N ALA A 687 12.98 -11.46 14.81
CA ALA A 687 12.39 -12.53 15.60
C ALA A 687 10.98 -12.17 16.07
N GLY A 688 10.75 -10.90 16.40
CA GLY A 688 9.45 -10.49 16.90
C GLY A 688 9.23 -9.02 16.66
N GLU A 689 8.05 -8.55 17.12
CA GLU A 689 7.69 -7.14 16.96
C GLU A 689 8.68 -6.22 17.67
N PHE A 690 9.24 -6.65 18.80
CA PHE A 690 10.20 -5.87 19.58
C PHE A 690 11.56 -6.56 19.63
N ALA A 691 11.95 -7.21 18.53
CA ALA A 691 13.17 -8.01 18.53
C ALA A 691 14.10 -7.69 17.38
N CYS A 692 13.86 -6.62 16.62
CA CYS A 692 14.79 -6.22 15.57
C CYS A 692 16.11 -5.72 16.17
N GLN A 693 16.02 -4.86 17.19
CA GLN A 693 17.19 -4.22 17.78
C GLN A 693 17.06 -4.28 19.29
N ASN A 694 18.17 -4.03 19.98
CA ASN A 694 18.13 -3.91 21.42
C ASN A 694 18.02 -2.44 21.85
N HIS A 695 18.88 -1.59 21.33
CA HIS A 695 18.97 -0.20 21.77
C HIS A 695 18.96 0.73 20.57
N LEU A 696 17.89 1.51 20.41
CA LEU A 696 17.83 2.58 19.43
C LEU A 696 18.21 3.93 20.03
N HIS A 697 17.88 4.16 21.30
CA HIS A 697 18.13 5.42 21.97
C HIS A 697 19.02 5.17 23.17
N TRP A 698 20.18 5.83 23.20
CA TRP A 698 21.24 5.48 24.14
C TRP A 698 21.87 6.75 24.67
N ILE A 699 21.92 6.87 26.00
CA ILE A 699 22.58 7.98 26.68
C ILE A 699 23.87 7.43 27.29
N GLU A 700 25.01 7.90 26.82
CA GLU A 700 26.28 7.41 27.33
C GLU A 700 26.70 8.15 28.60
N GLN A 701 26.62 9.47 28.58
CA GLN A 701 26.91 10.31 29.74
C GLN A 701 25.75 11.26 29.92
N ALA A 702 25.25 11.35 31.14
CA ALA A 702 24.05 12.15 31.41
C ALA A 702 24.37 13.63 31.21
N PRO A 703 23.66 14.31 30.32
CA PRO A 703 23.86 15.76 30.18
C PRO A 703 23.16 16.53 31.28
N THR A 704 23.66 17.74 31.52
CA THR A 704 23.04 18.66 32.46
C THR A 704 21.88 19.38 31.79
N ASN A 705 20.71 19.36 32.42
CA ASN A 705 19.51 19.95 31.85
C ASN A 705 19.16 19.28 30.51
N LEU A 706 18.72 18.03 30.63
CA LEU A 706 18.23 17.26 29.50
C LEU A 706 16.71 17.17 29.59
N GLN A 707 16.02 17.63 28.54
CA GLN A 707 14.57 17.56 28.45
C GLN A 707 14.21 16.79 27.17
N ALA A 708 13.79 15.53 27.34
CA ALA A 708 13.50 14.64 26.21
C ALA A 708 12.03 14.28 26.22
N PHE A 709 11.40 14.36 25.05
CA PHE A 709 10.01 13.99 24.87
C PHE A 709 9.83 13.25 23.55
N GLY A 710 8.83 12.39 23.50
CA GLY A 710 8.45 11.71 22.27
C GLY A 710 9.52 10.83 21.66
N ILE A 711 10.28 10.11 22.49
CA ILE A 711 11.32 9.21 22.00
C ILE A 711 10.68 7.91 21.55
N CYS A 712 10.33 7.82 20.27
CA CYS A 712 9.63 6.69 19.69
C CYS A 712 10.60 5.74 19.02
N GLY A 713 10.23 4.46 19.02
CA GLY A 713 11.03 3.44 18.38
C GLY A 713 10.14 2.37 17.77
N LYS A 714 10.76 1.54 16.93
CA LYS A 714 10.11 0.38 16.35
C LYS A 714 11.08 -0.78 16.39
N GLY A 715 10.60 -1.94 16.84
CA GLY A 715 11.42 -3.13 16.81
C GLY A 715 12.60 -3.13 17.76
N SER A 716 12.57 -2.32 18.81
CA SER A 716 13.63 -2.29 19.80
C SER A 716 13.17 -2.91 21.12
N TRP A 717 14.03 -3.73 21.73
CA TRP A 717 13.71 -4.33 23.02
C TRP A 717 13.68 -3.28 24.12
N ALA A 718 14.63 -2.35 24.10
CA ALA A 718 14.70 -1.26 25.06
C ALA A 718 14.18 0.03 24.43
N ALA A 719 13.37 0.78 25.19
CA ALA A 719 12.88 2.07 24.74
C ALA A 719 13.87 3.19 24.98
N LEU A 720 14.78 3.04 25.94
CA LEU A 720 15.79 4.05 26.23
C LEU A 720 16.81 3.44 27.17
N ARG A 721 18.08 3.79 26.99
CA ARG A 721 19.15 3.34 27.84
C ARG A 721 19.76 4.55 28.54
N LEU A 722 19.91 4.46 29.86
CA LEU A 722 20.38 5.58 30.67
C LEU A 722 21.89 5.48 30.91
N ALA A 723 22.47 6.61 31.34
CA ALA A 723 23.92 6.72 31.40
C ALA A 723 24.53 5.68 32.33
N GLY A 724 23.91 5.41 33.46
CA GLY A 724 24.46 4.41 34.36
C GLY A 724 24.38 2.99 33.84
N GLY A 725 23.72 2.76 32.72
CA GLY A 725 23.48 1.43 32.22
C GLY A 725 22.09 0.91 32.47
N ASN A 726 21.26 1.65 33.20
CA ASN A 726 19.88 1.26 33.39
C ASN A 726 19.13 1.28 32.06
N VAL A 727 18.18 0.36 31.91
CA VAL A 727 17.48 0.16 30.66
C VAL A 727 15.99 0.36 30.90
N ILE A 728 15.35 1.15 30.06
CA ILE A 728 13.91 1.35 30.08
C ILE A 728 13.33 0.42 29.01
N THR A 729 12.79 -0.72 29.42
CA THR A 729 12.30 -1.70 28.46
C THR A 729 11.05 -1.20 27.76
N SER A 730 10.92 -1.54 26.47
CA SER A 730 9.76 -1.11 25.71
C SER A 730 8.47 -1.72 26.25
N GLU A 731 8.53 -2.97 26.67
CA GLU A 731 7.35 -3.60 27.25
C GLU A 731 7.59 -3.90 28.72
N PRO A 732 6.55 -3.84 29.55
CA PRO A 732 5.14 -3.64 29.19
C PRO A 732 4.57 -2.23 29.23
N ASP A 733 5.26 -1.24 29.81
CA ASP A 733 4.62 0.04 30.10
C ASP A 733 5.13 1.20 29.26
N PHE A 734 6.12 0.99 28.40
CA PHE A 734 6.64 2.05 27.55
C PHE A 734 6.40 1.73 26.09
N LYS A 735 5.21 1.20 25.79
CA LYS A 735 4.79 0.90 24.43
C LYS A 735 3.92 2.01 23.88
N GLY A 736 3.94 2.17 22.57
CA GLY A 736 3.12 3.16 21.91
C GLY A 736 3.76 3.64 20.62
N GLY A 737 2.97 4.40 19.87
CA GLY A 737 3.46 5.00 18.63
C GLY A 737 3.22 4.08 17.42
N TRP A 738 4.32 3.52 16.90
CA TRP A 738 4.25 2.71 15.69
C TRP A 738 3.33 1.51 15.91
N ASN A 739 2.32 1.39 15.05
CA ASN A 739 1.31 0.33 15.13
C ASN A 739 0.63 0.30 16.50
N GLY A 740 0.42 1.48 17.08
CA GLY A 740 -0.27 1.61 18.34
C GLY A 740 0.38 0.90 19.50
N GLY A 741 1.64 0.50 19.37
CA GLY A 741 2.32 -0.32 20.35
C GLY A 741 2.68 -1.71 19.89
N GLY A 742 2.15 -2.14 18.75
CA GLY A 742 2.52 -3.43 18.20
C GLY A 742 3.90 -3.40 17.59
N GLY A 743 4.91 -3.40 18.46
CA GLY A 743 6.28 -3.20 18.03
C GLY A 743 6.80 -1.78 18.16
N GLY A 744 6.02 -0.88 18.75
CA GLY A 744 6.39 0.53 18.87
C GLY A 744 6.73 0.90 20.30
N SER A 745 7.79 1.71 20.45
CA SER A 745 8.20 2.26 21.73
C SER A 745 7.76 3.71 21.83
N LEU A 746 7.56 4.17 23.06
CA LEU A 746 7.18 5.58 23.28
C LEU A 746 7.64 6.00 24.67
N VAL A 747 8.70 6.80 24.73
CA VAL A 747 9.11 7.48 25.96
C VAL A 747 8.59 8.90 25.85
N GLY A 748 7.41 9.16 26.43
CA GLY A 748 6.77 10.45 26.26
C GLY A 748 7.38 11.59 27.05
N ARG A 749 8.06 11.26 28.14
CA ARG A 749 8.64 12.16 29.11
C ARG A 749 9.87 11.54 29.80
N TYR A 750 11.05 12.11 29.52
CA TYR A 750 12.28 11.78 30.27
C TYR A 750 12.95 13.12 30.59
N THR A 751 12.75 13.61 31.82
CA THR A 751 13.29 14.88 32.29
C THR A 751 14.05 14.59 33.58
N PRO A 752 15.28 14.07 33.47
CA PRO A 752 16.10 13.75 34.63
C PRO A 752 16.58 15.00 35.34
N SER B 17 -30.46 0.98 -30.87
CA SER B 17 -31.06 0.12 -29.86
C SER B 17 -31.02 -1.35 -30.29
N THR B 18 -30.45 -2.20 -29.44
CA THR B 18 -30.34 -3.62 -29.71
C THR B 18 -31.40 -4.41 -28.95
N SER B 19 -31.28 -5.73 -28.99
CA SER B 19 -32.17 -6.63 -28.25
C SER B 19 -31.47 -7.27 -27.06
N PHE B 20 -30.40 -6.65 -26.57
CA PHE B 20 -29.71 -7.14 -25.39
C PHE B 20 -30.68 -7.25 -24.23
N TRP B 21 -30.64 -8.41 -23.54
CA TRP B 21 -31.65 -8.70 -22.53
C TRP B 21 -31.58 -7.76 -21.35
N TYR B 22 -30.37 -7.40 -20.92
CA TYR B 22 -30.22 -6.55 -19.74
C TYR B 22 -30.65 -5.12 -20.03
N ALA B 23 -30.26 -4.58 -21.19
CA ALA B 23 -30.64 -3.21 -21.52
C ALA B 23 -32.14 -3.07 -21.74
N ASN B 24 -32.83 -4.15 -22.07
CA ASN B 24 -34.26 -4.12 -22.30
C ASN B 24 -35.07 -4.58 -21.11
N MET B 25 -34.42 -4.90 -19.99
CA MET B 25 -35.14 -5.16 -18.77
C MET B 25 -35.69 -3.84 -18.22
N ASP B 26 -36.73 -3.96 -17.40
CA ASP B 26 -37.35 -2.77 -16.81
C ASP B 26 -36.41 -2.18 -15.77
N HIS B 27 -35.91 -0.98 -16.02
CA HIS B 27 -35.07 -0.27 -15.06
C HIS B 27 -35.76 0.95 -14.46
N THR B 28 -36.98 1.25 -14.90
CA THR B 28 -37.91 2.12 -14.20
C THR B 28 -39.01 1.26 -13.61
N GLY B 29 -40.07 1.89 -13.13
CA GLY B 29 -41.19 1.10 -12.64
C GLY B 29 -40.86 0.26 -11.40
N ASN B 30 -41.80 -0.63 -11.09
CA ASN B 30 -41.71 -1.44 -9.88
C ASN B 30 -40.75 -2.62 -10.01
N ALA B 31 -40.47 -3.08 -11.22
CA ALA B 31 -39.59 -4.22 -11.43
C ALA B 31 -38.12 -3.83 -11.49
N ARG B 32 -37.79 -2.57 -11.27
CA ARG B 32 -36.40 -2.13 -11.30
C ARG B 32 -35.66 -2.61 -10.05
N GLY B 33 -34.33 -2.60 -10.15
CA GLY B 33 -33.50 -2.90 -9.00
C GLY B 33 -33.68 -1.85 -7.91
N PHE B 34 -33.84 -2.31 -6.67
CA PHE B 34 -34.09 -1.42 -5.55
C PHE B 34 -33.03 -1.70 -4.48
N ALA B 35 -32.43 -0.63 -3.97
CA ALA B 35 -31.36 -0.74 -2.98
C ALA B 35 -31.88 -0.33 -1.61
N PRO B 36 -32.14 -1.26 -0.71
CA PRO B 36 -32.55 -0.90 0.64
C PRO B 36 -31.37 -0.43 1.49
N ASP B 37 -31.70 0.04 2.69
CA ASP B 37 -30.72 0.41 3.72
C ASP B 37 -29.79 1.54 3.28
N LEU B 38 -30.28 2.44 2.44
CA LEU B 38 -29.48 3.53 1.91
C LEU B 38 -29.77 4.86 2.60
N ASP B 39 -29.99 4.82 3.92
CA ASP B 39 -30.18 6.01 4.74
C ASP B 39 -31.34 6.85 4.22
N GLY B 40 -32.47 6.20 3.96
CA GLY B 40 -33.66 6.91 3.52
C GLY B 40 -33.70 7.24 2.04
N ASP B 41 -32.74 6.79 1.24
CA ASP B 41 -32.73 7.04 -0.19
C ASP B 41 -33.46 5.89 -0.88
N PHE B 42 -34.69 6.15 -1.33
CA PHE B 42 -35.50 5.14 -2.01
C PHE B 42 -35.60 5.39 -3.51
N SER B 43 -34.76 6.28 -4.04
CA SER B 43 -34.77 6.60 -5.47
C SER B 43 -33.43 6.29 -6.13
N TYR B 44 -32.52 5.62 -5.44
CA TYR B 44 -31.20 5.36 -6.00
C TYR B 44 -31.29 4.43 -7.20
N ALA B 45 -30.64 4.82 -8.29
CA ALA B 45 -30.69 4.09 -9.56
C ALA B 45 -29.51 3.13 -9.62
N VAL B 46 -29.79 1.82 -9.51
CA VAL B 46 -28.74 0.83 -9.66
C VAL B 46 -28.22 0.81 -11.09
N TYR B 47 -29.08 1.09 -12.06
CA TYR B 47 -28.74 0.99 -13.47
C TYR B 47 -28.50 2.37 -14.05
N LYS B 48 -27.42 2.50 -14.83
CA LYS B 48 -27.14 3.72 -15.57
C LYS B 48 -26.73 3.33 -16.99
N ALA B 49 -27.13 4.14 -17.96
CA ALA B 49 -26.86 3.87 -19.38
C ALA B 49 -26.01 5.00 -19.96
N VAL B 50 -24.94 4.63 -20.65
CA VAL B 50 -24.05 5.58 -21.29
C VAL B 50 -24.57 5.87 -22.69
N ALA B 51 -24.43 7.12 -23.14
CA ALA B 51 -24.78 7.47 -24.50
C ALA B 51 -23.78 6.86 -25.47
N PRO B 52 -24.23 6.48 -26.67
CA PRO B 52 -23.32 5.87 -27.65
C PRO B 52 -22.19 6.82 -28.02
N GLY B 53 -20.96 6.36 -27.83
CA GLY B 53 -19.77 7.15 -28.12
C GLY B 53 -19.35 8.11 -27.03
N ASP B 54 -20.11 8.23 -25.95
CA ASP B 54 -19.81 9.17 -24.86
C ASP B 54 -18.80 8.52 -23.92
N ALA B 55 -17.51 8.77 -24.18
CA ALA B 55 -16.47 8.19 -23.34
C ALA B 55 -16.47 8.81 -21.94
N ALA B 56 -16.73 10.12 -21.86
CA ALA B 56 -16.75 10.81 -20.57
C ALA B 56 -17.89 10.34 -19.70
N GLY B 57 -18.99 9.88 -20.31
CA GLY B 57 -20.12 9.39 -19.54
C GLY B 57 -19.87 8.09 -18.81
N ILE B 58 -18.79 7.39 -19.14
CA ILE B 58 -18.49 6.12 -18.47
C ILE B 58 -18.10 6.38 -17.02
N GLN B 59 -17.18 7.32 -16.80
CA GLN B 59 -16.78 7.66 -15.44
C GLN B 59 -17.95 8.26 -14.66
N ARG B 60 -18.78 9.06 -15.33
CA ARG B 60 -19.94 9.65 -14.66
C ARG B 60 -20.87 8.57 -14.13
N ALA B 61 -21.16 7.55 -14.95
CA ALA B 61 -22.10 6.52 -14.55
C ALA B 61 -21.55 5.66 -13.40
N ILE B 62 -20.23 5.55 -13.28
CA ILE B 62 -19.65 4.77 -12.20
C ILE B 62 -19.89 5.45 -10.86
N ASN B 63 -19.77 6.77 -10.80
CA ASN B 63 -19.76 7.50 -9.54
C ASN B 63 -21.06 8.21 -9.21
N GLU B 64 -21.93 8.43 -10.20
CA GLU B 64 -23.12 9.25 -9.99
C GLU B 64 -24.09 8.58 -9.02
N GLY B 65 -24.64 9.38 -8.11
CA GLY B 65 -25.61 8.89 -7.16
C GLY B 65 -26.89 9.71 -7.13
N THR B 66 -27.61 9.66 -6.01
CA THR B 66 -28.90 10.32 -5.90
C THR B 66 -28.73 11.81 -5.63
N GLY B 67 -29.37 12.62 -6.46
CA GLY B 67 -29.42 14.05 -6.21
C GLY B 67 -28.08 14.75 -6.20
N GLY B 68 -27.15 14.29 -7.04
CA GLY B 68 -25.86 14.93 -7.11
C GLY B 68 -24.86 14.48 -6.07
N VAL B 69 -25.24 13.57 -5.18
CA VAL B 69 -24.31 13.02 -4.21
C VAL B 69 -23.53 11.89 -4.87
N ARG B 70 -22.22 11.91 -4.68
CA ARG B 70 -21.37 10.86 -5.24
C ARG B 70 -21.62 9.53 -4.54
N ARG B 71 -21.40 8.44 -5.26
CA ARG B 71 -21.62 7.11 -4.69
C ARG B 71 -20.52 6.76 -3.70
N HIS B 72 -20.86 5.89 -2.74
CA HIS B 72 -19.91 5.47 -1.74
C HIS B 72 -18.83 4.58 -2.33
N GLY B 73 -17.57 4.91 -2.06
CA GLY B 73 -16.49 4.01 -2.36
C GLY B 73 -16.30 2.95 -1.30
N GLU B 74 -15.62 1.87 -1.67
CA GLU B 74 -15.22 0.79 -0.78
C GLU B 74 -16.38 -0.09 -0.31
N TRP B 75 -17.62 0.33 -0.57
CA TRP B 75 -18.78 -0.47 -0.18
C TRP B 75 -18.81 -1.78 -0.99
N LEU B 76 -19.41 -2.80 -0.39
CA LEU B 76 -19.34 -4.14 -0.97
C LEU B 76 -20.62 -4.56 -1.68
N ALA B 77 -21.80 -4.33 -1.09
CA ALA B 77 -23.02 -4.90 -1.64
C ALA B 77 -24.25 -4.00 -1.60
N SER B 78 -24.28 -2.91 -0.84
CA SER B 78 -25.54 -2.20 -0.61
C SER B 78 -25.85 -1.15 -1.67
N GLN B 79 -24.84 -0.56 -2.32
CA GLN B 79 -25.04 0.49 -3.30
C GLN B 79 -24.42 0.08 -4.64
N PRO B 80 -24.93 -0.95 -5.28
CA PRO B 80 -24.33 -1.43 -6.53
C PRO B 80 -24.68 -0.53 -7.69
N ARG B 81 -23.82 -0.55 -8.70
CA ARG B 81 -24.03 0.21 -9.92
C ARG B 81 -23.61 -0.63 -11.11
N VAL B 82 -24.55 -0.83 -12.03
CA VAL B 82 -24.29 -1.52 -13.29
C VAL B 82 -24.34 -0.48 -14.40
N VAL B 83 -23.24 -0.34 -15.13
CA VAL B 83 -23.12 0.65 -16.19
C VAL B 83 -23.27 -0.06 -17.53
N TYR B 84 -24.35 0.26 -18.25
CA TYR B 84 -24.59 -0.32 -19.56
C TYR B 84 -23.94 0.56 -20.62
N ILE B 85 -23.06 -0.02 -21.42
CA ILE B 85 -22.32 0.67 -22.46
C ILE B 85 -22.78 0.12 -23.81
N PRO B 86 -23.49 0.90 -24.62
CA PRO B 86 -24.00 0.40 -25.91
C PRO B 86 -22.87 0.12 -26.87
N PRO B 87 -23.14 -0.58 -27.98
CA PRO B 87 -22.08 -0.83 -28.97
C PRO B 87 -21.56 0.46 -29.57
N GLY B 88 -20.26 0.52 -29.78
CA GLY B 88 -19.62 1.68 -30.35
C GLY B 88 -18.18 1.76 -29.89
N THR B 89 -17.52 2.81 -30.36
CA THR B 89 -16.13 3.09 -30.03
C THR B 89 -16.07 4.28 -29.09
N TYR B 90 -15.35 4.12 -27.98
CA TYR B 90 -15.25 5.15 -26.95
C TYR B 90 -13.78 5.53 -26.82
N THR B 91 -13.43 6.73 -27.30
CA THR B 91 -12.06 7.21 -27.29
C THR B 91 -11.71 7.73 -25.90
N ILE B 92 -10.82 7.03 -25.21
CA ILE B 92 -10.46 7.33 -23.83
C ILE B 92 -9.15 8.09 -23.81
N SER B 93 -9.13 9.26 -23.17
CA SER B 93 -7.95 10.10 -23.13
C SER B 93 -7.20 10.05 -21.81
N SER B 94 -7.80 9.50 -20.76
CA SER B 94 -7.16 9.37 -19.47
C SER B 94 -7.78 8.19 -18.73
N THR B 95 -7.10 7.77 -17.67
CA THR B 95 -7.49 6.56 -16.94
C THR B 95 -8.93 6.67 -16.44
N ILE B 96 -9.67 5.58 -16.61
CA ILE B 96 -11.01 5.42 -16.03
C ILE B 96 -10.87 4.60 -14.76
N PHE B 97 -11.48 5.07 -13.69
CA PHE B 97 -11.35 4.44 -12.38
C PHE B 97 -12.65 3.76 -12.01
N MET B 98 -12.57 2.47 -11.69
CA MET B 98 -13.75 1.75 -11.25
C MET B 98 -14.06 2.09 -9.80
N ASN B 99 -15.22 1.63 -9.34
CA ASN B 99 -15.60 1.66 -7.95
C ASN B 99 -15.83 0.23 -7.49
N THR B 100 -15.81 0.02 -6.17
CA THR B 100 -16.23 -1.26 -5.65
C THR B 100 -17.73 -1.44 -5.89
N ASP B 101 -18.16 -2.70 -5.96
CA ASP B 101 -19.57 -3.04 -6.17
C ASP B 101 -20.11 -2.43 -7.46
N THR B 102 -19.28 -2.40 -8.50
CA THR B 102 -19.61 -1.76 -9.76
C THR B 102 -19.30 -2.71 -10.90
N ILE B 103 -20.21 -2.77 -11.87
CA ILE B 103 -20.07 -3.64 -13.03
C ILE B 103 -20.21 -2.79 -14.30
N LEU B 104 -19.23 -2.89 -15.19
CA LEU B 104 -19.36 -2.34 -16.53
C LEU B 104 -19.90 -3.44 -17.43
N MET B 105 -21.11 -3.26 -17.94
CA MET B 105 -21.76 -4.26 -18.78
C MET B 105 -21.90 -3.73 -20.20
N GLY B 106 -20.96 -4.08 -21.06
CA GLY B 106 -21.12 -3.78 -22.46
C GLY B 106 -22.19 -4.64 -23.09
N ASP B 107 -22.64 -4.21 -24.27
CA ASP B 107 -23.66 -4.95 -25.01
C ASP B 107 -23.10 -6.29 -25.46
N ALA B 108 -23.76 -7.38 -25.04
CA ALA B 108 -23.24 -8.72 -25.36
C ALA B 108 -23.46 -9.07 -26.83
N THR B 109 -24.44 -8.46 -27.49
CA THR B 109 -24.70 -8.72 -28.91
C THR B 109 -23.67 -8.04 -29.80
N ASN B 110 -23.00 -7.01 -29.31
CA ASN B 110 -21.94 -6.32 -30.04
C ASN B 110 -21.08 -5.56 -29.05
N PRO B 111 -20.05 -6.19 -28.49
CA PRO B 111 -19.28 -5.57 -27.39
C PRO B 111 -18.68 -4.24 -27.81
N PRO B 112 -18.75 -3.23 -26.95
CA PRO B 112 -18.17 -1.93 -27.28
C PRO B 112 -16.65 -1.93 -27.11
N VAL B 113 -16.00 -1.05 -27.86
CA VAL B 113 -14.55 -0.95 -27.87
C VAL B 113 -14.15 0.28 -27.06
N LEU B 114 -13.38 0.07 -25.99
CA LEU B 114 -12.84 1.15 -25.19
C LEU B 114 -11.41 1.41 -25.67
N LYS B 115 -11.25 2.42 -26.51
CA LYS B 115 -9.99 2.66 -27.20
C LYS B 115 -9.26 3.83 -26.57
N ALA B 116 -8.02 3.60 -26.15
CA ALA B 116 -7.19 4.69 -25.66
C ALA B 116 -6.85 5.65 -26.79
N ALA B 117 -6.94 6.94 -26.50
CA ALA B 117 -6.66 7.97 -27.50
C ALA B 117 -5.17 7.99 -27.82
N ALA B 118 -4.85 8.55 -29.00
CA ALA B 118 -3.45 8.68 -29.38
C ALA B 118 -2.72 9.64 -28.44
N GLY B 119 -3.39 10.71 -28.00
CA GLY B 119 -2.82 11.64 -27.04
C GLY B 119 -3.22 11.33 -25.61
N PHE B 120 -3.11 10.07 -25.23
CA PHE B 120 -3.48 9.64 -23.90
C PHE B 120 -2.60 10.31 -22.86
N SER B 121 -3.23 11.01 -21.92
CA SER B 121 -2.51 11.72 -20.86
C SER B 121 -2.71 11.01 -19.53
N GLY B 122 -1.71 11.14 -18.66
CA GLY B 122 -1.74 10.53 -17.36
C GLY B 122 -0.77 9.36 -17.22
N ASN B 123 -1.04 8.53 -16.20
CA ASN B 123 -0.18 7.43 -15.78
C ASN B 123 -0.02 6.31 -16.81
N ARG B 124 -0.69 6.37 -17.96
CA ARG B 124 -0.66 5.32 -18.98
C ARG B 124 -1.30 4.03 -18.45
N ILE B 125 -2.55 4.15 -18.05
CA ILE B 125 -3.41 3.03 -17.70
C ILE B 125 -4.77 3.33 -18.31
N LEU B 126 -5.27 2.44 -19.15
CA LEU B 126 -6.55 2.69 -19.80
C LEU B 126 -7.70 2.54 -18.79
N LEU B 127 -7.66 1.48 -17.98
CA LEU B 127 -8.73 1.17 -17.04
C LEU B 127 -8.13 0.63 -15.77
N ASP B 128 -8.49 1.23 -14.64
CA ASP B 128 -8.00 0.82 -13.33
C ASP B 128 -9.17 0.17 -12.58
N GLY B 129 -9.05 -1.12 -12.30
CA GLY B 129 -10.08 -1.81 -11.56
C GLY B 129 -10.09 -1.49 -10.08
N ARG B 130 -9.00 -0.91 -9.56
CA ARG B 130 -8.91 -0.62 -8.13
C ARG B 130 -9.59 0.71 -7.81
N ASP B 131 -10.49 0.68 -6.82
CA ASP B 131 -11.19 1.86 -6.37
C ASP B 131 -10.18 2.93 -5.93
N PRO B 132 -10.14 4.09 -6.58
CA PRO B 132 -9.18 5.12 -6.15
C PRO B 132 -9.45 5.66 -4.76
N SER B 133 -10.66 5.50 -4.24
CA SER B 133 -10.97 6.00 -2.90
C SER B 133 -10.34 5.15 -1.81
N ILE B 134 -9.87 3.95 -2.15
CA ILE B 134 -9.14 3.15 -1.17
C ILE B 134 -7.77 3.78 -0.97
N THR B 135 -7.35 3.89 0.28
CA THR B 135 -6.09 4.53 0.62
C THR B 135 -4.96 3.52 0.71
N ASP B 136 -3.75 3.99 0.40
CA ASP B 136 -2.51 3.24 0.59
C ASP B 136 -2.44 2.01 -0.32
N GLY B 137 -3.06 2.10 -1.51
CA GLY B 137 -2.99 1.07 -2.52
C GLY B 137 -3.34 -0.32 -2.01
N ARG B 138 -4.46 -0.44 -1.31
CA ARG B 138 -4.87 -1.71 -0.72
C ARG B 138 -5.85 -2.42 -1.67
N GLY B 139 -5.27 -3.13 -2.64
CA GLY B 139 -6.09 -3.86 -3.60
C GLY B 139 -6.90 -4.98 -2.96
N GLU B 140 -6.44 -5.50 -1.83
CA GLU B 140 -7.16 -6.56 -1.13
C GLU B 140 -8.49 -6.10 -0.56
N LEU B 141 -8.84 -4.82 -0.70
CA LEU B 141 -10.13 -4.31 -0.27
C LEU B 141 -11.00 -3.89 -1.44
N SER B 142 -10.49 -3.98 -2.67
CA SER B 142 -11.24 -3.56 -3.85
C SER B 142 -12.13 -4.72 -4.32
N PHE B 143 -13.18 -4.95 -3.55
CA PHE B 143 -14.09 -6.06 -3.80
C PHE B 143 -15.07 -5.72 -4.92
N ALA B 144 -15.51 -6.77 -5.61
CA ALA B 144 -16.71 -6.74 -6.45
C ALA B 144 -16.60 -5.74 -7.59
N VAL B 145 -15.52 -5.85 -8.37
CA VAL B 145 -15.33 -5.06 -9.57
C VAL B 145 -15.53 -5.99 -10.77
N GLY B 146 -16.55 -5.71 -11.58
CA GLY B 146 -16.92 -6.59 -12.68
C GLY B 146 -16.80 -5.90 -14.03
N LEU B 147 -16.28 -6.65 -15.00
CA LEU B 147 -16.19 -6.20 -16.39
C LEU B 147 -16.81 -7.25 -17.29
N LYS B 148 -17.76 -6.83 -18.14
CA LYS B 148 -18.50 -7.77 -18.97
C LYS B 148 -18.63 -7.24 -20.40
N ASN B 149 -18.28 -8.08 -21.38
CA ASN B 149 -18.53 -7.86 -22.81
C ASN B 149 -17.89 -6.56 -23.30
N LEU B 150 -16.57 -6.49 -23.18
CA LEU B 150 -15.83 -5.30 -23.54
C LEU B 150 -14.59 -5.67 -24.35
N ILE B 151 -14.20 -4.76 -25.24
CA ILE B 151 -12.94 -4.86 -25.97
C ILE B 151 -12.09 -3.67 -25.54
N LEU B 152 -10.94 -3.96 -24.95
CA LEU B 152 -9.98 -2.92 -24.60
C LEU B 152 -8.94 -2.83 -25.70
N ASP B 153 -8.69 -1.61 -26.18
CA ASP B 153 -7.84 -1.40 -27.34
C ASP B 153 -6.80 -0.33 -27.02
N THR B 154 -5.53 -0.70 -27.16
CA THR B 154 -4.43 0.24 -26.98
C THR B 154 -3.57 0.32 -28.24
N THR B 155 -4.18 0.06 -29.40
CA THR B 155 -3.40 0.05 -30.65
C THR B 155 -3.04 1.45 -31.12
N ASN B 156 -3.66 2.50 -30.58
CA ASN B 156 -3.28 3.86 -30.90
C ASN B 156 -1.98 4.28 -30.20
N ILE B 157 -1.51 3.51 -29.23
CA ILE B 157 -0.28 3.80 -28.52
C ILE B 157 0.86 3.01 -29.17
N GLN B 158 2.03 3.64 -29.27
CA GLN B 158 3.17 2.97 -29.87
C GLN B 158 3.59 1.77 -29.02
N GLY B 159 3.90 0.67 -29.70
CA GLY B 159 4.19 -0.59 -29.04
C GLY B 159 5.44 -0.59 -28.20
N GLY B 160 6.30 0.41 -28.36
CA GLY B 160 7.53 0.49 -27.60
C GLY B 160 7.45 1.15 -26.25
N GLN B 161 6.32 1.76 -25.91
CA GLN B 161 6.14 2.46 -24.66
C GLN B 161 5.44 1.58 -23.64
N GLU B 162 5.81 1.75 -22.37
CA GLU B 162 5.12 1.03 -21.30
C GLU B 162 3.67 1.53 -21.20
N PHE B 163 2.73 0.59 -21.24
CA PHE B 163 1.32 0.92 -21.17
C PHE B 163 0.59 -0.28 -20.60
N THR B 164 -0.50 -0.02 -19.87
CA THR B 164 -1.29 -1.06 -19.22
C THR B 164 -2.76 -0.86 -19.56
N ALA B 165 -3.34 -1.81 -20.31
CA ALA B 165 -4.74 -1.70 -20.68
C ALA B 165 -5.65 -1.83 -19.47
N LEU B 166 -5.34 -2.75 -18.56
CA LEU B 166 -6.18 -3.00 -17.40
C LEU B 166 -5.29 -3.24 -16.20
N HIS B 167 -5.49 -2.47 -15.15
CA HIS B 167 -4.84 -2.70 -13.87
C HIS B 167 -5.83 -3.44 -12.97
N TRP B 168 -5.47 -4.67 -12.59
CA TRP B 168 -6.35 -5.56 -11.86
C TRP B 168 -5.81 -5.86 -10.47
N GLY B 169 -5.29 -4.84 -9.79
CA GLY B 169 -4.94 -4.98 -8.39
C GLY B 169 -6.18 -4.89 -7.54
N VAL B 170 -7.02 -5.94 -7.58
CA VAL B 170 -8.33 -5.91 -6.96
C VAL B 170 -8.46 -7.07 -5.99
N ALA B 171 -9.65 -7.25 -5.43
CA ALA B 171 -9.90 -8.29 -4.44
C ALA B 171 -10.99 -9.24 -4.94
N GLN B 172 -11.53 -10.04 -4.04
CA GLN B 172 -12.48 -11.07 -4.43
C GLN B 172 -13.76 -10.44 -4.98
N VAL B 173 -14.57 -11.29 -5.63
CA VAL B 173 -15.85 -10.95 -6.26
C VAL B 173 -15.62 -10.09 -7.51
N ALA B 174 -14.36 -9.73 -7.76
CA ALA B 174 -14.05 -9.15 -9.04
C ALA B 174 -14.13 -10.23 -10.11
N GLN B 175 -14.56 -9.82 -11.31
CA GLN B 175 -14.80 -10.79 -12.37
C GLN B 175 -14.53 -10.18 -13.73
N LEU B 176 -14.03 -10.99 -14.63
CA LEU B 176 -13.93 -10.66 -16.05
C LEU B 176 -14.79 -11.66 -16.81
N GLN B 177 -15.65 -11.15 -17.70
CA GLN B 177 -16.55 -11.99 -18.46
C GLN B 177 -16.60 -11.50 -19.91
N ASN B 178 -16.12 -12.33 -20.84
CA ASN B 178 -16.14 -12.03 -22.27
C ASN B 178 -15.38 -10.74 -22.56
N ILE B 179 -14.08 -10.77 -22.24
CA ILE B 179 -13.21 -9.60 -22.36
C ILE B 179 -12.10 -9.90 -23.35
N LYS B 180 -11.86 -8.96 -24.27
CA LYS B 180 -10.79 -9.08 -25.25
C LYS B 180 -9.96 -7.81 -25.22
N ILE B 181 -8.64 -7.98 -25.24
CA ILE B 181 -7.69 -6.87 -25.09
C ILE B 181 -6.73 -6.88 -26.28
N ARG B 182 -6.87 -5.89 -27.17
CA ARG B 182 -5.97 -5.72 -28.30
C ARG B 182 -4.86 -4.73 -27.95
N MET B 183 -3.62 -5.13 -28.23
CA MET B 183 -2.48 -4.28 -27.94
C MET B 183 -1.63 -4.10 -29.18
N SER B 184 -0.78 -3.08 -29.16
CA SER B 184 0.15 -2.86 -30.26
C SER B 184 1.25 -3.92 -30.21
N PRO B 185 1.80 -4.29 -31.37
CA PRO B 185 2.90 -5.27 -31.37
C PRO B 185 4.10 -4.74 -30.61
N SER B 186 4.72 -5.62 -29.83
CA SER B 186 5.92 -5.24 -29.10
C SER B 186 7.06 -4.96 -30.08
N VAL B 187 8.09 -4.27 -29.58
CA VAL B 187 9.23 -3.89 -30.39
C VAL B 187 10.40 -4.81 -30.05
N SER B 188 11.07 -5.32 -31.08
CA SER B 188 12.16 -6.25 -30.86
C SER B 188 13.35 -5.54 -30.23
N GLY B 189 13.86 -6.12 -29.14
CA GLY B 189 14.97 -5.53 -28.44
C GLY B 189 14.60 -4.49 -27.40
N SER B 190 13.31 -4.24 -27.19
CA SER B 190 12.84 -3.25 -26.24
C SER B 190 12.40 -3.93 -24.94
N SER B 191 12.76 -3.32 -23.81
CA SER B 191 12.40 -3.88 -22.52
C SER B 191 11.02 -3.44 -22.05
N THR B 192 10.45 -2.39 -22.64
CA THR B 192 9.13 -1.90 -22.29
C THR B 192 8.16 -2.18 -23.43
N GLY B 193 6.87 -2.15 -23.10
CA GLY B 193 5.84 -2.43 -24.08
C GLY B 193 4.48 -2.49 -23.40
N HIS B 194 3.50 -2.97 -24.17
CA HIS B 194 2.14 -3.03 -23.69
C HIS B 194 1.94 -4.25 -22.79
N THR B 195 1.18 -4.05 -21.71
CA THR B 195 0.77 -5.12 -20.82
C THR B 195 -0.75 -5.18 -20.80
N GLY B 196 -1.31 -6.37 -20.97
CA GLY B 196 -2.75 -6.52 -21.01
C GLY B 196 -3.41 -6.36 -19.67
N ILE B 197 -3.08 -7.26 -18.74
CA ILE B 197 -3.62 -7.24 -17.39
C ILE B 197 -2.45 -7.25 -16.42
N ARG B 198 -2.30 -6.17 -15.66
CA ARG B 198 -1.28 -6.08 -14.62
C ARG B 198 -1.96 -6.23 -13.27
N LEU B 199 -1.51 -7.22 -12.50
CA LEU B 199 -2.04 -7.49 -11.17
C LEU B 199 -0.98 -7.05 -10.16
N THR B 200 -1.25 -5.96 -9.46
CA THR B 200 -0.44 -5.53 -8.33
C THR B 200 -1.10 -6.02 -7.04
N ARG B 201 -0.78 -5.38 -5.92
CA ARG B 201 -1.34 -5.74 -4.62
C ARG B 201 -2.84 -5.97 -4.71
N GLY B 202 -3.29 -7.11 -4.18
CA GLY B 202 -4.69 -7.48 -4.25
C GLY B 202 -4.86 -8.93 -3.87
N SER B 203 -6.11 -9.35 -3.80
CA SER B 203 -6.45 -10.70 -3.37
C SER B 203 -7.64 -11.24 -4.15
N THR B 204 -7.62 -11.09 -5.47
CA THR B 204 -8.73 -11.57 -6.28
C THR B 204 -8.71 -13.09 -6.37
N LEU B 205 -9.76 -13.65 -6.99
CA LEU B 205 -9.88 -15.10 -7.10
C LEU B 205 -9.57 -15.60 -8.51
N ALA B 206 -10.41 -15.26 -9.49
CA ALA B 206 -10.30 -15.86 -10.81
C ALA B 206 -10.45 -14.80 -11.90
N LEU B 207 -9.62 -14.92 -12.93
CA LEU B 207 -9.77 -14.18 -14.18
C LEU B 207 -10.10 -15.20 -15.26
N ALA B 208 -11.28 -15.06 -15.86
CA ALA B 208 -11.84 -16.13 -16.69
C ALA B 208 -12.10 -15.64 -18.11
N ASP B 209 -11.69 -16.44 -19.09
CA ASP B 209 -12.12 -16.33 -20.48
C ASP B 209 -11.77 -14.96 -21.07
N VAL B 210 -10.49 -14.60 -20.96
CA VAL B 210 -9.96 -13.36 -21.50
C VAL B 210 -9.05 -13.71 -22.67
N ARG B 211 -9.21 -13.00 -23.78
CA ARG B 211 -8.34 -13.13 -24.94
C ARG B 211 -7.44 -11.91 -25.01
N LEU B 212 -6.13 -12.14 -24.94
CA LEU B 212 -5.13 -11.08 -24.96
C LEU B 212 -4.35 -11.16 -26.28
N GLU B 213 -4.37 -10.08 -27.06
CA GLU B 213 -3.79 -10.09 -28.40
C GLU B 213 -2.61 -9.12 -28.45
N ARG B 214 -1.42 -9.67 -28.72
CA ARG B 214 -0.19 -8.91 -28.93
C ARG B 214 0.30 -8.21 -27.68
N GLY B 215 1.12 -7.17 -27.85
CA GLY B 215 1.76 -6.52 -26.72
C GLY B 215 3.02 -7.25 -26.30
N LEU B 216 3.64 -6.73 -25.23
CA LEU B 216 4.80 -7.39 -24.65
C LEU B 216 4.40 -8.48 -23.67
N ASN B 217 3.51 -8.14 -22.74
CA ASN B 217 3.03 -9.09 -21.73
C ASN B 217 1.51 -9.18 -21.81
N GLY B 218 0.99 -10.39 -21.96
CA GLY B 218 -0.44 -10.56 -21.89
C GLY B 218 -0.97 -10.34 -20.49
N ILE B 219 -0.29 -10.90 -19.50
CA ILE B 219 -0.62 -10.72 -18.09
C ILE B 219 0.69 -10.48 -17.34
N TRP B 220 0.70 -9.48 -16.47
CA TRP B 220 1.83 -9.20 -15.59
C TRP B 220 1.35 -9.40 -14.17
N HIS B 221 1.80 -10.47 -13.53
CA HIS B 221 1.45 -10.80 -12.15
C HIS B 221 2.55 -10.22 -11.27
N ASP B 222 2.36 -8.97 -10.85
CA ASP B 222 3.37 -8.20 -10.11
C ASP B 222 2.94 -8.13 -8.65
N GLY B 223 3.26 -9.18 -7.89
CA GLY B 223 3.06 -9.16 -6.46
C GLY B 223 1.65 -9.45 -5.98
N HIS B 224 0.72 -9.74 -6.88
CA HIS B 224 -0.61 -10.17 -6.46
C HIS B 224 -0.49 -11.45 -5.62
N GLN B 225 -1.33 -11.55 -4.58
CA GLN B 225 -1.24 -12.67 -3.65
C GLN B 225 -1.47 -14.01 -4.36
N GLN B 226 -2.63 -14.14 -5.01
CA GLN B 226 -3.01 -15.37 -5.67
C GLN B 226 -4.05 -15.05 -6.73
N ALA B 227 -4.12 -15.92 -7.74
CA ALA B 227 -5.09 -15.74 -8.81
C ALA B 227 -5.16 -17.02 -9.63
N LEU B 228 -6.37 -17.41 -10.00
CA LEU B 228 -6.57 -18.46 -10.98
C LEU B 228 -6.86 -17.82 -12.33
N TYR B 229 -6.09 -18.23 -13.34
CA TYR B 229 -6.28 -17.75 -14.71
C TYR B 229 -6.89 -18.90 -15.50
N LYS B 230 -8.22 -18.84 -15.70
CA LYS B 230 -8.96 -19.94 -16.30
C LYS B 230 -9.30 -19.62 -17.75
N SER B 231 -8.92 -20.51 -18.67
CA SER B 231 -9.25 -20.41 -20.09
C SER B 231 -8.82 -19.07 -20.67
N ILE B 232 -7.55 -18.74 -20.46
CA ILE B 232 -6.97 -17.52 -21.04
C ILE B 232 -6.36 -17.87 -22.39
N TYR B 233 -6.65 -17.05 -23.39
CA TYR B 233 -6.10 -17.22 -24.73
C TYR B 233 -5.01 -16.19 -24.94
N PHE B 234 -3.76 -16.65 -24.96
CA PHE B 234 -2.62 -15.78 -25.24
C PHE B 234 -2.33 -15.82 -26.74
N TYR B 235 -2.60 -14.71 -27.43
CA TYR B 235 -2.51 -14.64 -28.88
C TYR B 235 -1.41 -13.65 -29.27
N GLN B 236 -0.29 -14.17 -29.77
CA GLN B 236 0.81 -13.36 -30.31
C GLN B 236 1.43 -12.43 -29.26
N ASN B 237 1.47 -12.86 -28.00
CA ASN B 237 2.17 -12.10 -26.97
C ASN B 237 3.65 -12.43 -26.98
N THR B 238 4.48 -11.39 -26.81
CA THR B 238 5.90 -11.65 -26.65
C THR B 238 6.15 -12.51 -25.43
N VAL B 239 5.46 -12.21 -24.34
CA VAL B 239 5.45 -13.05 -23.14
C VAL B 239 4.01 -13.27 -22.75
N GLY B 240 3.63 -14.54 -22.58
CA GLY B 240 2.27 -14.87 -22.21
C GLY B 240 1.88 -14.26 -20.88
N MET B 241 2.52 -14.74 -19.80
CA MET B 241 2.35 -14.20 -18.46
C MET B 241 3.72 -13.93 -17.85
N LEU B 242 3.96 -12.68 -17.44
CA LEU B 242 5.14 -12.33 -16.65
C LEU B 242 4.79 -12.39 -15.17
N ILE B 243 5.65 -13.03 -14.38
CA ILE B 243 5.44 -13.17 -12.94
C ILE B 243 6.62 -12.52 -12.23
N THR B 244 6.41 -11.31 -11.71
CA THR B 244 7.38 -10.64 -10.83
C THR B 244 6.82 -10.72 -9.41
N ASN B 245 7.27 -11.72 -8.66
CA ASN B 245 6.87 -11.96 -7.27
C ASN B 245 5.40 -12.33 -7.15
N GLY B 246 5.01 -12.84 -5.98
CA GLY B 246 3.69 -13.40 -5.76
C GLY B 246 3.78 -14.74 -5.06
N ALA B 247 2.62 -15.21 -4.60
CA ALA B 247 2.57 -16.42 -3.80
C ALA B 247 2.07 -17.63 -4.59
N THR B 248 0.83 -17.61 -5.05
CA THR B 248 0.21 -18.77 -5.67
C THR B 248 -0.40 -18.39 -7.02
N ILE B 249 0.06 -19.05 -8.07
CA ILE B 249 -0.46 -18.79 -9.42
C ILE B 249 -0.94 -20.11 -10.00
N SER B 250 -2.21 -20.16 -10.39
CA SER B 250 -2.81 -21.35 -10.99
C SER B 250 -3.36 -20.98 -12.37
N ILE B 251 -2.87 -21.66 -13.40
CA ILE B 251 -3.27 -21.42 -14.78
C ILE B 251 -3.92 -22.69 -15.31
N LEU B 252 -5.20 -22.60 -15.66
CA LEU B 252 -5.98 -23.76 -16.09
C LEU B 252 -6.47 -23.55 -17.51
N ALA B 253 -6.17 -24.51 -18.38
CA ALA B 253 -6.59 -24.50 -19.77
C ALA B 253 -6.27 -23.20 -20.52
N PRO B 254 -5.02 -22.79 -20.57
CA PRO B 254 -4.64 -21.67 -21.44
C PRO B 254 -4.27 -22.15 -22.84
N THR B 255 -4.14 -21.18 -23.74
CA THR B 255 -3.72 -21.45 -25.11
C THR B 255 -2.64 -20.44 -25.49
N PHE B 256 -1.46 -20.94 -25.82
CA PHE B 256 -0.34 -20.10 -26.26
C PHE B 256 -0.20 -20.21 -27.76
N GLU B 257 -0.63 -19.18 -28.49
CA GLU B 257 -0.58 -19.16 -29.94
C GLU B 257 0.40 -18.09 -30.42
N THR B 258 1.47 -18.53 -31.09
CA THR B 258 2.52 -17.64 -31.61
C THR B 258 3.08 -16.74 -30.50
N VAL B 259 3.41 -17.35 -29.37
CA VAL B 259 3.86 -16.67 -28.17
C VAL B 259 5.35 -16.94 -27.97
N GLY B 260 6.13 -15.88 -27.75
CA GLY B 260 7.57 -16.06 -27.60
C GLY B 260 7.94 -16.88 -26.38
N THR B 261 7.33 -16.57 -25.24
CA THR B 261 7.53 -17.33 -24.01
C THR B 261 6.21 -17.43 -23.29
N GLY B 262 5.82 -18.65 -22.91
CA GLY B 262 4.55 -18.87 -22.27
C GLY B 262 4.44 -18.18 -20.92
N VAL B 263 5.24 -18.66 -19.97
CA VAL B 263 5.27 -18.13 -18.61
C VAL B 263 6.72 -17.80 -18.27
N LEU B 264 6.97 -16.56 -17.86
CA LEU B 264 8.29 -16.08 -17.51
C LEU B 264 8.25 -15.53 -16.10
N CYS B 265 9.02 -16.14 -15.20
CA CYS B 265 9.06 -15.73 -13.80
C CYS B 265 10.47 -15.26 -13.48
N THR B 266 10.64 -13.94 -13.35
CA THR B 266 11.96 -13.35 -13.14
C THR B 266 12.19 -12.86 -11.73
N SER B 267 11.25 -13.05 -10.81
CA SER B 267 11.43 -12.59 -9.44
C SER B 267 10.48 -13.37 -8.53
N GLY B 268 10.90 -13.57 -7.28
CA GLY B 268 10.10 -14.27 -6.31
C GLY B 268 10.29 -15.78 -6.38
N ALA B 269 9.57 -16.48 -5.50
CA ALA B 269 9.54 -17.94 -5.48
C ALA B 269 8.10 -18.43 -5.34
N PRO B 270 7.24 -18.11 -6.29
CA PRO B 270 5.84 -18.48 -6.17
C PRO B 270 5.64 -19.94 -6.56
N TYR B 271 4.39 -20.39 -6.42
CA TYR B 271 3.95 -21.63 -7.04
C TYR B 271 3.25 -21.29 -8.34
N ILE B 272 3.61 -21.99 -9.41
CA ILE B 272 3.03 -21.77 -10.73
C ILE B 272 2.44 -23.10 -11.20
N GLY B 273 1.12 -23.10 -11.39
CA GLY B 273 0.44 -24.29 -11.87
C GLY B 273 -0.02 -24.14 -13.31
N LEU B 274 0.48 -25.01 -14.19
CA LEU B 274 0.07 -25.04 -15.60
C LEU B 274 -0.61 -26.37 -15.89
N VAL B 275 -1.93 -26.33 -16.10
CA VAL B 275 -2.73 -27.54 -16.26
C VAL B 275 -3.58 -27.42 -17.52
N ASP B 276 -3.59 -28.49 -18.34
CA ASP B 276 -4.41 -28.58 -19.55
C ASP B 276 -4.08 -27.48 -20.54
N ALA B 277 -2.79 -27.15 -20.66
CA ALA B 277 -2.34 -26.06 -21.52
C ALA B 277 -2.13 -26.54 -22.96
N ARG B 278 -2.30 -25.61 -23.90
CA ARG B 278 -2.10 -25.85 -25.32
C ARG B 278 -1.05 -24.88 -25.85
N SER B 279 -0.12 -25.40 -26.66
CA SER B 279 0.94 -24.60 -27.26
C SER B 279 0.79 -24.68 -28.77
N ILE B 280 0.61 -23.54 -29.41
CA ILE B 280 0.42 -23.45 -30.85
C ILE B 280 1.52 -22.53 -31.37
N ASN B 281 2.56 -23.12 -31.96
CA ASN B 281 3.65 -22.35 -32.57
C ASN B 281 4.24 -21.35 -31.58
N SER B 282 4.63 -21.85 -30.42
CA SER B 282 5.11 -20.99 -29.35
C SER B 282 6.51 -21.40 -28.92
N GLY B 283 7.16 -20.52 -28.18
CA GLY B 283 8.48 -20.77 -27.64
C GLY B 283 8.45 -21.51 -26.32
N VAL B 284 9.43 -21.20 -25.47
CA VAL B 284 9.55 -21.89 -24.18
C VAL B 284 8.28 -21.66 -23.37
N THR B 285 7.77 -22.75 -22.80
CA THR B 285 6.48 -22.69 -22.11
C THR B 285 6.59 -22.08 -20.72
N LEU B 286 7.64 -22.43 -19.97
CA LEU B 286 7.86 -21.88 -18.63
C LEU B 286 9.35 -21.64 -18.44
N LYS B 287 9.72 -20.38 -18.23
CA LYS B 287 11.11 -20.00 -18.01
C LYS B 287 11.20 -19.19 -16.72
N THR B 288 12.25 -19.45 -15.94
CA THR B 288 12.45 -18.73 -14.70
C THR B 288 13.93 -18.45 -14.47
N THR B 289 14.23 -17.27 -13.94
CA THR B 289 15.57 -16.93 -13.49
C THR B 289 15.71 -17.07 -11.98
N THR B 290 14.66 -17.52 -11.30
CA THR B 290 14.67 -17.68 -9.85
C THR B 290 14.29 -19.13 -9.52
N TYR B 291 13.85 -19.39 -8.29
CA TYR B 291 13.57 -20.74 -7.81
C TYR B 291 12.13 -20.91 -7.34
N PRO B 292 11.17 -20.87 -8.25
CA PRO B 292 9.79 -21.21 -7.88
C PRO B 292 9.55 -22.71 -7.95
N SER B 293 8.40 -23.12 -7.43
CA SER B 293 7.94 -24.50 -7.53
C SER B 293 6.79 -24.56 -8.51
N PHE B 294 6.97 -25.26 -9.63
CA PHE B 294 5.93 -25.28 -10.64
C PHE B 294 5.55 -26.71 -11.00
N LEU B 295 4.34 -26.83 -11.55
CA LEU B 295 3.82 -28.08 -12.05
C LEU B 295 3.31 -27.85 -13.47
N ILE B 296 3.61 -28.78 -14.36
CA ILE B 296 3.09 -28.79 -15.71
C ILE B 296 2.39 -30.13 -15.91
N GLU B 297 1.06 -30.09 -15.99
CA GLU B 297 0.24 -31.27 -16.20
C GLU B 297 -0.55 -31.14 -17.49
N ASN B 298 -0.50 -32.17 -18.32
CA ASN B 298 -1.32 -32.27 -19.54
C ASN B 298 -1.05 -31.09 -20.49
N LEU B 299 0.23 -30.84 -20.76
CA LEU B 299 0.61 -29.89 -21.79
C LEU B 299 0.72 -30.62 -23.12
N ASN B 300 0.02 -30.12 -24.14
CA ASN B 300 0.03 -30.72 -25.47
C ASN B 300 0.51 -29.69 -26.48
N LYS B 301 1.66 -29.97 -27.09
CA LYS B 301 2.33 -29.06 -28.01
C LYS B 301 2.14 -29.51 -29.46
N ASP B 302 2.09 -28.54 -30.36
CA ASP B 302 2.08 -28.85 -31.78
C ASP B 302 3.50 -29.03 -32.30
N ALA B 303 3.63 -29.37 -33.57
CA ALA B 303 4.95 -29.66 -34.12
C ALA B 303 5.83 -28.41 -34.21
N GLN B 304 5.23 -27.26 -34.49
CA GLN B 304 6.02 -26.04 -34.64
C GLN B 304 6.59 -25.52 -33.33
N SER B 305 6.01 -25.91 -32.20
CA SER B 305 6.55 -25.54 -30.88
C SER B 305 7.68 -26.50 -30.56
N SER B 306 8.88 -26.14 -30.99
CA SER B 306 10.06 -27.00 -30.86
C SER B 306 10.98 -26.60 -29.72
N SER B 307 10.58 -25.63 -28.90
CA SER B 307 11.43 -25.18 -27.82
C SER B 307 11.34 -26.11 -26.61
N ASN B 308 12.27 -25.93 -25.68
CA ASN B 308 12.19 -26.65 -24.42
C ASN B 308 10.91 -26.27 -23.67
N VAL B 309 10.46 -27.18 -22.82
CA VAL B 309 9.22 -26.93 -22.07
C VAL B 309 9.50 -26.06 -20.85
N ALA B 310 10.60 -26.31 -20.15
CA ALA B 310 10.94 -25.55 -18.97
C ALA B 310 12.43 -25.24 -18.99
N GLU B 311 12.78 -24.03 -18.58
CA GLU B 311 14.17 -23.59 -18.47
C GLU B 311 14.35 -22.82 -17.18
N GLY B 312 15.50 -23.01 -16.53
CA GLY B 312 15.77 -22.38 -15.26
C GLY B 312 17.14 -21.76 -15.18
N PRO B 313 17.53 -21.33 -13.97
CA PRO B 313 18.85 -20.71 -13.79
C PRO B 313 20.01 -21.64 -14.10
N SER B 314 19.82 -22.95 -14.01
CA SER B 314 20.88 -23.91 -14.26
C SER B 314 20.88 -24.46 -15.69
N GLY B 315 19.92 -24.04 -16.51
CA GLY B 315 19.82 -24.51 -17.88
C GLY B 315 18.47 -25.16 -18.14
N THR B 316 18.49 -26.21 -18.96
CA THR B 316 17.26 -26.88 -19.35
C THR B 316 16.73 -27.74 -18.21
N ILE B 317 15.42 -27.63 -17.96
CA ILE B 317 14.73 -28.44 -16.96
C ILE B 317 13.91 -29.55 -17.61
N LEU B 318 13.17 -29.23 -18.67
CA LEU B 318 12.42 -30.23 -19.44
C LEU B 318 12.54 -29.87 -20.91
N ASN B 319 13.00 -30.82 -21.72
CA ASN B 319 13.28 -30.55 -23.13
C ASN B 319 11.98 -30.58 -23.94
N ASN B 320 12.10 -30.53 -25.26
CA ASN B 320 10.93 -30.46 -26.14
C ASN B 320 10.26 -31.82 -26.21
N ARG B 321 9.03 -31.91 -25.67
CA ARG B 321 8.19 -33.08 -25.86
C ARG B 321 6.78 -32.58 -26.15
N ALA B 322 6.15 -33.18 -27.16
CA ALA B 322 4.81 -32.76 -27.56
C ALA B 322 3.76 -33.02 -26.48
N HIS B 323 4.03 -33.91 -25.55
CA HIS B 323 3.07 -34.18 -24.49
C HIS B 323 3.80 -34.35 -23.17
N VAL B 324 3.23 -33.73 -22.12
CA VAL B 324 3.75 -33.84 -20.77
C VAL B 324 2.61 -34.33 -19.88
N ASP B 325 2.89 -35.34 -19.07
CA ASP B 325 1.88 -35.88 -18.17
C ASP B 325 1.86 -35.11 -16.87
N THR B 326 2.75 -35.43 -15.91
CA THR B 326 2.77 -34.77 -14.62
C THR B 326 4.22 -34.49 -14.24
N PHE B 327 4.69 -33.28 -14.52
CA PHE B 327 6.06 -32.88 -14.24
C PHE B 327 6.05 -31.74 -13.23
N THR B 328 6.70 -31.96 -12.09
CA THR B 328 6.88 -30.94 -11.07
C THR B 328 8.35 -30.63 -10.90
N TYR B 329 8.63 -29.38 -10.58
CA TYR B 329 9.99 -28.94 -10.29
C TYR B 329 9.89 -27.98 -9.10
N GLY B 330 10.03 -28.53 -7.90
CA GLY B 330 9.90 -27.71 -6.70
C GLY B 330 10.06 -28.56 -5.46
N ASN B 331 9.52 -28.06 -4.35
CA ASN B 331 9.58 -28.79 -3.09
C ASN B 331 8.62 -29.96 -3.14
N THR B 332 9.14 -31.19 -3.14
CA THR B 332 8.30 -32.36 -3.20
C THR B 332 8.52 -33.23 -1.98
N VAL B 333 7.43 -33.78 -1.46
CA VAL B 333 7.48 -34.65 -0.29
C VAL B 333 8.09 -35.99 -0.69
N GLY B 334 9.03 -36.46 0.12
CA GLY B 334 9.63 -37.76 -0.11
C GLY B 334 10.86 -37.76 -1.00
N ARG B 335 11.27 -36.61 -1.53
CA ARG B 335 12.42 -36.54 -2.41
C ARG B 335 13.66 -36.27 -1.58
N ASN B 336 14.78 -36.90 -1.97
CA ASN B 336 15.97 -36.77 -1.12
C ASN B 336 16.64 -35.42 -1.34
N PRO B 337 16.75 -34.92 -2.57
CA PRO B 337 16.78 -33.46 -2.74
C PRO B 337 15.34 -32.95 -2.82
N VAL B 338 14.93 -32.21 -1.80
CA VAL B 338 13.53 -31.79 -1.72
C VAL B 338 13.14 -31.00 -2.97
N TYR B 339 14.00 -30.06 -3.37
CA TYR B 339 13.77 -29.24 -4.56
C TYR B 339 14.34 -29.97 -5.77
N GLY B 340 13.48 -30.36 -6.71
CA GLY B 340 13.93 -31.05 -7.90
C GLY B 340 12.79 -31.52 -8.77
N ASP B 341 13.17 -32.19 -9.86
CA ASP B 341 12.23 -32.64 -10.87
C ASP B 341 11.59 -33.97 -10.49
N THR B 342 10.35 -34.16 -10.93
CA THR B 342 9.63 -35.42 -10.76
C THR B 342 8.68 -35.61 -11.92
N TYR B 343 8.71 -36.78 -12.54
CA TYR B 343 7.82 -37.11 -13.65
C TYR B 343 6.99 -38.33 -13.26
N THR B 344 5.67 -38.18 -13.30
CA THR B 344 4.76 -39.28 -13.05
C THR B 344 3.64 -39.23 -14.08
N THR B 345 2.85 -40.30 -14.12
CA THR B 345 1.68 -40.39 -14.99
C THR B 345 0.47 -40.74 -14.15
N ASN B 346 -0.62 -40.02 -14.36
CA ASN B 346 -1.86 -40.27 -13.62
C ASN B 346 -3.01 -40.30 -14.61
N THR B 347 -3.87 -41.31 -14.48
CA THR B 347 -5.06 -41.43 -15.30
C THR B 347 -6.22 -40.80 -14.55
N ARG B 348 -6.72 -39.68 -15.07
CA ARG B 348 -7.81 -39.00 -14.42
C ARG B 348 -9.10 -39.78 -14.59
N PRO B 349 -9.98 -39.78 -13.59
CA PRO B 349 -11.27 -40.46 -13.73
C PRO B 349 -12.11 -39.80 -14.80
N PRO B 350 -12.77 -40.58 -15.66
CA PRO B 350 -13.58 -39.99 -16.73
C PRO B 350 -14.71 -39.12 -16.21
N ALA B 351 -15.19 -39.37 -14.99
CA ALA B 351 -16.22 -38.51 -14.42
C ALA B 351 -15.66 -37.14 -14.03
N LEU B 352 -14.37 -37.07 -13.69
CA LEU B 352 -13.75 -35.78 -13.35
C LEU B 352 -13.31 -35.05 -14.60
N ALA B 353 -12.65 -35.75 -15.52
CA ALA B 353 -12.07 -35.15 -16.72
C ALA B 353 -12.58 -35.89 -17.94
N PRO B 354 -13.78 -35.54 -18.41
CA PRO B 354 -14.32 -36.18 -19.62
C PRO B 354 -13.45 -35.89 -20.83
N GLY B 355 -12.95 -36.95 -21.46
CA GLY B 355 -12.03 -36.82 -22.57
C GLY B 355 -10.62 -36.50 -22.16
N GLY B 356 -10.28 -36.66 -20.88
CA GLY B 356 -8.96 -36.36 -20.36
C GLY B 356 -8.72 -34.92 -19.94
N LYS B 357 -9.66 -34.02 -20.21
CA LYS B 357 -9.52 -32.60 -19.91
C LYS B 357 -10.50 -32.20 -18.82
N TYR B 358 -10.03 -31.40 -17.86
CA TYR B 358 -10.90 -30.92 -16.81
C TYR B 358 -11.93 -29.94 -17.40
N PRO B 359 -13.15 -29.93 -16.89
CA PRO B 359 -14.19 -29.06 -17.47
C PRO B 359 -13.99 -27.61 -17.05
N VAL B 360 -13.97 -26.73 -18.04
CA VAL B 360 -13.96 -25.28 -17.82
C VAL B 360 -15.08 -24.69 -18.66
N LEU B 361 -15.91 -23.87 -18.05
CA LEU B 361 -17.06 -23.29 -18.72
C LEU B 361 -17.04 -21.77 -18.51
N PRO B 362 -17.28 -20.98 -19.54
CA PRO B 362 -17.42 -19.54 -19.34
C PRO B 362 -18.71 -19.23 -18.60
N ALA B 363 -18.68 -18.15 -17.82
CA ALA B 363 -19.89 -17.70 -17.17
C ALA B 363 -20.91 -17.27 -18.23
N PRO B 364 -22.18 -17.62 -18.07
CA PRO B 364 -23.16 -17.36 -19.13
C PRO B 364 -23.48 -15.88 -19.23
N ASN B 365 -23.34 -15.34 -20.44
CA ASN B 365 -23.71 -13.96 -20.69
C ASN B 365 -25.03 -13.83 -21.45
N TYR B 366 -25.59 -14.95 -21.91
CA TYR B 366 -26.89 -14.97 -22.59
C TYR B 366 -26.93 -13.98 -23.74
N ALA B 367 -25.85 -13.94 -24.52
CA ALA B 367 -25.71 -12.94 -25.57
C ALA B 367 -26.77 -13.10 -26.65
N ALA B 368 -27.23 -14.33 -26.89
CA ALA B 368 -28.23 -14.57 -27.92
C ALA B 368 -29.66 -14.58 -27.38
N ASN B 369 -29.85 -14.41 -26.07
CA ASN B 369 -31.18 -14.44 -25.48
C ASN B 369 -31.76 -13.03 -25.36
N THR B 370 -33.06 -12.92 -25.58
CA THR B 370 -33.81 -11.68 -25.43
C THR B 370 -34.68 -11.75 -24.20
N VAL B 371 -35.40 -10.65 -23.93
CA VAL B 371 -36.22 -10.54 -22.72
C VAL B 371 -37.29 -11.63 -22.69
N ALA B 372 -37.73 -12.10 -23.85
CA ALA B 372 -38.78 -13.12 -23.88
C ALA B 372 -38.31 -14.43 -23.29
N ASP B 373 -37.01 -14.71 -23.33
CA ASP B 373 -36.46 -15.93 -22.74
C ASP B 373 -36.27 -15.83 -21.24
N PHE B 374 -36.62 -14.72 -20.62
CA PHE B 374 -36.38 -14.49 -19.21
C PHE B 374 -37.70 -14.33 -18.46
N ILE B 375 -37.62 -14.50 -17.15
CA ILE B 375 -38.69 -14.15 -16.24
C ILE B 375 -38.12 -13.15 -15.24
N ASN B 376 -38.59 -11.90 -15.32
CA ASN B 376 -38.29 -10.93 -14.27
C ASN B 376 -39.10 -11.29 -13.04
N VAL B 377 -38.43 -11.69 -11.96
CA VAL B 377 -39.13 -12.21 -10.79
C VAL B 377 -40.01 -11.16 -10.13
N LYS B 378 -39.80 -9.88 -10.43
CA LYS B 378 -40.58 -8.81 -9.82
C LYS B 378 -41.78 -8.39 -10.66
N ASP B 379 -41.81 -8.76 -11.94
CA ASP B 379 -42.89 -8.38 -12.83
C ASP B 379 -44.09 -9.30 -12.67
N PRO B 380 -45.25 -8.80 -12.22
CA PRO B 380 -46.42 -9.68 -12.09
C PRO B 380 -46.91 -10.23 -13.42
N ALA B 381 -46.63 -9.53 -14.52
CA ALA B 381 -47.04 -10.02 -15.83
C ALA B 381 -46.22 -11.22 -16.28
N GLN B 382 -45.04 -11.43 -15.68
CA GLN B 382 -44.14 -12.51 -16.09
C GLN B 382 -44.07 -13.66 -15.10
N ASN B 383 -44.24 -13.38 -13.80
CA ASN B 383 -44.01 -14.39 -12.76
C ASN B 383 -45.30 -15.04 -12.27
N GLY B 384 -46.40 -14.88 -12.99
CA GLY B 384 -47.65 -15.49 -12.59
C GLY B 384 -48.55 -14.63 -11.75
N GLY B 385 -48.46 -13.31 -11.89
CA GLY B 385 -49.32 -12.41 -11.12
C GLY B 385 -49.00 -12.38 -9.64
N ARG B 386 -47.71 -12.42 -9.29
CA ARG B 386 -47.27 -12.43 -7.91
C ARG B 386 -46.59 -11.13 -7.54
N THR B 387 -46.77 -10.73 -6.28
CA THR B 387 -46.17 -9.50 -5.77
C THR B 387 -44.83 -9.84 -5.12
N VAL B 388 -43.76 -9.26 -5.65
CA VAL B 388 -42.40 -9.45 -5.15
C VAL B 388 -41.80 -8.07 -4.90
N LEU B 389 -41.23 -7.89 -3.72
CA LEU B 389 -40.71 -6.58 -3.32
C LEU B 389 -39.20 -6.48 -3.45
N GLY B 390 -38.47 -7.42 -2.85
CA GLY B 390 -37.02 -7.33 -2.83
C GLY B 390 -36.50 -6.16 -2.03
N ASP B 391 -37.18 -5.81 -0.93
CA ASP B 391 -36.77 -4.69 -0.09
C ASP B 391 -36.47 -5.11 1.34
N ASN B 392 -36.40 -6.42 1.60
CA ASN B 392 -36.05 -6.95 2.92
C ASN B 392 -37.02 -6.47 4.00
N THR B 393 -38.31 -6.39 3.64
CA THR B 393 -39.35 -5.96 4.57
C THR B 393 -40.33 -7.07 4.93
N LYS B 394 -40.24 -8.24 4.30
CA LYS B 394 -41.15 -9.33 4.60
C LYS B 394 -40.56 -10.64 4.08
N ASP B 395 -41.12 -11.74 4.56
CA ASP B 395 -40.75 -13.06 4.08
C ASP B 395 -41.26 -13.25 2.66
N GLU B 396 -40.38 -13.70 1.77
CA GLU B 396 -40.71 -13.95 0.38
C GLU B 396 -40.29 -15.36 -0.03
N SER B 397 -40.41 -16.30 0.90
CA SER B 397 -39.98 -17.67 0.63
C SER B 397 -40.93 -18.37 -0.33
N LYS B 398 -42.22 -18.41 0.02
CA LYS B 398 -43.18 -19.13 -0.82
C LYS B 398 -43.32 -18.48 -2.19
N VAL B 399 -43.38 -17.15 -2.23
CA VAL B 399 -43.60 -16.48 -3.51
C VAL B 399 -42.39 -16.66 -4.43
N LEU B 400 -41.20 -16.82 -3.88
CA LEU B 400 -40.01 -17.02 -4.71
C LEU B 400 -39.79 -18.48 -5.06
N ASN B 401 -40.18 -19.41 -4.18
CA ASN B 401 -40.14 -20.82 -4.52
C ASN B 401 -41.11 -21.13 -5.66
N GLU B 402 -42.25 -20.44 -5.70
CA GLU B 402 -43.22 -20.69 -6.76
C GLU B 402 -42.77 -20.10 -8.09
N ILE B 403 -42.06 -18.98 -8.05
CA ILE B 403 -41.60 -18.36 -9.29
C ILE B 403 -40.44 -19.15 -9.88
N LEU B 404 -39.57 -19.69 -9.02
CA LEU B 404 -38.45 -20.49 -9.50
C LEU B 404 -38.92 -21.78 -10.14
N GLN B 405 -39.90 -22.45 -9.52
CA GLN B 405 -40.48 -23.64 -10.14
C GLN B 405 -41.18 -23.29 -11.44
N LEU B 406 -41.77 -22.09 -11.51
CA LEU B 406 -42.44 -21.64 -12.73
C LEU B 406 -41.44 -21.43 -13.85
N ALA B 407 -40.32 -20.76 -13.56
CA ALA B 407 -39.34 -20.49 -14.62
C ALA B 407 -38.65 -21.78 -15.06
N ALA B 408 -38.39 -22.71 -14.13
CA ALA B 408 -37.77 -23.96 -14.51
C ALA B 408 -38.71 -24.83 -15.36
N SER B 409 -39.99 -24.92 -14.97
CA SER B 409 -40.93 -25.76 -15.69
C SER B 409 -41.30 -25.19 -17.05
N THR B 410 -41.03 -23.91 -17.29
CA THR B 410 -41.30 -23.28 -18.57
C THR B 410 -40.01 -22.96 -19.32
N ASN B 411 -38.89 -23.50 -18.87
CA ASN B 411 -37.59 -23.37 -19.56
C ASN B 411 -37.17 -21.91 -19.68
N LYS B 412 -37.55 -21.08 -18.71
CA LYS B 412 -37.19 -19.66 -18.69
C LYS B 412 -36.06 -19.38 -17.72
N ILE B 413 -35.25 -18.38 -18.05
CA ILE B 413 -34.20 -17.91 -17.16
C ILE B 413 -34.82 -16.98 -16.12
N ALA B 414 -34.52 -17.21 -14.85
CA ALA B 414 -35.05 -16.40 -13.76
C ALA B 414 -34.09 -15.25 -13.49
N TYR B 415 -34.52 -14.03 -13.78
CA TYR B 415 -33.70 -12.84 -13.59
C TYR B 415 -34.11 -12.13 -12.32
N PHE B 416 -33.17 -12.01 -11.37
CA PHE B 416 -33.42 -11.26 -10.14
C PHE B 416 -32.85 -9.86 -10.29
N PRO B 417 -33.69 -8.82 -10.38
CA PRO B 417 -33.17 -7.45 -10.25
C PRO B 417 -32.59 -7.29 -8.86
N PHE B 418 -31.71 -6.29 -8.72
CA PHE B 418 -31.03 -6.11 -7.44
C PHE B 418 -32.03 -5.86 -6.33
N GLY B 419 -31.70 -6.37 -5.15
CA GLY B 419 -32.53 -6.19 -3.99
C GLY B 419 -32.06 -7.09 -2.88
N LYS B 420 -32.84 -7.09 -1.80
CA LYS B 420 -32.59 -7.99 -0.67
C LYS B 420 -33.90 -8.75 -0.47
N TYR B 421 -33.89 -10.01 -0.86
CA TYR B 421 -35.07 -10.87 -0.81
C TYR B 421 -34.96 -11.73 0.45
N ARG B 422 -35.76 -11.39 1.46
CA ARG B 422 -35.73 -12.11 2.72
C ARG B 422 -36.51 -13.42 2.59
N VAL B 423 -35.92 -14.50 3.07
CA VAL B 423 -36.58 -15.80 3.08
C VAL B 423 -36.57 -16.33 4.51
N ASP B 424 -37.72 -16.80 4.99
CA ASP B 424 -37.84 -17.42 6.29
C ASP B 424 -37.89 -18.95 6.19
N ASP B 425 -37.78 -19.49 4.99
CA ASP B 425 -37.65 -20.92 4.79
C ASP B 425 -36.74 -21.15 3.59
N THR B 426 -36.47 -22.43 3.31
CA THR B 426 -35.55 -22.77 2.25
C THR B 426 -36.07 -22.33 0.90
N LEU B 427 -35.21 -21.71 0.10
CA LEU B 427 -35.51 -21.36 -1.28
C LEU B 427 -34.93 -22.44 -2.18
N LEU B 428 -35.80 -23.28 -2.72
CA LEU B 428 -35.36 -24.40 -3.54
C LEU B 428 -35.07 -23.94 -4.96
N VAL B 429 -33.91 -24.33 -5.47
CA VAL B 429 -33.57 -24.13 -6.88
C VAL B 429 -33.85 -25.44 -7.59
N PRO B 430 -34.95 -25.56 -8.31
CA PRO B 430 -35.40 -26.85 -8.85
C PRO B 430 -34.67 -27.22 -10.14
N ARG B 431 -35.03 -28.39 -10.66
CA ARG B 431 -34.38 -28.90 -11.86
C ARG B 431 -34.70 -28.02 -13.06
N GLY B 432 -33.67 -27.72 -13.84
CA GLY B 432 -33.85 -26.91 -15.03
C GLY B 432 -33.74 -25.42 -14.81
N SER B 433 -33.13 -25.00 -13.72
CA SER B 433 -33.08 -23.60 -13.32
C SER B 433 -31.87 -22.89 -13.91
N ARG B 434 -32.08 -21.68 -14.39
CA ARG B 434 -30.99 -20.78 -14.78
C ARG B 434 -31.27 -19.43 -14.12
N ILE B 435 -30.43 -19.05 -13.15
CA ILE B 435 -30.67 -17.86 -12.35
C ILE B 435 -29.53 -16.89 -12.59
N VAL B 436 -29.86 -15.63 -12.83
CA VAL B 436 -28.88 -14.56 -12.99
C VAL B 436 -29.39 -13.33 -12.24
N GLY B 437 -28.47 -12.61 -11.61
CA GLY B 437 -28.81 -11.45 -10.83
C GLY B 437 -28.28 -10.16 -11.43
N GLU B 438 -28.67 -9.04 -10.82
CA GLU B 438 -28.22 -7.71 -11.22
C GLU B 438 -27.29 -7.19 -10.13
N ALA B 439 -25.99 -7.21 -10.40
CA ALA B 439 -24.97 -6.79 -9.43
C ALA B 439 -25.15 -7.51 -8.10
N TRP B 440 -25.22 -8.84 -8.17
CA TRP B 440 -25.25 -9.72 -7.02
C TRP B 440 -26.49 -9.49 -6.15
N SER B 441 -27.65 -9.71 -6.75
CA SER B 441 -28.91 -9.69 -6.01
C SER B 441 -28.84 -10.66 -4.85
N THR B 442 -29.43 -10.26 -3.72
CA THR B 442 -29.13 -10.88 -2.44
C THR B 442 -30.34 -11.64 -1.90
N ILE B 443 -30.12 -12.92 -1.60
CA ILE B 443 -31.07 -13.73 -0.83
C ILE B 443 -30.57 -13.77 0.61
N THR B 444 -31.40 -13.36 1.56
CA THR B 444 -31.00 -13.30 2.95
C THR B 444 -31.93 -14.17 3.79
N GLY B 445 -31.36 -15.15 4.50
CA GLY B 445 -32.13 -16.00 5.37
C GLY B 445 -32.48 -15.35 6.68
N ASN B 446 -33.52 -15.87 7.33
CA ASN B 446 -34.05 -15.26 8.54
C ASN B 446 -35.03 -16.23 9.19
N GLY B 447 -35.19 -16.11 10.50
CA GLY B 447 -36.27 -16.77 11.21
C GLY B 447 -35.78 -17.91 12.09
N ASP B 448 -36.75 -18.47 12.83
CA ASP B 448 -36.46 -19.56 13.76
C ASP B 448 -36.21 -20.88 13.05
N LYS B 449 -36.58 -20.98 11.77
CA LYS B 449 -36.40 -22.24 11.04
C LYS B 449 -34.93 -22.52 10.73
N PHE B 450 -34.05 -21.52 10.89
CA PHE B 450 -32.62 -21.70 10.70
C PHE B 450 -31.84 -21.62 12.01
N LYS B 451 -32.52 -21.76 13.15
CA LYS B 451 -31.86 -21.58 14.44
C LYS B 451 -31.76 -22.87 15.25
N ASP B 452 -32.16 -24.01 14.69
CA ASP B 452 -32.06 -25.29 15.37
C ASP B 452 -30.87 -26.03 14.77
N GLU B 453 -29.72 -25.96 15.44
CA GLU B 453 -28.51 -26.59 14.95
C GLU B 453 -28.59 -28.10 14.94
N SER B 454 -29.51 -28.68 15.69
CA SER B 454 -29.78 -30.11 15.61
C SER B 454 -30.55 -30.50 14.36
N ASN B 455 -31.11 -29.52 13.65
CA ASN B 455 -31.79 -29.74 12.37
C ASN B 455 -31.40 -28.63 11.41
N PRO B 456 -30.15 -28.62 10.94
CA PRO B 456 -29.72 -27.55 10.04
C PRO B 456 -30.51 -27.56 8.73
N ARG B 457 -30.73 -26.36 8.20
CA ARG B 457 -31.63 -26.17 7.08
C ARG B 457 -30.97 -25.25 6.07
N PRO B 458 -31.01 -25.58 4.78
CA PRO B 458 -30.37 -24.71 3.79
C PRO B 458 -31.17 -23.44 3.54
N VAL B 459 -30.45 -22.33 3.39
CA VAL B 459 -31.07 -21.08 2.99
C VAL B 459 -31.42 -21.12 1.51
N VAL B 460 -30.46 -21.50 0.67
CA VAL B 460 -30.67 -21.76 -0.75
C VAL B 460 -30.31 -23.22 -1.01
N LYS B 461 -31.29 -23.99 -1.48
CA LYS B 461 -31.12 -25.40 -1.78
C LYS B 461 -31.08 -25.57 -3.29
N VAL B 462 -30.00 -26.16 -3.80
CA VAL B 462 -29.84 -26.40 -5.23
C VAL B 462 -30.28 -27.84 -5.47
N GLY B 463 -31.56 -28.02 -5.78
CA GLY B 463 -32.10 -29.32 -6.09
C GLY B 463 -32.34 -30.17 -4.86
N ASN B 464 -33.21 -31.16 -5.03
CA ASN B 464 -33.47 -32.17 -4.00
C ASN B 464 -32.46 -33.30 -4.11
N ALA B 465 -32.48 -34.20 -3.12
CA ALA B 465 -31.55 -35.31 -3.08
C ALA B 465 -31.87 -36.29 -4.21
N GLY B 466 -30.87 -36.57 -5.05
CA GLY B 466 -31.06 -37.47 -6.18
C GLY B 466 -31.46 -36.80 -7.47
N ASP B 467 -31.58 -35.48 -7.49
CA ASP B 467 -31.96 -34.76 -8.70
C ASP B 467 -30.81 -34.74 -9.70
N VAL B 468 -31.15 -34.83 -10.98
CA VAL B 468 -30.19 -34.70 -12.07
C VAL B 468 -30.74 -33.67 -13.03
N GLY B 469 -29.96 -32.64 -13.34
CA GLY B 469 -30.41 -31.62 -14.27
C GLY B 469 -29.54 -30.39 -14.23
N VAL B 470 -30.07 -29.31 -14.80
CA VAL B 470 -29.36 -28.04 -14.93
C VAL B 470 -29.81 -27.11 -13.80
N ALA B 471 -28.84 -26.49 -13.13
CA ALA B 471 -29.12 -25.46 -12.13
C ALA B 471 -27.90 -24.54 -12.13
N GLN B 472 -28.00 -23.46 -12.89
CA GLN B 472 -26.89 -22.54 -13.10
C GLN B 472 -27.22 -21.19 -12.50
N ILE B 473 -26.34 -20.70 -11.63
CA ILE B 473 -26.56 -19.44 -10.92
C ILE B 473 -25.32 -18.58 -11.09
N SER B 474 -25.54 -17.29 -11.35
CA SER B 474 -24.42 -16.37 -11.50
C SER B 474 -24.87 -14.99 -11.06
N ASP B 475 -23.91 -14.20 -10.58
CA ASP B 475 -24.12 -12.81 -10.18
C ASP B 475 -25.17 -12.69 -9.07
N MET B 476 -24.99 -13.48 -8.01
CA MET B 476 -25.92 -13.48 -6.89
C MET B 476 -25.16 -13.39 -5.58
N ARG B 477 -25.89 -13.08 -4.51
CA ARG B 477 -25.33 -13.10 -3.17
C ARG B 477 -26.30 -13.82 -2.25
N ILE B 478 -25.76 -14.65 -1.36
CA ILE B 478 -26.53 -15.33 -0.33
C ILE B 478 -25.93 -14.94 1.02
N THR B 479 -26.79 -14.55 1.96
CA THR B 479 -26.34 -14.12 3.27
C THR B 479 -27.43 -14.41 4.29
N ILE B 480 -27.16 -14.02 5.54
CA ILE B 480 -28.10 -14.20 6.63
C ILE B 480 -28.28 -12.87 7.35
N SER B 481 -29.44 -12.70 7.98
CA SER B 481 -29.76 -11.44 8.65
C SER B 481 -29.75 -11.53 10.16
N ASP B 482 -29.62 -12.73 10.74
CA ASP B 482 -29.60 -12.92 12.18
C ASP B 482 -28.58 -14.00 12.52
N VAL B 483 -28.44 -14.28 13.81
CA VAL B 483 -27.59 -15.38 14.28
C VAL B 483 -28.39 -16.67 14.15
N MET B 484 -27.93 -17.56 13.27
CA MET B 484 -28.70 -18.75 12.88
C MET B 484 -27.81 -19.97 12.94
N PRO B 485 -27.69 -20.59 14.13
CA PRO B 485 -26.75 -21.71 14.28
C PRO B 485 -27.09 -22.94 13.44
N GLY B 486 -28.24 -22.98 12.79
CA GLY B 486 -28.55 -24.13 11.96
C GLY B 486 -28.63 -23.80 10.48
N ALA B 487 -28.07 -22.67 10.06
CA ALA B 487 -28.24 -22.21 8.69
C ALA B 487 -27.12 -22.75 7.82
N ILE B 488 -27.48 -23.45 6.76
CA ILE B 488 -26.59 -23.77 5.66
C ILE B 488 -26.90 -22.79 4.53
N LEU B 489 -25.93 -21.95 4.18
CA LEU B 489 -26.24 -20.84 3.28
C LEU B 489 -26.53 -21.35 1.87
N ILE B 490 -25.79 -22.34 1.39
CA ILE B 490 -26.12 -23.00 0.14
C ILE B 490 -25.79 -24.48 0.25
N GLN B 491 -26.70 -25.32 -0.23
CA GLN B 491 -26.52 -26.77 -0.21
C GLN B 491 -26.77 -27.29 -1.61
N PHE B 492 -25.76 -27.94 -2.18
CA PHE B 492 -25.88 -28.55 -3.51
C PHE B 492 -26.29 -30.00 -3.35
N ASN B 493 -27.46 -30.36 -3.90
CA ASN B 493 -27.88 -31.75 -3.89
C ASN B 493 -27.88 -32.40 -5.26
N MET B 494 -28.17 -31.65 -6.32
CA MET B 494 -28.37 -32.28 -7.61
C MET B 494 -27.05 -32.40 -8.38
N ALA B 495 -27.02 -33.35 -9.30
CA ALA B 495 -25.88 -33.59 -10.17
C ALA B 495 -26.25 -33.26 -11.61
N GLY B 496 -25.25 -32.89 -12.40
CA GLY B 496 -25.46 -32.62 -13.80
C GLY B 496 -25.17 -33.82 -14.68
N SER B 497 -25.77 -33.83 -15.86
CA SER B 497 -25.44 -34.85 -16.85
C SER B 497 -24.03 -34.64 -17.37
N ASN B 498 -23.64 -33.38 -17.56
CA ASN B 498 -22.30 -32.99 -17.91
C ASN B 498 -21.81 -31.99 -16.88
N PRO B 499 -20.51 -31.96 -16.60
CA PRO B 499 -19.99 -31.01 -15.62
C PRO B 499 -20.29 -29.57 -16.03
N GLY B 500 -20.75 -28.78 -15.07
CA GLY B 500 -21.18 -27.43 -15.34
C GLY B 500 -22.68 -27.28 -15.47
N ASP B 501 -23.41 -28.40 -15.58
CA ASP B 501 -24.87 -28.33 -15.60
C ASP B 501 -25.40 -27.76 -14.29
N VAL B 502 -24.86 -28.22 -13.18
CA VAL B 502 -25.08 -27.62 -11.87
C VAL B 502 -23.84 -26.77 -11.58
N ALA B 503 -24.00 -25.45 -11.62
CA ALA B 503 -22.84 -24.57 -11.55
C ALA B 503 -23.19 -23.29 -10.81
N LEU B 504 -22.14 -22.67 -10.25
CA LEU B 504 -22.26 -21.37 -9.59
C LEU B 504 -21.08 -20.51 -10.01
N TRP B 505 -21.36 -19.40 -10.69
CA TRP B 505 -20.33 -18.48 -11.17
C TRP B 505 -20.46 -17.14 -10.46
N ASN B 506 -19.32 -16.50 -10.20
CA ASN B 506 -19.24 -15.05 -9.94
C ASN B 506 -20.21 -14.58 -8.86
N SER B 507 -20.20 -15.26 -7.72
CA SER B 507 -21.14 -14.97 -6.65
C SER B 507 -20.39 -14.75 -5.34
N LEU B 508 -21.16 -14.49 -4.28
CA LEU B 508 -20.63 -14.34 -2.94
C LEU B 508 -21.56 -15.01 -1.95
N ILE B 509 -20.98 -15.60 -0.92
CA ILE B 509 -21.72 -16.10 0.23
C ILE B 509 -21.07 -15.46 1.45
N THR B 510 -21.79 -14.53 2.08
CA THR B 510 -21.21 -13.70 3.13
C THR B 510 -22.00 -13.82 4.42
N ILE B 511 -21.31 -13.63 5.53
CA ILE B 511 -21.93 -13.58 6.85
C ILE B 511 -21.42 -12.32 7.54
N GLY B 512 -22.29 -11.33 7.71
CA GLY B 512 -21.90 -10.09 8.34
C GLY B 512 -21.10 -9.21 7.39
N GLY B 513 -20.80 -8.00 7.87
CA GLY B 513 -20.02 -7.04 7.12
C GLY B 513 -20.81 -6.14 6.19
N THR B 514 -22.10 -6.40 6.01
CA THR B 514 -22.91 -5.64 5.07
C THR B 514 -24.19 -5.17 5.76
N ARG B 515 -24.73 -4.06 5.28
CA ARG B 515 -25.98 -3.55 5.81
C ARG B 515 -27.12 -4.50 5.49
N GLY B 516 -28.14 -4.48 6.33
CA GLY B 516 -29.29 -5.35 6.18
C GLY B 516 -29.36 -6.51 7.14
N ALA B 517 -28.47 -6.57 8.12
CA ALA B 517 -28.42 -7.68 9.06
C ALA B 517 -28.23 -7.15 10.48
N ASN B 518 -29.12 -6.23 10.88
CA ASN B 518 -28.96 -5.54 12.16
C ASN B 518 -28.98 -6.52 13.33
N ALA B 519 -29.88 -7.49 13.31
CA ALA B 519 -29.97 -8.45 14.40
C ALA B 519 -28.69 -9.29 14.49
N LEU B 520 -28.12 -9.67 13.35
CA LEU B 520 -26.89 -10.45 13.37
C LEU B 520 -25.72 -9.60 13.86
N ASN B 521 -25.59 -8.37 13.36
CA ASN B 521 -24.44 -7.54 13.71
C ASN B 521 -24.46 -7.11 15.17
N SER B 522 -25.63 -7.07 15.80
CA SER B 522 -25.74 -6.66 17.20
C SER B 522 -25.36 -7.77 18.17
N LYS B 523 -25.41 -9.03 17.73
CA LYS B 523 -25.16 -10.16 18.61
C LYS B 523 -23.75 -10.71 18.49
N CYS B 524 -22.91 -10.10 17.66
CA CYS B 524 -21.58 -10.63 17.35
C CYS B 524 -20.52 -9.56 17.59
N LYS B 525 -20.55 -8.95 18.78
CA LYS B 525 -19.59 -7.91 19.13
C LYS B 525 -18.76 -8.28 20.35
N ASP B 526 -18.69 -9.56 20.71
CA ASP B 526 -17.94 -10.02 21.87
C ASP B 526 -17.05 -11.18 21.47
N ALA B 527 -15.73 -10.98 21.52
CA ALA B 527 -14.80 -12.03 21.16
C ALA B 527 -14.71 -13.11 22.24
N ARG B 528 -15.22 -12.84 23.44
CA ARG B 528 -15.28 -13.86 24.48
C ARG B 528 -16.44 -14.82 24.26
N ASN B 529 -17.50 -14.36 23.60
CA ASN B 529 -18.65 -15.19 23.28
C ASN B 529 -18.88 -15.03 21.78
N GLU B 530 -18.20 -15.83 20.97
CA GLU B 530 -18.36 -15.73 19.53
C GLU B 530 -19.72 -16.27 19.11
N CYS B 531 -20.44 -15.49 18.30
CA CYS B 531 -21.81 -15.82 17.94
C CYS B 531 -21.84 -16.95 16.93
N LYS B 532 -22.79 -17.88 17.11
CA LYS B 532 -22.96 -19.03 16.22
C LYS B 532 -23.84 -18.61 15.03
N ALA B 533 -23.23 -17.83 14.13
CA ALA B 533 -24.00 -17.19 13.08
C ALA B 533 -24.55 -18.19 12.09
N ALA B 534 -23.79 -19.24 11.78
CA ALA B 534 -24.22 -20.19 10.76
C ALA B 534 -23.60 -21.55 11.04
N PHE B 535 -24.25 -22.59 10.53
CA PHE B 535 -23.76 -23.96 10.63
C PHE B 535 -22.75 -24.25 9.52
N LEU B 536 -23.11 -23.92 8.28
CA LEU B 536 -22.25 -24.15 7.13
C LEU B 536 -22.45 -23.05 6.12
N GLY B 537 -21.38 -22.70 5.42
CA GLY B 537 -21.48 -21.77 4.31
C GLY B 537 -21.93 -22.47 3.04
N MET B 538 -21.24 -23.55 2.66
CA MET B 538 -21.56 -24.35 1.48
C MET B 538 -21.50 -25.82 1.84
N HIS B 539 -22.42 -26.60 1.29
CA HIS B 539 -22.50 -28.03 1.54
C HIS B 539 -22.71 -28.76 0.23
N PHE B 540 -21.91 -29.79 -0.02
CA PHE B 540 -22.03 -30.60 -1.23
C PHE B 540 -22.31 -32.03 -0.77
N THR B 541 -23.57 -32.46 -0.93
CA THR B 541 -24.00 -33.76 -0.44
C THR B 541 -23.45 -34.90 -1.31
N THR B 542 -23.66 -36.13 -0.85
CA THR B 542 -22.98 -37.29 -1.42
C THR B 542 -23.35 -37.51 -2.89
N SER B 543 -24.62 -37.35 -3.23
CA SER B 543 -25.11 -37.60 -4.58
C SER B 543 -25.14 -36.35 -5.45
N SER B 544 -24.39 -35.32 -5.07
CA SER B 544 -24.33 -34.07 -5.84
C SER B 544 -23.09 -34.05 -6.73
N SER B 545 -23.14 -33.18 -7.73
CA SER B 545 -22.00 -32.99 -8.64
C SER B 545 -22.06 -31.55 -9.11
N ALA B 546 -21.31 -30.66 -8.47
CA ALA B 546 -21.47 -29.23 -8.64
C ALA B 546 -20.19 -28.58 -9.19
N TYR B 547 -20.40 -27.53 -9.97
CA TYR B 547 -19.32 -26.75 -10.57
C TYR B 547 -19.32 -25.38 -9.91
N VAL B 548 -18.19 -24.97 -9.34
CA VAL B 548 -18.08 -23.73 -8.60
C VAL B 548 -16.90 -22.95 -9.17
N GLU B 549 -17.15 -21.71 -9.61
CA GLU B 549 -16.09 -20.87 -10.16
C GLU B 549 -16.24 -19.44 -9.64
N ASN B 550 -15.14 -18.88 -9.12
CA ASN B 550 -15.07 -17.48 -8.71
C ASN B 550 -16.17 -17.13 -7.71
N VAL B 551 -16.13 -17.81 -6.56
CA VAL B 551 -17.13 -17.67 -5.52
C VAL B 551 -16.44 -17.32 -4.20
N TRP B 552 -16.96 -16.32 -3.51
CA TRP B 552 -16.40 -15.83 -2.25
C TRP B 552 -17.27 -16.32 -1.11
N ASN B 553 -16.70 -17.19 -0.28
CA ASN B 553 -17.34 -17.68 0.94
C ASN B 553 -16.65 -16.98 2.10
N TRP B 554 -17.34 -16.01 2.71
CA TRP B 554 -16.67 -15.02 3.55
C TRP B 554 -17.47 -14.78 4.82
N VAL B 555 -16.89 -15.14 5.97
CA VAL B 555 -17.33 -14.64 7.26
C VAL B 555 -16.59 -13.33 7.50
N THR B 556 -17.32 -12.29 7.91
CA THR B 556 -16.76 -10.95 7.92
C THR B 556 -15.63 -10.82 8.94
N ASP B 557 -14.60 -10.08 8.54
CA ASP B 557 -13.53 -9.69 9.45
C ASP B 557 -13.58 -8.21 9.80
N HIS B 558 -14.19 -7.38 8.95
CA HIS B 558 -14.33 -5.95 9.19
C HIS B 558 -15.56 -5.45 8.43
N GLY B 559 -16.05 -4.28 8.83
CA GLY B 559 -17.20 -3.70 8.18
C GLY B 559 -16.81 -2.96 6.90
N THR B 560 -17.70 -3.05 5.91
CA THR B 560 -17.41 -2.52 4.58
C THR B 560 -18.25 -1.32 4.19
N GLU B 561 -19.37 -1.06 4.86
CA GLU B 561 -20.34 -0.07 4.39
C GLU B 561 -20.73 0.90 5.51
N ALA B 562 -19.74 1.38 6.26
CA ALA B 562 -19.89 2.49 7.20
C ALA B 562 -21.07 2.26 8.16
N TYR B 563 -20.89 1.27 9.03
CA TYR B 563 -21.93 0.92 9.98
C TYR B 563 -21.27 0.12 11.12
N ASP B 564 -22.01 0.01 12.23
CA ASP B 564 -21.52 -0.69 13.41
C ASP B 564 -21.40 -2.19 13.16
N SER B 565 -20.22 -2.62 12.74
CA SER B 565 -20.02 -3.95 12.19
C SER B 565 -19.46 -4.88 13.25
N GLY B 566 -20.31 -5.80 13.72
CA GLY B 566 -19.84 -6.82 14.65
C GLY B 566 -19.18 -7.93 13.87
N SER B 567 -17.93 -8.27 14.20
CA SER B 567 -17.17 -9.23 13.41
C SER B 567 -16.62 -10.36 14.27
N ASN B 568 -17.17 -10.56 15.47
CA ASN B 568 -16.76 -11.67 16.33
C ASN B 568 -17.73 -12.81 16.09
N ILE B 569 -17.54 -13.48 14.96
CA ILE B 569 -18.48 -14.47 14.44
C ILE B 569 -17.80 -15.83 14.43
N ALA B 570 -18.53 -16.86 14.87
CA ALA B 570 -18.05 -18.24 14.84
C ALA B 570 -19.01 -19.05 14.00
N ALA B 571 -18.80 -19.00 12.68
CA ALA B 571 -19.52 -19.87 11.76
C ALA B 571 -18.77 -21.18 11.66
N LYS B 572 -19.47 -22.29 11.88
CA LYS B 572 -18.80 -23.56 12.15
C LYS B 572 -17.87 -23.96 11.01
N GLY B 573 -18.42 -24.18 9.83
CA GLY B 573 -17.64 -24.66 8.70
C GLY B 573 -17.94 -23.91 7.41
N GLY B 574 -16.90 -23.74 6.60
CA GLY B 574 -17.03 -23.00 5.36
C GLY B 574 -17.62 -23.79 4.21
N ALA B 575 -16.93 -24.84 3.78
CA ALA B 575 -17.37 -25.69 2.68
C ALA B 575 -17.18 -27.14 3.07
N LEU B 576 -18.26 -27.90 3.07
CA LEU B 576 -18.22 -29.32 3.39
C LEU B 576 -18.57 -30.10 2.13
N VAL B 577 -17.60 -30.85 1.61
CA VAL B 577 -17.79 -31.62 0.39
C VAL B 577 -17.86 -33.10 0.76
N GLU B 578 -19.02 -33.71 0.53
CA GLU B 578 -19.21 -35.14 0.74
C GLU B 578 -19.52 -35.88 -0.55
N SER B 579 -19.48 -35.19 -1.70
CA SER B 579 -19.93 -35.77 -2.96
C SER B 579 -18.98 -36.87 -3.42
N THR B 580 -19.56 -37.96 -3.91
CA THR B 580 -18.76 -39.02 -4.50
C THR B 580 -18.76 -38.97 -6.02
N ARG B 581 -19.53 -38.06 -6.61
CA ARG B 581 -19.47 -37.82 -8.04
C ARG B 581 -18.50 -36.67 -8.28
N GLY B 582 -18.51 -36.11 -9.48
CA GLY B 582 -17.57 -35.04 -9.80
C GLY B 582 -17.86 -33.77 -9.02
N THR B 583 -16.79 -33.11 -8.57
CA THR B 583 -16.90 -31.82 -7.91
C THR B 583 -15.69 -30.98 -8.30
N TRP B 584 -15.94 -29.80 -8.87
CA TRP B 584 -14.88 -28.92 -9.39
C TRP B 584 -14.97 -27.55 -8.73
N LEU B 585 -13.87 -27.11 -8.13
CA LEU B 585 -13.82 -25.83 -7.43
C LEU B 585 -12.73 -24.98 -8.08
N HIS B 586 -13.15 -24.05 -8.93
CA HIS B 586 -12.24 -23.15 -9.64
C HIS B 586 -12.22 -21.81 -8.90
N ALA B 587 -11.17 -21.60 -8.11
CA ALA B 587 -10.99 -20.36 -7.34
C ALA B 587 -12.19 -20.15 -6.41
N LEU B 588 -12.25 -21.00 -5.40
CA LEU B 588 -13.19 -20.86 -4.30
C LEU B 588 -12.46 -20.20 -3.14
N GLY B 589 -12.96 -19.04 -2.70
CA GLY B 589 -12.44 -18.39 -1.52
C GLY B 589 -13.33 -18.70 -0.32
N SER B 590 -12.74 -19.36 0.68
CA SER B 590 -13.42 -19.73 1.92
C SER B 590 -12.63 -19.12 3.09
N GLU B 591 -13.21 -18.12 3.76
CA GLU B 591 -12.45 -17.28 4.69
C GLU B 591 -13.15 -17.12 6.04
N HIS B 592 -12.36 -17.26 7.10
CA HIS B 592 -12.71 -16.81 8.46
C HIS B 592 -13.80 -17.66 9.10
N TYR B 593 -13.91 -18.93 8.73
CA TYR B 593 -14.81 -19.83 9.43
C TYR B 593 -14.09 -20.45 10.63
N TRP B 594 -14.89 -20.99 11.55
CA TRP B 594 -14.35 -21.34 12.87
C TRP B 594 -13.50 -22.61 12.82
N LEU B 595 -14.10 -23.74 12.43
CA LEU B 595 -13.40 -25.01 12.50
C LEU B 595 -12.57 -25.30 11.26
N TYR B 596 -13.03 -24.87 10.09
CA TYR B 596 -12.31 -25.15 8.85
C TYR B 596 -12.85 -24.25 7.75
N GLN B 597 -12.04 -24.08 6.71
CA GLN B 597 -12.48 -23.39 5.51
C GLN B 597 -12.97 -24.34 4.43
N LEU B 598 -12.32 -25.49 4.27
CA LEU B 598 -12.72 -26.50 3.29
C LEU B 598 -12.54 -27.88 3.91
N ASN B 599 -13.62 -28.66 3.93
CA ASN B 599 -13.60 -30.00 4.52
C ASN B 599 -14.03 -31.01 3.46
N LEU B 600 -13.13 -31.94 3.16
CA LEU B 600 -13.44 -33.03 2.24
C LEU B 600 -13.71 -34.27 3.07
N ARG B 601 -15.00 -34.60 3.22
CA ARG B 601 -15.45 -35.66 4.12
C ARG B 601 -15.83 -36.88 3.28
N LYS B 602 -14.90 -37.82 3.13
CA LYS B 602 -15.12 -39.06 2.38
C LYS B 602 -15.63 -38.77 0.96
N ALA B 603 -15.10 -37.70 0.37
CA ALA B 603 -15.49 -37.32 -0.98
C ALA B 603 -14.72 -38.11 -2.02
N SER B 604 -15.32 -38.27 -3.19
CA SER B 604 -14.72 -39.00 -4.29
C SER B 604 -14.77 -38.15 -5.54
N ASN B 605 -13.68 -38.13 -6.29
CA ASN B 605 -13.58 -37.38 -7.53
C ASN B 605 -13.80 -35.90 -7.29
N VAL B 606 -12.76 -35.23 -6.81
CA VAL B 606 -12.79 -33.80 -6.48
C VAL B 606 -11.61 -33.14 -7.18
N MET B 607 -11.89 -32.07 -7.91
CA MET B 607 -10.84 -31.29 -8.57
C MET B 607 -10.91 -29.85 -8.09
N ILE B 608 -9.77 -29.34 -7.62
CA ILE B 608 -9.65 -27.98 -7.11
C ILE B 608 -8.49 -27.31 -7.84
N SER B 609 -8.81 -26.34 -8.70
CA SER B 609 -7.75 -25.62 -9.40
C SER B 609 -7.15 -24.50 -8.56
N LEU B 610 -7.93 -23.92 -7.65
CA LEU B 610 -7.40 -22.95 -6.69
C LEU B 610 -8.35 -22.85 -5.50
N LEU B 611 -7.79 -22.96 -4.30
CA LEU B 611 -8.51 -22.69 -3.05
C LEU B 611 -7.82 -21.54 -2.34
N GLN B 612 -8.55 -20.46 -2.11
CA GLN B 612 -8.08 -19.32 -1.35
C GLN B 612 -8.76 -19.33 0.01
N SER B 613 -7.97 -19.25 1.08
CA SER B 613 -8.53 -19.33 2.42
C SER B 613 -7.74 -18.44 3.37
N GLU B 614 -8.36 -18.12 4.50
CA GLU B 614 -7.74 -17.35 5.57
C GLU B 614 -8.30 -17.80 6.90
N THR B 615 -7.43 -18.03 7.87
CA THR B 615 -7.86 -18.37 9.22
C THR B 615 -8.61 -17.19 9.84
N ASN B 616 -9.56 -17.50 10.71
CA ASN B 616 -10.29 -16.46 11.43
C ASN B 616 -9.32 -15.59 12.22
N TYR B 617 -9.52 -14.27 12.15
CA TYR B 617 -8.56 -13.31 12.71
C TYR B 617 -8.52 -13.36 14.23
N ASP B 618 -9.63 -13.72 14.87
CA ASP B 618 -9.64 -13.76 16.33
C ASP B 618 -8.86 -14.92 16.90
N GLN B 619 -8.43 -15.87 16.07
CA GLN B 619 -7.79 -17.09 16.54
C GLN B 619 -6.27 -16.93 16.62
N GLY B 620 -5.65 -17.74 17.45
CA GLY B 620 -4.22 -17.70 17.64
C GLY B 620 -3.88 -17.85 19.10
N ASP B 621 -2.67 -17.39 19.45
CA ASP B 621 -2.22 -17.51 20.84
C ASP B 621 -3.10 -16.68 21.78
N ASN B 622 -3.48 -15.48 21.34
CA ASN B 622 -4.24 -14.55 22.14
C ASN B 622 -5.73 -14.60 21.84
N VAL B 623 -6.26 -15.78 21.49
CA VAL B 623 -7.69 -15.93 21.27
C VAL B 623 -8.42 -15.86 22.61
N GLN B 624 -9.64 -15.34 22.58
CA GLN B 624 -10.44 -15.24 23.80
C GLN B 624 -11.42 -16.38 23.98
N GLN B 625 -11.73 -17.13 22.91
CA GLN B 625 -12.54 -18.33 23.00
C GLN B 625 -11.87 -19.41 22.18
N ALA B 626 -11.32 -20.42 22.85
CA ALA B 626 -10.54 -21.44 22.17
C ALA B 626 -11.46 -22.37 21.38
N PRO B 627 -11.22 -22.54 20.07
CA PRO B 627 -11.97 -23.55 19.34
C PRO B 627 -11.78 -24.91 19.96
N PRO B 628 -12.78 -25.81 19.81
CA PRO B 628 -13.98 -25.69 18.98
C PRO B 628 -15.09 -24.84 19.59
N ALA B 629 -14.92 -24.34 20.82
CA ALA B 629 -15.95 -23.51 21.41
C ALA B 629 -16.18 -22.28 20.55
N PRO B 630 -17.43 -21.80 20.44
CA PRO B 630 -18.64 -22.24 21.13
C PRO B 630 -19.32 -23.47 20.53
N TRP B 631 -18.64 -24.18 19.64
CA TRP B 631 -19.23 -25.32 18.96
C TRP B 631 -18.80 -26.63 19.61
N THR B 632 -19.75 -27.54 19.74
CA THR B 632 -19.46 -28.91 20.12
C THR B 632 -19.28 -29.72 18.84
N PRO B 633 -18.09 -30.27 18.58
CA PRO B 633 -17.86 -30.93 17.29
C PRO B 633 -18.65 -32.22 17.17
N ASN B 634 -19.21 -32.45 15.98
CA ASN B 634 -19.96 -33.66 15.64
C ASN B 634 -19.12 -34.41 14.61
N VAL B 635 -18.24 -35.28 15.10
CA VAL B 635 -17.37 -36.05 14.21
C VAL B 635 -18.18 -37.12 13.46
N THR B 636 -19.08 -37.79 14.17
CA THR B 636 -19.81 -38.90 13.59
C THR B 636 -20.86 -38.43 12.60
N GLY B 637 -21.56 -37.34 12.93
CA GLY B 637 -22.67 -36.89 12.12
C GLY B 637 -22.30 -35.95 10.99
N TRP B 638 -21.26 -35.12 11.20
CA TRP B 638 -20.91 -34.10 10.23
C TRP B 638 -19.43 -34.02 9.89
N GLY B 639 -18.60 -34.87 10.48
CA GLY B 639 -17.19 -34.91 10.12
C GLY B 639 -16.38 -33.72 10.56
N ASP B 640 -16.78 -33.06 11.65
CA ASP B 640 -16.01 -31.94 12.17
C ASP B 640 -14.73 -32.44 12.82
N PRO B 641 -13.65 -31.66 12.74
CA PRO B 641 -12.49 -31.92 13.60
C PRO B 641 -12.78 -31.46 15.03
N ASP B 642 -12.51 -32.33 15.99
CA ASP B 642 -12.81 -32.01 17.38
C ASP B 642 -11.64 -31.39 18.12
N PHE B 643 -10.47 -31.32 17.48
CA PHE B 643 -9.25 -30.76 18.07
C PHE B 643 -8.88 -31.45 19.38
N SER B 644 -9.25 -32.73 19.50
CA SER B 644 -8.91 -33.51 20.68
C SER B 644 -7.42 -33.79 20.79
N TRP B 645 -6.66 -33.55 19.73
CA TRP B 645 -5.22 -33.75 19.76
C TRP B 645 -4.48 -32.58 20.40
N CYS B 646 -5.15 -31.44 20.57
CA CYS B 646 -4.54 -30.28 21.20
C CYS B 646 -4.83 -30.27 22.69
N GLY B 647 -3.89 -29.74 23.45
CA GLY B 647 -4.14 -29.42 24.84
C GLY B 647 -5.25 -28.38 24.92
N PRO B 648 -6.09 -28.47 25.95
CA PRO B 648 -7.25 -27.58 26.04
C PRO B 648 -6.90 -26.10 26.04
N ASN B 649 -5.66 -25.74 26.36
CA ASN B 649 -5.23 -24.34 26.32
C ASN B 649 -4.09 -24.11 25.34
N ASP B 650 -3.77 -25.10 24.50
CA ASP B 650 -2.85 -24.91 23.38
C ASP B 650 -3.64 -24.21 22.28
N THR B 651 -3.53 -22.89 22.22
CA THR B 651 -4.40 -22.13 21.34
C THR B 651 -3.83 -21.95 19.94
N ARG B 652 -2.53 -22.17 19.73
CA ARG B 652 -2.02 -22.18 18.37
C ARG B 652 -2.42 -23.45 17.64
N CYS B 653 -2.66 -24.54 18.38
CA CYS B 653 -3.11 -25.79 17.81
C CYS B 653 -4.60 -25.76 17.50
N ARG B 654 -5.39 -25.03 18.28
CA ARG B 654 -6.84 -24.98 18.09
C ARG B 654 -7.19 -23.79 17.20
N MET B 655 -6.75 -23.88 15.95
CA MET B 655 -7.05 -22.88 14.93
C MET B 655 -7.70 -23.58 13.74
N GLY B 656 -8.50 -22.81 13.00
CA GLY B 656 -9.25 -23.40 11.90
C GLY B 656 -8.35 -23.85 10.76
N PHE B 657 -8.67 -25.03 10.23
CA PHE B 657 -7.93 -25.59 9.10
C PHE B 657 -8.34 -24.93 7.79
N SER B 658 -7.36 -24.78 6.90
CA SER B 658 -7.67 -24.39 5.53
C SER B 658 -8.04 -25.60 4.67
N ASN B 659 -7.22 -26.65 4.75
CA ASN B 659 -7.48 -27.91 4.04
C ASN B 659 -7.58 -29.00 5.09
N TYR B 660 -8.78 -29.58 5.23
CA TYR B 660 -9.02 -30.70 6.12
C TYR B 660 -9.53 -31.85 5.25
N ILE B 661 -8.61 -32.68 4.78
CA ILE B 661 -8.92 -33.78 3.88
C ILE B 661 -9.06 -35.07 4.71
N ASN B 662 -10.24 -35.69 4.65
CA ASN B 662 -10.58 -36.81 5.51
C ASN B 662 -11.04 -38.00 4.65
N GLY B 663 -10.10 -38.83 4.23
CA GLY B 663 -10.47 -40.03 3.50
C GLY B 663 -10.95 -39.75 2.07
N GLY B 664 -11.68 -40.73 1.54
CA GLY B 664 -12.22 -40.62 0.19
C GLY B 664 -11.23 -41.12 -0.85
N SER B 665 -11.42 -40.65 -2.09
CA SER B 665 -10.57 -41.07 -3.19
C SER B 665 -10.63 -40.05 -4.33
N ASN B 666 -9.65 -40.14 -5.23
CA ASN B 666 -9.59 -39.32 -6.44
C ASN B 666 -9.72 -37.83 -6.11
N ILE B 667 -8.79 -37.36 -5.28
CA ILE B 667 -8.76 -35.96 -4.87
C ILE B 667 -7.60 -35.29 -5.57
N TYR B 668 -7.90 -34.31 -6.40
CA TYR B 668 -6.90 -33.55 -7.14
C TYR B 668 -6.99 -32.10 -6.72
N THR B 669 -5.99 -31.61 -5.99
CA THR B 669 -5.90 -30.21 -5.66
C THR B 669 -4.63 -29.64 -6.25
N TYR B 670 -4.76 -28.55 -6.99
CA TYR B 670 -3.67 -28.02 -7.79
C TYR B 670 -3.12 -26.69 -7.28
N ALA B 671 -3.78 -26.06 -6.31
CA ALA B 671 -3.30 -24.80 -5.75
C ALA B 671 -4.06 -24.47 -4.47
N SER B 672 -3.34 -24.18 -3.40
CA SER B 672 -3.94 -23.82 -2.11
C SER B 672 -3.30 -22.53 -1.64
N ALA B 673 -4.05 -21.44 -1.65
CA ALA B 673 -3.58 -20.14 -1.15
C ALA B 673 -4.21 -19.91 0.22
N SER B 674 -3.48 -20.32 1.27
CA SER B 674 -4.02 -20.35 2.63
C SER B 674 -3.17 -19.49 3.56
N TRP B 675 -3.74 -18.40 4.07
CA TRP B 675 -2.96 -17.41 4.81
C TRP B 675 -3.45 -17.25 6.25
N ALA B 676 -2.50 -17.21 7.17
CA ALA B 676 -2.76 -16.84 8.56
C ALA B 676 -1.98 -15.57 8.85
N PHE B 677 -2.64 -14.60 9.49
CA PHE B 677 -2.04 -13.28 9.67
C PHE B 677 -1.88 -12.85 11.13
N PHE B 678 -2.86 -13.11 11.99
CA PHE B 678 -2.89 -12.55 13.33
C PHE B 678 -3.01 -13.64 14.37
N SER B 679 -2.70 -13.27 15.62
CA SER B 679 -2.67 -14.21 16.73
C SER B 679 -3.78 -13.96 17.75
N GLY B 680 -4.70 -13.05 17.45
CA GLY B 680 -5.77 -12.77 18.37
C GLY B 680 -6.55 -11.53 17.95
N PRO B 681 -7.62 -11.23 18.68
CA PRO B 681 -8.43 -10.05 18.33
C PRO B 681 -7.62 -8.77 18.47
N GLY B 682 -7.88 -7.83 17.55
CA GLY B 682 -7.14 -6.59 17.52
C GLY B 682 -5.98 -6.55 16.56
N TYR B 683 -5.91 -7.47 15.60
CA TYR B 683 -4.82 -7.52 14.63
C TYR B 683 -3.46 -7.68 15.31
N GLN B 684 -3.42 -8.52 16.34
CA GLN B 684 -2.17 -8.73 17.07
C GLN B 684 -1.17 -9.49 16.22
N ASN B 685 0.10 -9.09 16.30
CA ASN B 685 1.14 -9.77 15.56
C ASN B 685 1.35 -11.17 16.12
N CYS B 686 1.95 -12.03 15.31
CA CYS B 686 2.28 -13.39 15.73
C CYS B 686 3.68 -13.46 16.31
N ALA B 687 3.96 -14.59 16.98
CA ALA B 687 5.24 -14.77 17.66
C ALA B 687 6.41 -14.77 16.70
N GLY B 688 6.21 -15.34 15.50
CA GLY B 688 7.31 -15.44 14.55
C GLY B 688 6.80 -15.51 13.13
N GLU B 689 7.77 -15.63 12.20
CA GLU B 689 7.45 -15.71 10.78
C GLU B 689 6.59 -16.91 10.46
N PHE B 690 6.83 -18.03 11.13
CA PHE B 690 6.10 -19.28 10.97
C PHE B 690 5.42 -19.67 12.26
N ALA B 691 4.90 -18.70 13.01
CA ALA B 691 4.36 -18.98 14.33
C ALA B 691 2.93 -18.49 14.53
N CYS B 692 2.25 -18.08 13.46
CA CYS B 692 0.83 -17.75 13.59
C CYS B 692 0.00 -18.99 13.87
N GLN B 693 0.28 -20.08 13.15
CA GLN B 693 -0.51 -21.30 13.23
C GLN B 693 0.43 -22.49 13.29
N ASN B 694 -0.12 -23.64 13.70
CA ASN B 694 0.60 -24.91 13.66
C ASN B 694 0.32 -25.69 12.37
N HIS B 695 -0.95 -25.86 12.03
CA HIS B 695 -1.38 -26.68 10.90
C HIS B 695 -2.41 -25.92 10.08
N LEU B 696 -2.05 -25.55 8.85
CA LEU B 696 -3.02 -24.98 7.94
C LEU B 696 -3.64 -26.05 7.04
N HIS B 697 -2.84 -27.06 6.66
CA HIS B 697 -3.27 -28.13 5.75
C HIS B 697 -3.11 -29.48 6.46
N TRP B 698 -4.21 -30.21 6.57
CA TRP B 698 -4.28 -31.36 7.47
C TRP B 698 -4.99 -32.51 6.78
N ILE B 699 -4.34 -33.68 6.73
CA ILE B 699 -4.93 -34.89 6.18
C ILE B 699 -5.27 -35.80 7.36
N GLU B 700 -6.56 -36.03 7.59
CA GLU B 700 -6.95 -36.87 8.71
C GLU B 700 -6.91 -38.34 8.33
N GLN B 701 -7.47 -38.69 7.18
CA GLN B 701 -7.40 -40.04 6.65
C GLN B 701 -6.92 -39.95 5.20
N ALA B 702 -5.89 -40.72 4.87
CA ALA B 702 -5.28 -40.64 3.55
C ALA B 702 -6.24 -41.17 2.49
N PRO B 703 -6.59 -40.39 1.49
CA PRO B 703 -7.45 -40.88 0.42
C PRO B 703 -6.66 -41.74 -0.56
N THR B 704 -7.41 -42.60 -1.27
CA THR B 704 -6.83 -43.39 -2.34
C THR B 704 -6.77 -42.54 -3.60
N ASN B 705 -5.60 -42.51 -4.24
CA ASN B 705 -5.36 -41.64 -5.39
C ASN B 705 -5.56 -40.19 -4.99
N LEU B 706 -4.61 -39.70 -4.19
CA LEU B 706 -4.54 -38.30 -3.78
C LEU B 706 -3.40 -37.64 -4.54
N GLN B 707 -3.72 -36.59 -5.29
CA GLN B 707 -2.74 -35.83 -6.04
C GLN B 707 -2.80 -34.38 -5.60
N ALA B 708 -1.83 -33.94 -4.81
CA ALA B 708 -1.81 -32.61 -4.23
C ALA B 708 -0.63 -31.82 -4.77
N PHE B 709 -0.89 -30.58 -5.19
CA PHE B 709 0.17 -29.70 -5.68
C PHE B 709 -0.08 -28.29 -5.18
N GLY B 710 1.00 -27.52 -5.06
CA GLY B 710 0.89 -26.11 -4.75
C GLY B 710 0.19 -25.80 -3.45
N ILE B 711 0.48 -26.56 -2.41
CA ILE B 711 -0.12 -26.33 -1.10
C ILE B 711 0.66 -25.21 -0.42
N CYS B 712 0.21 -23.97 -0.60
CA CYS B 712 0.90 -22.81 -0.06
C CYS B 712 0.26 -22.38 1.25
N GLY B 713 1.10 -21.86 2.15
CA GLY B 713 0.65 -21.41 3.45
C GLY B 713 1.46 -20.20 3.88
N LYS B 714 0.96 -19.53 4.92
CA LYS B 714 1.66 -18.39 5.51
C LYS B 714 1.60 -18.47 7.02
N GLY B 715 2.75 -18.28 7.66
CA GLY B 715 2.81 -18.16 9.10
C GLY B 715 2.44 -19.40 9.87
N SER B 716 2.46 -20.58 9.27
CA SER B 716 2.19 -21.81 9.98
C SER B 716 3.48 -22.60 10.13
N TRP B 717 3.63 -23.24 11.29
CA TRP B 717 4.83 -24.02 11.56
C TRP B 717 4.94 -25.21 10.61
N ALA B 718 3.84 -25.91 10.37
CA ALA B 718 3.84 -27.05 9.48
C ALA B 718 3.27 -26.68 8.13
N ALA B 719 3.89 -27.18 7.07
CA ALA B 719 3.37 -26.98 5.73
C ALA B 719 2.27 -27.99 5.38
N LEU B 720 2.27 -29.15 6.01
CA LEU B 720 1.30 -30.21 5.76
C LEU B 720 1.42 -31.26 6.84
N ARG B 721 0.28 -31.81 7.26
CA ARG B 721 0.24 -32.90 8.23
C ARG B 721 -0.36 -34.13 7.57
N LEU B 722 0.31 -35.28 7.71
CA LEU B 722 -0.10 -36.50 7.05
C LEU B 722 -0.97 -37.36 7.95
N ALA B 723 -1.66 -38.32 7.35
CA ALA B 723 -2.68 -39.09 8.07
C ALA B 723 -2.07 -39.83 9.25
N GLY B 724 -0.88 -40.40 9.09
CA GLY B 724 -0.28 -41.12 10.20
C GLY B 724 0.14 -40.25 11.37
N GLY B 725 0.05 -38.93 11.23
CA GLY B 725 0.51 -38.01 12.26
C GLY B 725 1.86 -37.38 11.98
N ASN B 726 2.55 -37.82 10.93
CA ASN B 726 3.81 -37.19 10.54
C ASN B 726 3.54 -35.76 10.08
N VAL B 727 4.50 -34.88 10.37
CA VAL B 727 4.37 -33.46 10.07
C VAL B 727 5.51 -33.06 9.16
N ILE B 728 5.17 -32.35 8.08
CA ILE B 728 6.16 -31.81 7.16
C ILE B 728 6.35 -30.35 7.54
N THR B 729 7.48 -30.07 8.20
CA THR B 729 7.75 -28.72 8.68
C THR B 729 8.05 -27.77 7.53
N SER B 730 7.59 -26.52 7.69
CA SER B 730 7.84 -25.50 6.68
C SER B 730 9.32 -25.19 6.55
N GLU B 731 10.06 -25.25 7.65
CA GLU B 731 11.50 -25.02 7.60
C GLU B 731 12.23 -26.32 7.89
N PRO B 732 13.37 -26.56 7.24
CA PRO B 732 14.08 -25.69 6.29
C PRO B 732 13.79 -25.96 4.81
N ASP B 733 13.09 -27.04 4.44
CA ASP B 733 13.05 -27.48 3.04
C ASP B 733 11.73 -27.18 2.35
N PHE B 734 10.74 -26.66 3.05
CA PHE B 734 9.48 -26.39 2.37
C PHE B 734 9.11 -24.91 2.43
N LYS B 735 10.08 -24.04 2.19
CA LYS B 735 9.82 -22.61 2.13
C LYS B 735 9.51 -22.22 0.70
N GLY B 736 8.71 -21.19 0.55
CA GLY B 736 8.36 -20.67 -0.76
C GLY B 736 6.99 -20.05 -0.75
N GLY B 737 6.69 -19.36 -1.82
CA GLY B 737 5.36 -18.77 -1.96
C GLY B 737 5.29 -17.37 -1.35
N TRP B 738 4.59 -17.25 -0.22
CA TRP B 738 4.37 -15.96 0.41
C TRP B 738 5.69 -15.31 0.80
N ASN B 739 5.91 -14.10 0.29
CA ASN B 739 7.15 -13.35 0.56
C ASN B 739 8.39 -14.17 0.16
N GLY B 740 8.26 -14.93 -0.93
CA GLY B 740 9.37 -15.72 -1.43
C GLY B 740 9.87 -16.78 -0.48
N GLY B 741 9.10 -17.10 0.56
CA GLY B 741 9.54 -18.02 1.59
C GLY B 741 9.74 -17.37 2.95
N GLY B 742 9.73 -16.04 3.02
CA GLY B 742 9.85 -15.35 4.30
C GLY B 742 8.58 -15.44 5.11
N GLY B 743 8.33 -16.60 5.71
CA GLY B 743 7.07 -16.87 6.37
C GLY B 743 6.07 -17.61 5.52
N GLY B 744 6.44 -18.03 4.32
CA GLY B 744 5.55 -18.71 3.39
C GLY B 744 5.92 -20.18 3.27
N SER B 745 4.90 -21.01 3.19
CA SER B 745 5.03 -22.45 2.99
C SER B 745 4.77 -22.81 1.53
N LEU B 746 5.37 -23.91 1.09
CA LEU B 746 5.14 -24.39 -0.29
C LEU B 746 5.40 -25.89 -0.33
N VAL B 747 4.33 -26.67 -0.44
CA VAL B 747 4.41 -28.10 -0.72
C VAL B 747 4.14 -28.24 -2.21
N GLY B 748 5.20 -28.32 -3.02
CA GLY B 748 5.03 -28.31 -4.46
C GLY B 748 4.45 -29.59 -5.01
N ARG B 749 4.67 -30.72 -4.33
CA ARG B 749 4.17 -32.00 -4.83
C ARG B 749 4.04 -32.96 -3.65
N TYR B 750 2.82 -33.47 -3.42
CA TYR B 750 2.62 -34.59 -2.50
C TYR B 750 1.73 -35.58 -3.24
N THR B 751 2.34 -36.61 -3.82
CA THR B 751 1.63 -37.62 -4.60
C THR B 751 1.98 -39.01 -4.06
N PRO B 752 1.33 -39.42 -2.95
CA PRO B 752 1.62 -40.72 -2.33
C PRO B 752 1.14 -41.91 -3.14
C1 GOL C . 14.23 4.45 1.93
O1 GOL C . 13.19 4.75 1.08
C2 GOL C . 13.94 5.05 3.31
O2 GOL C . 14.93 5.94 3.69
C3 GOL C . 12.54 5.72 3.20
O3 GOL C . 11.91 5.61 4.45
C1 GOL D . 1.65 2.66 10.68
O1 GOL D . 2.75 2.16 9.99
C2 GOL D . 2.20 3.43 11.88
O2 GOL D . 3.04 4.47 11.47
C3 GOL D . 0.94 3.93 12.61
O3 GOL D . 1.10 3.64 13.96
C1 GOL E . -8.52 -11.70 1.40
O1 GOL E . -7.15 -11.96 1.58
C2 GOL E . -8.97 -10.63 2.42
O2 GOL E . -8.46 -9.39 2.07
C3 GOL E . -10.54 -10.69 2.39
O3 GOL E . -11.01 -10.39 3.68
#